data_3E85
# 
_entry.id   3E85 
# 
_audit_conform.dict_name       mmcif_pdbx.dic 
_audit_conform.dict_version    5.377 
_audit_conform.dict_location   http://mmcif.pdb.org/dictionaries/ascii/mmcif_pdbx.dic 
# 
loop_
_database_2.database_id 
_database_2.database_code 
_database_2.pdbx_database_accession 
_database_2.pdbx_DOI 
PDB   3E85         pdb_00003e85 10.2210/pdb3e85/pdb 
RCSB  RCSB048995   ?            ?                   
WWPDB D_1000048995 ?            ?                   
# 
loop_
_pdbx_database_related.db_name 
_pdbx_database_related.db_id 
_pdbx_database_related.details 
_pdbx_database_related.content_type 
PDB 2QIM 'Crystal Structure of Pathogenesis-related Protein LlPR-10.2B from yellow lupine in complex with Cytokinin' unspecified 
PDB 1XDF 'Crystal structure of pathogenesis-related protein LlPR-10.2A from yellow lupine'                           unspecified 
PDB 1ICX 'CRYSTAL STRUCTURE OF PATHOGENESIS-RELATED PROTEIN LLPR10.1A FROM YELLOW LUPINE'                            unspecified 
PDB 1IFV 'CRYSTAL STRUCTURE OF PATHOGENESIS-RELATED PROTEIN LLPR10.1B FROM YELLOW LUPINE'                            unspecified 
PDB 2FLH 'Crystal structure of cytokinin-specific binding protein from mung bean in complex with cytokinin'          unspecified 
PDB 1BV1 'BIRCH POLLEN ALLERGEN BET V 1'                                                                             unspecified 
# 
_pdbx_database_status.status_code                     REL 
_pdbx_database_status.entry_id                        3E85 
_pdbx_database_status.recvd_initial_deposition_date   2008-08-19 
_pdbx_database_status.deposit_site                    RCSB 
_pdbx_database_status.process_site                    RCSB 
_pdbx_database_status.status_code_sf                  REL 
_pdbx_database_status.status_code_mr                  ? 
_pdbx_database_status.SG_entry                        . 
_pdbx_database_status.pdb_format_compatible           Y 
_pdbx_database_status.status_code_cs                  ? 
_pdbx_database_status.status_code_nmr_data            ? 
_pdbx_database_status.methods_development_category    ? 
# 
loop_
_audit_author.name 
_audit_author.pdbx_ordinal 
_audit_author.identifier_ORCID 
'Fernandes, H.C.' 1 ? 
'Bujacz, G.'      2 ? 
'Bujacz, A.'      3 ? 
'Sikorski, M.M.'  4 ? 
'Jaskolski, M.'   5 ? 
# 
loop_
_citation.id 
_citation.title 
_citation.journal_abbrev 
_citation.journal_volume 
_citation.page_first 
_citation.page_last 
_citation.year 
_citation.journal_id_ASTM 
_citation.country 
_citation.journal_id_ISSN 
_citation.journal_id_CSD 
_citation.book_publisher 
_citation.pdbx_database_id_PubMed 
_citation.pdbx_database_id_DOI 
primary 'Cytokinin-induced structural adaptability of a Lupinus luteus PR-10 protein.' 'Febs J.'                  276 1596 1609 
2009 ?      UK 1742-464X ?    ? 19220853 10.1111/j.1742-4658.2009.06892.x 
1       'Lupinus luteus Pathogenesis-Related Protein as a Reservoir for Cytokinin' J.Mol.Biol.                378 1040 1051 2008 
JMOBAK UK 0022-2836 0070 ? 18406424 10.1016/j.jmb.2008.03.027        
2       'Structure of a yellow lupin pathogenesis-related PR-10 protein belonging to a novel subclass' 'Acta Crystallogr.,Sect.D' 
61  99   107  2005 ABCRE6 DK 0907-4449 0766 ? 15608381 10.1107/S0907444904028173        
3       'Crystal structures of two homologous pathogenesis-related proteins from yellow lupine' J.Mol.Biol.                319 
1223 1234 2002 JMOBAK UK 0022-2836 0070 ? 12079359 '10.1016/S0022-2836(02)00385-6'  
4       'Crystal structure of Vigna radiata cytokinin-specific binding protein in complex with zeatin' 'Plant Cell'               
18  2622 2634 2006 PLCEEW US 1040-4651 2109 ? 16998071 10.1105/tpc.105.037119           
5       'X-ray and NMR structure of Bet v 1, the origin of birch pollen allergy' Nat.Struct.Mol.Biol.       3   1040 1045 1996 ? 
US 1545-9993 ?    ? 8946858  ?                                
6       
;Crystal structure of a hypoallergenic isoform of the major birch pollen allergen  
Bet v 1 and its likely biological function as a plant steroid carrier
;
J.Mol.Biol.                325 123  133  2003 JMOBAK UK 0022-2836 0070 ? 12473456 '10.1016/S0022-2836(02)01197-X'  
# 
loop_
_citation_author.citation_id 
_citation_author.name 
_citation_author.ordinal 
_citation_author.identifier_ORCID 
primary 'Fernandes, H.'            1  ? 
primary 'Bujacz, A.'               2  ? 
primary 'Bujacz, G.'               3  ? 
primary 'Jelen, F.'                4  ? 
primary 'Jasinski, M.'             5  ? 
primary 'Kachlicki, P.'            6  ? 
primary 'Otlewski, J.'             7  ? 
primary 'Sikorski, M.M.'           8  ? 
primary 'Jaskolski, M.'            9  ? 
1       'Fernandes, H.'            10 ? 
1       'Pasternak, O.'            11 ? 
1       'Bujacz, G.'               12 ? 
1       'Bujacz, A.'               13 ? 
1       'Sikorski, M.M.'           14 ? 
1       'Jaskolski, M.'            15 ? 
2       'Pasternak, O.'            16 ? 
2       'Biesiadka, J.'            17 ? 
2       'Dolot, R.'                18 ? 
2       'Handschuh, L.'            19 ? 
2       'Bujacz, G.'               20 ? 
2       'Sikorski, M.M.'           21 ? 
2       'Jaskolski, M.'            22 ? 
3       'Biesiadka, J.'            23 ? 
3       'Bujacz, G.'               24 ? 
3       'Sikorski, M.M.'           25 ? 
3       'Jaskolski, M.'            26 ? 
4       'Pasternak, O.'            27 ? 
4       'Bujacz, G.D.'             28 ? 
4       'Fujimoto, Y.'             29 ? 
4       'Hashimoto, Y.'            30 ? 
4       'Jelen, F.'                31 ? 
4       'Otlewski, J.'             32 ? 
4       'Sikorski, M.M.'           33 ? 
4       'Jaskolski, M.'            34 ? 
5       'Gajhede, M.'              35 ? 
5       'Osmark, P.'               36 ? 
5       'Poulsen, F.M.'            37 ? 
5       'Ipsen, H.'                38 ? 
5       'Larsen, J.N.'             39 ? 
5       'Joost van Neerven, R.J.'  40 ? 
5       'Schou, C.'                41 ? 
5       'Lowenstein, H.'           42 ? 
5       'Spangfort, M.D.'          43 ? 
6       'Markovi-Housley, Z.'      44 ? 
6       'Degano, M.'               45 ? 
6       'Lamba, D.'                46 ? 
6       'von Roepenack-Lahaye, E.' 47 ? 
6       'Clemens, S.'              48 ? 
6       'Susani, M.'               49 ? 
6       'Ferreira, F.'             50 ? 
6       'Scheiner, O.'             51 ? 
6       'Breiteneder, H.'          52 ? 
# 
_cell.entry_id           3E85 
_cell.length_a           34.362 
_cell.length_b           73.256 
_cell.length_c           99.956 
_cell.angle_alpha        90.00 
_cell.angle_beta         90.00 
_cell.angle_gamma        90.00 
_cell.Z_PDB              8 
_cell.pdbx_unique_axis   ? 
_cell.length_a_esd       ? 
_cell.length_b_esd       ? 
_cell.length_c_esd       ? 
_cell.angle_alpha_esd    ? 
_cell.angle_beta_esd     ? 
_cell.angle_gamma_esd    ? 
# 
_symmetry.entry_id                         3E85 
_symmetry.space_group_name_H-M             'C 2 2 21' 
_symmetry.pdbx_full_space_group_name_H-M   ? 
_symmetry.cell_setting                     ? 
_symmetry.Int_Tables_number                20 
_symmetry.space_group_name_Hall            ? 
# 
loop_
_entity.id 
_entity.type 
_entity.src_method 
_entity.pdbx_description 
_entity.formula_weight 
_entity.pdbx_number_of_molecules 
_entity.pdbx_ec 
_entity.pdbx_mutation 
_entity.pdbx_fragment 
_entity.details 
1 polymer     man PR10.2B          16906.000 1   ? ? ? ? 
2 non-polymer syn 1,3-DIPHENYLUREA 212.247   4   ? ? ? ? 
3 non-polymer syn 'SODIUM ION'     22.990    2   ? ? ? ? 
4 water       nat water            18.015    134 ? ? ? ? 
# 
_entity_name_com.entity_id   1 
_entity_name_com.name        'Class 10 plant pathogenesis-related protein' 
# 
_entity_poly.entity_id                      1 
_entity_poly.type                           'polypeptide(L)' 
_entity_poly.nstd_linkage                   no 
_entity_poly.nstd_monomer                   no 
_entity_poly.pdbx_seq_one_letter_code       
;MGVFTFQDEYTSTIAPAKLYKALVTDADIIIPKAVETIQSVEIVEGNGGPGTIKKLTFIEGGESKYVLHKIEAIDEANLG
YNYSIVGGVGLPDTIEKISFETKLVEGANGGSIGKVTIKIETKGDAQPNEEEGKAAKARGDAFFKAIESYLSAHPDYN
;
_entity_poly.pdbx_seq_one_letter_code_can   
;MGVFTFQDEYTSTIAPAKLYKALVTDADIIIPKAVETIQSVEIVEGNGGPGTIKKLTFIEGGESKYVLHKIEAIDEANLG
YNYSIVGGVGLPDTIEKISFETKLVEGANGGSIGKVTIKIETKGDAQPNEEEGKAAKARGDAFFKAIESYLSAHPDYN
;
_entity_poly.pdbx_strand_id                 A 
_entity_poly.pdbx_target_identifier         ? 
# 
loop_
_entity_poly_seq.entity_id 
_entity_poly_seq.num 
_entity_poly_seq.mon_id 
_entity_poly_seq.hetero 
1 1   MET n 
1 2   GLY n 
1 3   VAL n 
1 4   PHE n 
1 5   THR n 
1 6   PHE n 
1 7   GLN n 
1 8   ASP n 
1 9   GLU n 
1 10  TYR n 
1 11  THR n 
1 12  SER n 
1 13  THR n 
1 14  ILE n 
1 15  ALA n 
1 16  PRO n 
1 17  ALA n 
1 18  LYS n 
1 19  LEU n 
1 20  TYR n 
1 21  LYS n 
1 22  ALA n 
1 23  LEU n 
1 24  VAL n 
1 25  THR n 
1 26  ASP n 
1 27  ALA n 
1 28  ASP n 
1 29  ILE n 
1 30  ILE n 
1 31  ILE n 
1 32  PRO n 
1 33  LYS n 
1 34  ALA n 
1 35  VAL n 
1 36  GLU n 
1 37  THR n 
1 38  ILE n 
1 39  GLN n 
1 40  SER n 
1 41  VAL n 
1 42  GLU n 
1 43  ILE n 
1 44  VAL n 
1 45  GLU n 
1 46  GLY n 
1 47  ASN n 
1 48  GLY n 
1 49  GLY n 
1 50  PRO n 
1 51  GLY n 
1 52  THR n 
1 53  ILE n 
1 54  LYS n 
1 55  LYS n 
1 56  LEU n 
1 57  THR n 
1 58  PHE n 
1 59  ILE n 
1 60  GLU n 
1 61  GLY n 
1 62  GLY n 
1 63  GLU n 
1 64  SER n 
1 65  LYS n 
1 66  TYR n 
1 67  VAL n 
1 68  LEU n 
1 69  HIS n 
1 70  LYS n 
1 71  ILE n 
1 72  GLU n 
1 73  ALA n 
1 74  ILE n 
1 75  ASP n 
1 76  GLU n 
1 77  ALA n 
1 78  ASN n 
1 79  LEU n 
1 80  GLY n 
1 81  TYR n 
1 82  ASN n 
1 83  TYR n 
1 84  SER n 
1 85  ILE n 
1 86  VAL n 
1 87  GLY n 
1 88  GLY n 
1 89  VAL n 
1 90  GLY n 
1 91  LEU n 
1 92  PRO n 
1 93  ASP n 
1 94  THR n 
1 95  ILE n 
1 96  GLU n 
1 97  LYS n 
1 98  ILE n 
1 99  SER n 
1 100 PHE n 
1 101 GLU n 
1 102 THR n 
1 103 LYS n 
1 104 LEU n 
1 105 VAL n 
1 106 GLU n 
1 107 GLY n 
1 108 ALA n 
1 109 ASN n 
1 110 GLY n 
1 111 GLY n 
1 112 SER n 
1 113 ILE n 
1 114 GLY n 
1 115 LYS n 
1 116 VAL n 
1 117 THR n 
1 118 ILE n 
1 119 LYS n 
1 120 ILE n 
1 121 GLU n 
1 122 THR n 
1 123 LYS n 
1 124 GLY n 
1 125 ASP n 
1 126 ALA n 
1 127 GLN n 
1 128 PRO n 
1 129 ASN n 
1 130 GLU n 
1 131 GLU n 
1 132 GLU n 
1 133 GLY n 
1 134 LYS n 
1 135 ALA n 
1 136 ALA n 
1 137 LYS n 
1 138 ALA n 
1 139 ARG n 
1 140 GLY n 
1 141 ASP n 
1 142 ALA n 
1 143 PHE n 
1 144 PHE n 
1 145 LYS n 
1 146 ALA n 
1 147 ILE n 
1 148 GLU n 
1 149 SER n 
1 150 TYR n 
1 151 LEU n 
1 152 SER n 
1 153 ALA n 
1 154 HIS n 
1 155 PRO n 
1 156 ASP n 
1 157 TYR n 
1 158 ASN n 
# 
_entity_src_gen.entity_id                          1 
_entity_src_gen.pdbx_src_id                        1 
_entity_src_gen.pdbx_alt_source_flag               sample 
_entity_src_gen.pdbx_seq_type                      ? 
_entity_src_gen.pdbx_beg_seq_num                   ? 
_entity_src_gen.pdbx_end_seq_num                   ? 
_entity_src_gen.gene_src_common_name               'European yellow lupin' 
_entity_src_gen.gene_src_genus                     ? 
_entity_src_gen.pdbx_gene_src_gene                 'pr10.2b, Ypr10.2b' 
_entity_src_gen.gene_src_species                   ? 
_entity_src_gen.gene_src_strain                    ? 
_entity_src_gen.gene_src_tissue                    ? 
_entity_src_gen.gene_src_tissue_fraction           ? 
_entity_src_gen.gene_src_details                   ? 
_entity_src_gen.pdbx_gene_src_fragment             ? 
_entity_src_gen.pdbx_gene_src_scientific_name      'Lupinus luteus' 
_entity_src_gen.pdbx_gene_src_ncbi_taxonomy_id     3873 
_entity_src_gen.pdbx_gene_src_variant              ? 
_entity_src_gen.pdbx_gene_src_cell_line            ? 
_entity_src_gen.pdbx_gene_src_atcc                 ? 
_entity_src_gen.pdbx_gene_src_organ                ? 
_entity_src_gen.pdbx_gene_src_organelle            ? 
_entity_src_gen.pdbx_gene_src_cell                 ? 
_entity_src_gen.pdbx_gene_src_cellular_location    ? 
_entity_src_gen.host_org_common_name               ? 
_entity_src_gen.pdbx_host_org_scientific_name      'Escherichia coli' 
_entity_src_gen.pdbx_host_org_ncbi_taxonomy_id     562 
_entity_src_gen.host_org_genus                     ? 
_entity_src_gen.pdbx_host_org_gene                 ? 
_entity_src_gen.pdbx_host_org_organ                ? 
_entity_src_gen.host_org_species                   ? 
_entity_src_gen.pdbx_host_org_tissue               ? 
_entity_src_gen.pdbx_host_org_tissue_fraction      ? 
_entity_src_gen.pdbx_host_org_strain               'BL21 (DE3) pLysS' 
_entity_src_gen.pdbx_host_org_variant              ? 
_entity_src_gen.pdbx_host_org_cell_line            ? 
_entity_src_gen.pdbx_host_org_atcc                 ? 
_entity_src_gen.pdbx_host_org_culture_collection   ? 
_entity_src_gen.pdbx_host_org_cell                 ? 
_entity_src_gen.pdbx_host_org_organelle            ? 
_entity_src_gen.pdbx_host_org_cellular_location    ? 
_entity_src_gen.pdbx_host_org_vector_type          Plasmid 
_entity_src_gen.pdbx_host_org_vector               ? 
_entity_src_gen.host_org_details                   ? 
_entity_src_gen.expression_system_id               ? 
_entity_src_gen.plasmid_name                       pET3a 
_entity_src_gen.plasmid_details                    ? 
_entity_src_gen.pdbx_description                   ? 
# 
_struct_ref.id                         1 
_struct_ref.db_name                    UNP 
_struct_ref.db_code                    Q9LLQ2_LUPLU 
_struct_ref.pdbx_db_accession          Q9LLQ2 
_struct_ref.entity_id                  1 
_struct_ref.pdbx_seq_one_letter_code   
;MGVFTFQDEYTSTIAPAKLYKALVTDADIIIPKAVETIQSVEIVEGNGGPGTIKKLTFIEGGESKYVLHKIEAIDEANLG
YNYSIVGGVGLPDTIEKISFETKLVEGANGGSIGKVTIKIETKGDAQPNEEEGKAAKARGDAFFKAIESYLSAHPDYN
;
_struct_ref.pdbx_align_begin           1 
_struct_ref.pdbx_db_isoform            ? 
# 
_struct_ref_seq.align_id                      1 
_struct_ref_seq.ref_id                        1 
_struct_ref_seq.pdbx_PDB_id_code              3E85 
_struct_ref_seq.pdbx_strand_id                A 
_struct_ref_seq.seq_align_beg                 1 
_struct_ref_seq.pdbx_seq_align_beg_ins_code   ? 
_struct_ref_seq.seq_align_end                 158 
_struct_ref_seq.pdbx_seq_align_end_ins_code   ? 
_struct_ref_seq.pdbx_db_accession             Q9LLQ2 
_struct_ref_seq.db_align_beg                  1 
_struct_ref_seq.pdbx_db_align_beg_ins_code    ? 
_struct_ref_seq.db_align_end                  158 
_struct_ref_seq.pdbx_db_align_end_ins_code    ? 
_struct_ref_seq.pdbx_auth_seq_align_beg       0 
_struct_ref_seq.pdbx_auth_seq_align_end       157 
# 
loop_
_chem_comp.id 
_chem_comp.type 
_chem_comp.mon_nstd_flag 
_chem_comp.name 
_chem_comp.pdbx_synonyms 
_chem_comp.formula 
_chem_comp.formula_weight 
ALA 'L-peptide linking' y ALANINE          ?                 'C3 H7 N O2'     89.093  
ARG 'L-peptide linking' y ARGININE         ?                 'C6 H15 N4 O2 1' 175.209 
ASN 'L-peptide linking' y ASPARAGINE       ?                 'C4 H8 N2 O3'    132.118 
ASP 'L-peptide linking' y 'ASPARTIC ACID'  ?                 'C4 H7 N O4'     133.103 
BSU non-polymer         . 1,3-DIPHENYLUREA DIPHENYLCARBAMIDE 'C13 H12 N2 O'   212.247 
GLN 'L-peptide linking' y GLUTAMINE        ?                 'C5 H10 N2 O3'   146.144 
GLU 'L-peptide linking' y 'GLUTAMIC ACID'  ?                 'C5 H9 N O4'     147.129 
GLY 'peptide linking'   y GLYCINE          ?                 'C2 H5 N O2'     75.067  
HIS 'L-peptide linking' y HISTIDINE        ?                 'C6 H10 N3 O2 1' 156.162 
HOH non-polymer         . WATER            ?                 'H2 O'           18.015  
ILE 'L-peptide linking' y ISOLEUCINE       ?                 'C6 H13 N O2'    131.173 
LEU 'L-peptide linking' y LEUCINE          ?                 'C6 H13 N O2'    131.173 
LYS 'L-peptide linking' y LYSINE           ?                 'C6 H15 N2 O2 1' 147.195 
MET 'L-peptide linking' y METHIONINE       ?                 'C5 H11 N O2 S'  149.211 
NA  non-polymer         . 'SODIUM ION'     ?                 'Na 1'           22.990  
PHE 'L-peptide linking' y PHENYLALANINE    ?                 'C9 H11 N O2'    165.189 
PRO 'L-peptide linking' y PROLINE          ?                 'C5 H9 N O2'     115.130 
SER 'L-peptide linking' y SERINE           ?                 'C3 H7 N O3'     105.093 
THR 'L-peptide linking' y THREONINE        ?                 'C4 H9 N O3'     119.119 
TYR 'L-peptide linking' y TYROSINE         ?                 'C9 H11 N O3'    181.189 
VAL 'L-peptide linking' y VALINE           ?                 'C5 H11 N O2'    117.146 
# 
_exptl.entry_id          3E85 
_exptl.method            'X-RAY DIFFRACTION' 
_exptl.crystals_number   1 
# 
_exptl_crystal.id                    1 
_exptl_crystal.density_meas          ? 
_exptl_crystal.density_Matthews      1.86 
_exptl_crystal.density_percent_sol   33.88 
_exptl_crystal.description           ? 
_exptl_crystal.F_000                 ? 
_exptl_crystal.preparation           ? 
# 
_exptl_crystal_grow.crystal_id      1 
_exptl_crystal_grow.method          'VAPOR DIFFUSION, HANGING DROP' 
_exptl_crystal_grow.temp            292 
_exptl_crystal_grow.temp_details    ? 
_exptl_crystal_grow.pH              6.0 
_exptl_crystal_grow.pdbx_details    
'1.4 M Sodium citrate, 0.1 M citrate buffer, pH 6.0, VAPOR DIFFUSION, HANGING DROP, temperature 292K' 
_exptl_crystal_grow.pdbx_pH_range   ? 
# 
_diffrn.id                     1 
_diffrn.ambient_temp           100 
_diffrn.ambient_temp_details   ? 
_diffrn.crystal_id             1 
# 
_diffrn_detector.diffrn_id              1 
_diffrn_detector.detector               CCD 
_diffrn_detector.type                   'MAR CCD 165 mm' 
_diffrn_detector.pdbx_collection_date   2005-10-16 
_diffrn_detector.details                mirrors 
# 
_diffrn_radiation.diffrn_id                        1 
_diffrn_radiation.wavelength_id                    1 
_diffrn_radiation.pdbx_monochromatic_or_laue_m_l   M 
_diffrn_radiation.monochromator                    'Si [111], horizontally focussing' 
_diffrn_radiation.pdbx_diffrn_protocol             'SINGLE WAVELENGTH' 
_diffrn_radiation.pdbx_scattering_type             x-ray 
# 
_diffrn_radiation_wavelength.id           1 
_diffrn_radiation_wavelength.wavelength   0.81 
_diffrn_radiation_wavelength.wt           1.0 
# 
_diffrn_source.diffrn_id                   1 
_diffrn_source.source                      SYNCHROTRON 
_diffrn_source.type                        'EMBL/DESY, HAMBURG BEAMLINE X11' 
_diffrn_source.pdbx_synchrotron_site       'EMBL/DESY, HAMBURG' 
_diffrn_source.pdbx_synchrotron_beamline   X11 
_diffrn_source.pdbx_wavelength             ? 
_diffrn_source.pdbx_wavelength_list        0.81 
# 
_reflns.entry_id                     3E85 
_reflns.observed_criterion_sigma_F   ? 
_reflns.observed_criterion_sigma_I   -3 
_reflns.d_resolution_high            1.95 
_reflns.d_resolution_low             40.0 
_reflns.number_all                   ? 
_reflns.number_obs                   9529 
_reflns.percent_possible_obs         99.56 
_reflns.pdbx_Rmerge_I_obs            0.075 
_reflns.pdbx_Rsym_value              ? 
_reflns.pdbx_netI_over_sigmaI        20.8 
_reflns.B_iso_Wilson_estimate        37.9 
_reflns.pdbx_redundancy              5.7 
_reflns.R_free_details               ? 
_reflns.limit_h_max                  ? 
_reflns.limit_h_min                  ? 
_reflns.limit_k_max                  ? 
_reflns.limit_k_min                  ? 
_reflns.limit_l_max                  ? 
_reflns.limit_l_min                  ? 
_reflns.observed_criterion_F_max     ? 
_reflns.observed_criterion_F_min     ? 
_reflns.pdbx_chi_squared             ? 
_reflns.pdbx_scaling_rejects         ? 
_reflns.pdbx_ordinal                 1 
_reflns.pdbx_diffrn_id               1 
# 
_reflns_shell.d_res_high             1.95 
_reflns_shell.d_res_low              2.02 
_reflns_shell.percent_possible_all   96.8 
_reflns_shell.Rmerge_I_obs           0.398 
_reflns_shell.pdbx_Rsym_value        ? 
_reflns_shell.meanI_over_sigI_obs    3.8 
_reflns_shell.pdbx_redundancy        5.4 
_reflns_shell.percent_possible_obs   ? 
_reflns_shell.number_unique_all      ? 
_reflns_shell.number_measured_all    ? 
_reflns_shell.number_measured_obs    ? 
_reflns_shell.number_unique_obs      ? 
_reflns_shell.pdbx_chi_squared       ? 
_reflns_shell.pdbx_ordinal           1 
_reflns_shell.pdbx_diffrn_id         1 
# 
_refine.entry_id                                 3E85 
_refine.ls_number_reflns_obs                     8631 
_refine.ls_number_reflns_all                     ? 
_refine.pdbx_ls_sigma_I                          ? 
_refine.pdbx_ls_sigma_F                          ? 
_refine.pdbx_data_cutoff_high_absF               ? 
_refine.pdbx_data_cutoff_low_absF                ? 
_refine.pdbx_data_cutoff_high_rms_absF           ? 
_refine.ls_d_res_low                             15.00 
_refine.ls_d_res_high                            1.95 
_refine.ls_percent_reflns_obs                    99.54 
_refine.ls_R_factor_obs                          0.19323 
_refine.ls_R_factor_all                          ? 
_refine.ls_R_factor_R_work                       0.18788 
_refine.ls_R_factor_R_free                       0.2465 
_refine.ls_R_factor_R_free_error                 ? 
_refine.ls_R_factor_R_free_error_details         ? 
_refine.ls_percent_reflns_R_free                 9.1 
_refine.ls_number_reflns_R_free                  860 
_refine.ls_number_parameters                     ? 
_refine.ls_number_restraints                     ? 
_refine.occupancy_min                            ? 
_refine.occupancy_max                            ? 
_refine.correlation_coeff_Fo_to_Fc               0.958 
_refine.correlation_coeff_Fo_to_Fc_free          0.932 
_refine.B_iso_mean                               30.611 
_refine.aniso_B[1][1]                            -1.66 
_refine.aniso_B[2][2]                            -1.34 
_refine.aniso_B[3][3]                            3.00 
_refine.aniso_B[1][2]                            0.00 
_refine.aniso_B[1][3]                            0.00 
_refine.aniso_B[2][3]                            0.00 
_refine.solvent_model_details                    'BABINET MODEL WITH MASK' 
_refine.solvent_model_param_ksol                 ? 
_refine.solvent_model_param_bsol                 ? 
_refine.pdbx_solvent_vdw_probe_radii             1.40 
_refine.pdbx_solvent_ion_probe_radii             0.80 
_refine.pdbx_solvent_shrinkage_radii             0.80 
_refine.pdbx_ls_cross_valid_method               THROUGHOUT 
_refine.details                                  'HYDROGENS HAVE BEEN ADDED IN THE RIDING POSITIONS' 
_refine.pdbx_starting_model                      'PDB entry 2QIM' 
_refine.pdbx_method_to_determine_struct          'MOLECULAR REPLACEMENT' 
_refine.pdbx_isotropic_thermal_model             ? 
_refine.pdbx_stereochemistry_target_values       'Engh & Huber' 
_refine.pdbx_stereochem_target_val_spec_case     ? 
_refine.pdbx_R_Free_selection_details            RANDOM 
_refine.pdbx_overall_ESU_R                       0.249 
_refine.pdbx_overall_ESU_R_Free                  0.198 
_refine.overall_SU_ML                            0.151 
_refine.overall_SU_B                             9.931 
_refine.ls_redundancy_reflns_obs                 ? 
_refine.B_iso_min                                ? 
_refine.B_iso_max                                ? 
_refine.overall_SU_R_Cruickshank_DPI             ? 
_refine.overall_SU_R_free                        ? 
_refine.ls_wR_factor_R_free                      ? 
_refine.ls_wR_factor_R_work                      ? 
_refine.overall_FOM_free_R_set                   ? 
_refine.overall_FOM_work_R_set                   ? 
_refine.pdbx_overall_phase_error                 ? 
_refine.pdbx_refine_id                           'X-RAY DIFFRACTION' 
_refine.pdbx_TLS_residual_ADP_flag               'LIKELY RESIDUAL' 
_refine.pdbx_diffrn_id                           1 
_refine.pdbx_overall_SU_R_free_Cruickshank_DPI   ? 
_refine.pdbx_overall_SU_R_Blow_DPI               ? 
_refine.pdbx_overall_SU_R_free_Blow_DPI          ? 
# 
_refine_hist.pdbx_refine_id                   'X-RAY DIFFRACTION' 
_refine_hist.cycle_id                         LAST 
_refine_hist.pdbx_number_atoms_protein        1155 
_refine_hist.pdbx_number_atoms_nucleic_acid   0 
_refine_hist.pdbx_number_atoms_ligand         66 
_refine_hist.number_atoms_solvent             134 
_refine_hist.number_atoms_total               1355 
_refine_hist.d_res_high                       1.95 
_refine_hist.d_res_low                        15.00 
# 
loop_
_refine_ls_restr.type 
_refine_ls_restr.dev_ideal 
_refine_ls_restr.dev_ideal_target 
_refine_ls_restr.weight 
_refine_ls_restr.number 
_refine_ls_restr.pdbx_refine_id 
_refine_ls_restr.pdbx_restraint_function 
r_bond_refined_d         0.018  0.022  ? 1257 'X-RAY DIFFRACTION' ? 
r_bond_other_d           0.001  0.020  ? 833  'X-RAY DIFFRACTION' ? 
r_angle_refined_deg      1.878  2.026  ? 1692 'X-RAY DIFFRACTION' ? 
r_angle_other_deg        0.941  3.000  ? 2049 'X-RAY DIFFRACTION' ? 
r_dihedral_angle_1_deg   6.214  5.000  ? 153  'X-RAY DIFFRACTION' ? 
r_dihedral_angle_2_deg   34.895 26.458 ? 48   'X-RAY DIFFRACTION' ? 
r_dihedral_angle_3_deg   16.875 15.000 ? 210  'X-RAY DIFFRACTION' ? 
r_dihedral_angle_4_deg   5.890  15.000 ? 1    'X-RAY DIFFRACTION' ? 
r_chiral_restr           0.106  0.200  ? 186  'X-RAY DIFFRACTION' ? 
r_gen_planes_refined     0.007  0.020  ? 1398 'X-RAY DIFFRACTION' ? 
r_gen_planes_other       0.001  0.020  ? 251  'X-RAY DIFFRACTION' ? 
r_nbd_refined            0.244  0.200  ? 277  'X-RAY DIFFRACTION' ? 
r_nbd_other              0.211  0.200  ? 840  'X-RAY DIFFRACTION' ? 
r_nbtor_refined          0.195  0.200  ? 620  'X-RAY DIFFRACTION' ? 
r_nbtor_other            0.096  0.200  ? 656  'X-RAY DIFFRACTION' ? 
r_xyhbond_nbd_refined    0.152  0.200  ? 89   'X-RAY DIFFRACTION' ? 
r_metal_ion_refined      0.192  0.200  ? 4    'X-RAY DIFFRACTION' ? 
r_symmetry_vdw_refined   0.157  0.200  ? 13   'X-RAY DIFFRACTION' ? 
r_symmetry_vdw_other     0.144  0.200  ? 43   'X-RAY DIFFRACTION' ? 
r_symmetry_hbond_refined 0.217  0.200  ? 13   'X-RAY DIFFRACTION' ? 
r_mcbond_it              1.044  1.500  ? 760  'X-RAY DIFFRACTION' ? 
r_mcbond_other           0.241  1.500  ? 319  'X-RAY DIFFRACTION' ? 
r_mcangle_it             1.850  2.500  ? 1225 'X-RAY DIFFRACTION' ? 
r_scbond_it              4.229  5.000  ? 506  'X-RAY DIFFRACTION' ? 
r_scangle_it             6.456  10.000 ? 467  'X-RAY DIFFRACTION' ? 
# 
_refine_ls_shell.pdbx_total_number_of_bins_used   20 
_refine_ls_shell.d_res_high                       1.950 
_refine_ls_shell.d_res_low                        2.000 
_refine_ls_shell.number_reflns_R_work             601 
_refine_ls_shell.R_factor_R_work                  0.213 
_refine_ls_shell.percent_reflns_obs               96.18 
_refine_ls_shell.R_factor_R_free                  0.278 
_refine_ls_shell.R_factor_R_free_error            ? 
_refine_ls_shell.percent_reflns_R_free            ? 
_refine_ls_shell.number_reflns_R_free             53 
_refine_ls_shell.number_reflns_all                ? 
_refine_ls_shell.R_factor_all                     ? 
_refine_ls_shell.number_reflns_obs                ? 
_refine_ls_shell.redundancy_reflns_obs            ? 
_refine_ls_shell.pdbx_refine_id                   'X-RAY DIFFRACTION' 
# 
_struct.entry_id                  3E85 
_struct.title                     
'Crystal Structure of Pathogenesis-related Protein LlPR-10.2B from yellow lupine in complex with Diphenylurea' 
_struct.pdbx_model_details        ? 
_struct.pdbx_CASP_flag            ? 
_struct.pdbx_model_type_details   ? 
# 
_struct_keywords.entry_id        3E85 
_struct_keywords.pdbx_keywords   'PLANT PROTEIN' 
_struct_keywords.text            
;PLANT HORMONES, CYTOKININ, DIPHENYLUREA, PLANT PR-10 PROTEIN, YELLOW LUPINE, Pathogenesis-related protein, Plant defense, PLANT PROTEIN
;
# 
loop_
_struct_asym.id 
_struct_asym.pdbx_blank_PDB_chainid_flag 
_struct_asym.pdbx_modified 
_struct_asym.entity_id 
_struct_asym.details 
A N N 1 ? 
B N N 2 ? 
C N N 2 ? 
D N N 2 ? 
E N N 2 ? 
F N N 3 ? 
G N N 3 ? 
H N N 4 ? 
# 
loop_
_struct_conf.conf_type_id 
_struct_conf.id 
_struct_conf.pdbx_PDB_helix_id 
_struct_conf.beg_label_comp_id 
_struct_conf.beg_label_asym_id 
_struct_conf.beg_label_seq_id 
_struct_conf.pdbx_beg_PDB_ins_code 
_struct_conf.end_label_comp_id 
_struct_conf.end_label_asym_id 
_struct_conf.end_label_seq_id 
_struct_conf.pdbx_end_PDB_ins_code 
_struct_conf.beg_auth_comp_id 
_struct_conf.beg_auth_asym_id 
_struct_conf.beg_auth_seq_id 
_struct_conf.end_auth_comp_id 
_struct_conf.end_auth_asym_id 
_struct_conf.end_auth_seq_id 
_struct_conf.pdbx_PDB_helix_class 
_struct_conf.details 
_struct_conf.pdbx_PDB_helix_length 
HELX_P HELX_P1 1 ALA A 15  ? VAL A 24  ? ALA A 14  VAL A 23  1 ? 10 
HELX_P HELX_P2 2 ASP A 26  ? VAL A 35  ? ASP A 25  VAL A 34  1 ? 10 
HELX_P HELX_P3 3 ALA A 108 ? GLY A 110 ? ALA A 107 GLY A 109 5 ? 3  
HELX_P HELX_P4 4 ASN A 129 ? HIS A 154 ? ASN A 128 HIS A 153 1 ? 26 
# 
_struct_conf_type.id          HELX_P 
_struct_conf_type.criteria    ? 
_struct_conf_type.reference   ? 
# 
loop_
_struct_conn.id 
_struct_conn.conn_type_id 
_struct_conn.pdbx_leaving_atom_flag 
_struct_conn.pdbx_PDB_id 
_struct_conn.ptnr1_label_asym_id 
_struct_conn.ptnr1_label_comp_id 
_struct_conn.ptnr1_label_seq_id 
_struct_conn.ptnr1_label_atom_id 
_struct_conn.pdbx_ptnr1_label_alt_id 
_struct_conn.pdbx_ptnr1_PDB_ins_code 
_struct_conn.pdbx_ptnr1_standard_comp_id 
_struct_conn.ptnr1_symmetry 
_struct_conn.ptnr2_label_asym_id 
_struct_conn.ptnr2_label_comp_id 
_struct_conn.ptnr2_label_seq_id 
_struct_conn.ptnr2_label_atom_id 
_struct_conn.pdbx_ptnr2_label_alt_id 
_struct_conn.pdbx_ptnr2_PDB_ins_code 
_struct_conn.ptnr1_auth_asym_id 
_struct_conn.ptnr1_auth_comp_id 
_struct_conn.ptnr1_auth_seq_id 
_struct_conn.ptnr2_auth_asym_id 
_struct_conn.ptnr2_auth_comp_id 
_struct_conn.ptnr2_auth_seq_id 
_struct_conn.ptnr2_symmetry 
_struct_conn.pdbx_ptnr3_label_atom_id 
_struct_conn.pdbx_ptnr3_label_seq_id 
_struct_conn.pdbx_ptnr3_label_comp_id 
_struct_conn.pdbx_ptnr3_label_asym_id 
_struct_conn.pdbx_ptnr3_label_alt_id 
_struct_conn.pdbx_ptnr3_PDB_ins_code 
_struct_conn.details 
_struct_conn.pdbx_dist_value 
_struct_conn.pdbx_value_order 
_struct_conn.pdbx_role 
metalc1  metalc ? ? A PRO 32  O   ? ? ? 1_555 F NA  . NA ? ? A PRO 31  A NA  162 1_555 ? ? ? ? ? ? ? 2.232 ? ? 
metalc2  metalc ? ? A VAL 35  O   ? ? ? 1_555 F NA  . NA ? ? A VAL 34  A NA  162 1_555 ? ? ? ? ? ? ? 2.465 ? ? 
metalc3  metalc ? ? A ILE 38  O   ? ? ? 1_555 F NA  . NA ? ? A ILE 37  A NA  162 1_555 ? ? ? ? ? ? ? 2.352 ? ? 
metalc4  metalc ? ? A THR 122 O   ? ? ? 1_555 G NA  . NA ? ? A THR 121 A NA  163 1_555 ? ? ? ? ? ? ? 2.879 ? ? 
metalc5  metalc ? ? A THR 122 OG1 ? ? ? 1_555 G NA  . NA ? ? A THR 121 A NA  163 1_555 ? ? ? ? ? ? ? 2.516 ? ? 
metalc6  metalc ? ? A GLY 124 O   ? ? ? 1_555 G NA  . NA ? ? A GLY 123 A NA  163 1_555 ? ? ? ? ? ? ? 2.486 ? ? 
metalc7  metalc ? ? F NA  .   NA  ? ? ? 1_555 H HOH . O  ? ? A NA  162 A HOH 209 1_555 ? ? ? ? ? ? ? 2.362 ? ? 
metalc8  metalc ? ? F NA  .   NA  ? ? ? 1_555 H HOH . O  ? ? A NA  162 A HOH 226 1_555 ? ? ? ? ? ? ? 2.737 ? ? 
metalc9  metalc ? ? F NA  .   NA  ? ? ? 1_555 H HOH . O  ? ? A NA  162 A HOH 259 1_555 ? ? ? ? ? ? ? 2.678 ? ? 
metalc10 metalc ? ? G NA  .   NA  ? ? ? 1_555 H HOH . O  ? ? A NA  163 A HOH 229 1_555 ? ? ? ? ? ? ? 2.079 ? ? 
metalc11 metalc ? ? G NA  .   NA  ? ? ? 1_555 H HOH . O  ? ? A NA  163 A HOH 231 1_555 ? ? ? ? ? ? ? 2.492 ? ? 
metalc12 metalc ? ? G NA  .   NA  ? ? ? 1_555 H HOH . O  ? ? A NA  163 A HOH 246 1_555 ? ? ? ? ? ? ? 2.556 ? ? 
# 
_struct_conn_type.id          metalc 
_struct_conn_type.criteria    ? 
_struct_conn_type.reference   ? 
# 
_struct_sheet.id               A 
_struct_sheet.type             ? 
_struct_sheet.number_strands   7 
_struct_sheet.details          ? 
# 
loop_
_struct_sheet_order.sheet_id 
_struct_sheet_order.range_id_1 
_struct_sheet_order.range_id_2 
_struct_sheet_order.offset 
_struct_sheet_order.sense 
A 1 2 ? anti-parallel 
A 2 3 ? anti-parallel 
A 3 4 ? anti-parallel 
A 4 5 ? anti-parallel 
A 5 6 ? anti-parallel 
A 6 7 ? anti-parallel 
# 
loop_
_struct_sheet_range.sheet_id 
_struct_sheet_range.id 
_struct_sheet_range.beg_label_comp_id 
_struct_sheet_range.beg_label_asym_id 
_struct_sheet_range.beg_label_seq_id 
_struct_sheet_range.pdbx_beg_PDB_ins_code 
_struct_sheet_range.end_label_comp_id 
_struct_sheet_range.end_label_asym_id 
_struct_sheet_range.end_label_seq_id 
_struct_sheet_range.pdbx_end_PDB_ins_code 
_struct_sheet_range.beg_auth_comp_id 
_struct_sheet_range.beg_auth_asym_id 
_struct_sheet_range.beg_auth_seq_id 
_struct_sheet_range.end_auth_comp_id 
_struct_sheet_range.end_auth_asym_id 
_struct_sheet_range.end_auth_seq_id 
A 1 PHE A 4   ? SER A 12  ? PHE A 3   SER A 11  
A 2 SER A 112 ? THR A 122 ? SER A 111 THR A 121 
A 3 ILE A 95  ? GLU A 106 ? ILE A 94  GLU A 105 
A 4 GLY A 80  ? GLY A 88  ? GLY A 79  GLY A 87  
A 5 GLU A 63  ? ASP A 75  ? GLU A 62  ASP A 74  
A 6 ILE A 53  ? GLU A 60  ? ILE A 52  GLU A 59  
A 7 ILE A 38  ? GLU A 45  ? ILE A 37  GLU A 44  
# 
loop_
_pdbx_struct_sheet_hbond.sheet_id 
_pdbx_struct_sheet_hbond.range_id_1 
_pdbx_struct_sheet_hbond.range_id_2 
_pdbx_struct_sheet_hbond.range_1_label_atom_id 
_pdbx_struct_sheet_hbond.range_1_label_comp_id 
_pdbx_struct_sheet_hbond.range_1_label_asym_id 
_pdbx_struct_sheet_hbond.range_1_label_seq_id 
_pdbx_struct_sheet_hbond.range_1_PDB_ins_code 
_pdbx_struct_sheet_hbond.range_1_auth_atom_id 
_pdbx_struct_sheet_hbond.range_1_auth_comp_id 
_pdbx_struct_sheet_hbond.range_1_auth_asym_id 
_pdbx_struct_sheet_hbond.range_1_auth_seq_id 
_pdbx_struct_sheet_hbond.range_2_label_atom_id 
_pdbx_struct_sheet_hbond.range_2_label_comp_id 
_pdbx_struct_sheet_hbond.range_2_label_asym_id 
_pdbx_struct_sheet_hbond.range_2_label_seq_id 
_pdbx_struct_sheet_hbond.range_2_PDB_ins_code 
_pdbx_struct_sheet_hbond.range_2_auth_atom_id 
_pdbx_struct_sheet_hbond.range_2_auth_comp_id 
_pdbx_struct_sheet_hbond.range_2_auth_asym_id 
_pdbx_struct_sheet_hbond.range_2_auth_seq_id 
A 1 2 N TYR A 10  ? N TYR A 9   O GLY A 114 ? O GLY A 113 
A 2 3 O GLU A 121 ? O GLU A 120 N LYS A 97  ? N LYS A 96  
A 3 4 O PHE A 100 ? O PHE A 99  N TYR A 83  ? N TYR A 82  
A 4 5 O ASN A 82  ? O ASN A 81  N ALA A 73  ? N ALA A 72  
A 5 6 O LYS A 65  ? O LYS A 64  N PHE A 58  ? N PHE A 57  
A 6 7 O LYS A 55  ? O LYS A 54  N GLU A 42  ? N GLU A 41  
# 
loop_
_struct_site.id 
_struct_site.pdbx_evidence_code 
_struct_site.pdbx_auth_asym_id 
_struct_site.pdbx_auth_comp_id 
_struct_site.pdbx_auth_seq_id 
_struct_site.pdbx_auth_ins_code 
_struct_site.pdbx_num_residues 
_struct_site.details 
AC1 Software A BSU 158 ? 6 'BINDING SITE FOR RESIDUE BSU A 158' 
AC2 Software A BSU 159 ? 5 'BINDING SITE FOR RESIDUE BSU A 159' 
AC3 Software A BSU 160 ? 9 'BINDING SITE FOR RESIDUE BSU A 160' 
AC4 Software A BSU 161 ? 8 'BINDING SITE FOR RESIDUE BSU A 161' 
AC5 Software A NA  162 ? 5 'BINDING SITE FOR RESIDUE NA A 162'  
AC6 Software A NA  163 ? 5 'BINDING SITE FOR RESIDUE NA A 163'  
# 
loop_
_struct_site_gen.id 
_struct_site_gen.site_id 
_struct_site_gen.pdbx_num_res 
_struct_site_gen.label_comp_id 
_struct_site_gen.label_asym_id 
_struct_site_gen.label_seq_id 
_struct_site_gen.pdbx_auth_ins_code 
_struct_site_gen.auth_comp_id 
_struct_site_gen.auth_asym_id 
_struct_site_gen.auth_seq_id 
_struct_site_gen.label_atom_id 
_struct_site_gen.label_alt_id 
_struct_site_gen.symmetry 
_struct_site_gen.details 
1  AC1 6 LEU A 23  ? LEU A 22  . ? 1_555 ? 
2  AC1 6 LEU A 56  ? LEU A 55  . ? 1_555 ? 
3  AC1 6 HIS A 69  ? HIS A 68  . ? 1_555 ? 
4  AC1 6 TYR A 81  ? TYR A 80  . ? 1_555 ? 
5  AC1 6 PHE A 143 ? PHE A 142 . ? 1_555 ? 
6  AC1 6 HOH H .   ? HOH A 211 . ? 1_555 ? 
7  AC2 5 THR A 37  ? THR A 36  . ? 1_555 ? 
8  AC2 5 ILE A 38  ? ILE A 37  . ? 1_555 ? 
9  AC2 5 LEU A 56  ? LEU A 55  . ? 1_555 ? 
10 AC2 5 PHE A 58  ? PHE A 57  . ? 1_555 ? 
11 AC2 5 ARG A 139 ? ARG A 138 . ? 1_555 ? 
12 AC3 9 TYR A 10  ? TYR A 9   . ? 1_555 ? 
13 AC3 9 LEU A 23  ? LEU A 22  . ? 1_555 ? 
14 AC3 9 PHE A 100 ? PHE A 99  . ? 1_555 ? 
15 AC3 9 THR A 102 ? THR A 101 . ? 1_555 ? 
16 AC3 9 GLY A 140 ? GLY A 139 . ? 1_555 ? 
17 AC3 9 PHE A 144 ? PHE A 143 . ? 1_555 ? 
18 AC3 9 HOH H .   ? HOH A 197 . ? 1_555 ? 
19 AC3 9 HOH H .   ? HOH A 211 . ? 1_555 ? 
20 AC3 9 HOH H .   ? HOH A 279 . ? 1_555 ? 
21 AC4 8 PHE A 6   ? PHE A 5   . ? 1_555 ? 
22 AC4 8 GLY A 90  ? GLY A 89  . ? 1_555 ? 
23 AC4 8 ILE A 118 ? ILE A 117 . ? 1_555 ? 
24 AC4 8 GLY A 133 ? GLY A 132 . ? 1_555 ? 
25 AC4 8 ALA A 136 ? ALA A 135 . ? 1_555 ? 
26 AC4 8 ARG A 139 ? ARG A 138 . ? 1_555 ? 
27 AC4 8 HOH H .   ? HOH A 193 . ? 1_555 ? 
28 AC4 8 HOH H .   ? HOH A 295 . ? 1_555 ? 
29 AC5 5 PRO A 32  ? PRO A 31  . ? 1_555 ? 
30 AC5 5 ILE A 38  ? ILE A 37  . ? 1_555 ? 
31 AC5 5 HOH H .   ? HOH A 209 . ? 1_555 ? 
32 AC5 5 HOH H .   ? HOH A 226 . ? 1_555 ? 
33 AC5 5 HOH H .   ? HOH A 259 . ? 1_555 ? 
34 AC6 5 THR A 122 ? THR A 121 . ? 1_555 ? 
35 AC6 5 GLY A 124 ? GLY A 123 . ? 1_555 ? 
36 AC6 5 HOH H .   ? HOH A 229 . ? 1_555 ? 
37 AC6 5 HOH H .   ? HOH A 231 . ? 1_555 ? 
38 AC6 5 HOH H .   ? HOH A 246 . ? 1_555 ? 
# 
_atom_sites.entry_id                    3E85 
_atom_sites.fract_transf_matrix[1][1]   0.02568320 
_atom_sites.fract_transf_matrix[1][2]   0.00885235 
_atom_sites.fract_transf_matrix[1][3]   0.01043722 
_atom_sites.fract_transf_matrix[2][1]   0.00631355 
_atom_sites.fract_transf_matrix[2][2]   -0.00954858 
_atom_sites.fract_transf_matrix[2][3]   -0.00743730 
_atom_sites.fract_transf_matrix[3][1]   0.00085172 
_atom_sites.fract_transf_matrix[3][2]   0.00646944 
_atom_sites.fract_transf_matrix[3][3]   -0.00758293 
_atom_sites.fract_transf_vector[1]      0.527655 
_atom_sites.fract_transf_vector[2]      0.140014 
_atom_sites.fract_transf_vector[3]      0.618084 
# 
loop_
_atom_type.symbol 
C  
N  
NA 
O  
# 
loop_
_atom_site.group_PDB 
_atom_site.id 
_atom_site.type_symbol 
_atom_site.label_atom_id 
_atom_site.label_alt_id 
_atom_site.label_comp_id 
_atom_site.label_asym_id 
_atom_site.label_entity_id 
_atom_site.label_seq_id 
_atom_site.pdbx_PDB_ins_code 
_atom_site.Cartn_x 
_atom_site.Cartn_y 
_atom_site.Cartn_z 
_atom_site.occupancy 
_atom_site.B_iso_or_equiv 
_atom_site.pdbx_formal_charge 
_atom_site.auth_seq_id 
_atom_site.auth_comp_id 
_atom_site.auth_asym_id 
_atom_site.auth_atom_id 
_atom_site.pdbx_PDB_model_num 
ATOM   1    N  N   . GLY A 1 2   ? -22.269 -4.940  6.045   1.00 42.97 ? 1   GLY A N   1 
ATOM   2    C  CA  . GLY A 1 2   ? -21.853 -5.702  4.846   1.00 42.36 ? 1   GLY A CA  1 
ATOM   3    C  C   . GLY A 1 2   ? -20.559 -5.244  4.181   1.00 41.71 ? 1   GLY A C   1 
ATOM   4    O  O   . GLY A 1 2   ? -19.982 -4.169  4.475   1.00 44.19 ? 1   GLY A O   1 
ATOM   5    N  N   . VAL A 1 3   ? -20.098 -6.057  3.252   1.00 38.39 ? 2   VAL A N   1 
ATOM   6    C  CA  . VAL A 1 3   ? -18.741 -5.913  2.798   1.00 37.01 ? 2   VAL A CA  1 
ATOM   7    C  C   . VAL A 1 3   ? -18.749 -5.577  1.352   1.00 34.07 ? 2   VAL A C   1 
ATOM   8    O  O   . VAL A 1 3   ? -19.522 -6.147  0.585   1.00 34.50 ? 2   VAL A O   1 
ATOM   9    C  CB  . VAL A 1 3   ? -17.952 -7.197  3.010   1.00 38.02 ? 2   VAL A CB  1 
ATOM   10   C  CG1 . VAL A 1 3   ? -16.522 -7.015  2.584   1.00 40.31 ? 2   VAL A CG1 1 
ATOM   11   C  CG2 . VAL A 1 3   ? -18.009 -7.545  4.408   1.00 35.51 ? 2   VAL A CG2 1 
ATOM   12   N  N   . PHE A 1 4   ? -17.909 -4.629  1.005   1.00 32.39 ? 3   PHE A N   1 
ATOM   13   C  CA  . PHE A 1 4   ? -17.672 -4.260  -0.406  1.00 31.64 ? 3   PHE A CA  1 
ATOM   14   C  C   . PHE A 1 4   ? -16.278 -4.772  -0.806  1.00 32.48 ? 3   PHE A C   1 
ATOM   15   O  O   . PHE A 1 4   ? -15.304 -4.539  -0.083  1.00 32.36 ? 3   PHE A O   1 
ATOM   16   C  CB  . PHE A 1 4   ? -17.701 -2.732  -0.517  1.00 30.64 ? 3   PHE A CB  1 
ATOM   17   C  CG  . PHE A 1 4   ? -19.045 -2.113  -0.190  1.00 29.52 ? 3   PHE A CG  1 
ATOM   18   C  CD1 . PHE A 1 4   ? -20.013 -1.980  -1.163  1.00 28.78 ? 3   PHE A CD1 1 
ATOM   19   C  CD2 . PHE A 1 4   ? -19.295 -1.578  1.058   1.00 29.02 ? 3   PHE A CD2 1 
ATOM   20   C  CE1 . PHE A 1 4   ? -21.245 -1.338  -0.891  1.00 32.84 ? 3   PHE A CE1 1 
ATOM   21   C  CE2 . PHE A 1 4   ? -20.504 -0.973  1.340   1.00 28.25 ? 3   PHE A CE2 1 
ATOM   22   C  CZ  . PHE A 1 4   ? -21.484 -0.857  0.398   1.00 27.00 ? 3   PHE A CZ  1 
ATOM   23   N  N   . THR A 1 5   ? -16.152 -5.455  -1.945  1.00 31.23 ? 4   THR A N   1 
ATOM   24   C  CA  . THR A 1 5   ? -14.866 -6.027  -2.308  1.00 30.35 ? 4   THR A CA  1 
ATOM   25   C  C   . THR A 1 5   ? -14.424 -5.489  -3.628  1.00 31.25 ? 4   THR A C   1 
ATOM   26   O  O   . THR A 1 5   ? -15.226 -5.384  -4.494  1.00 29.00 ? 4   THR A O   1 
ATOM   27   C  CB  . THR A 1 5   ? -14.936 -7.564  -2.356  1.00 31.75 ? 4   THR A CB  1 
ATOM   28   O  OG1 . THR A 1 5   ? -15.339 -8.001  -1.059  1.00 28.98 ? 4   THR A OG1 1 
ATOM   29   C  CG2 . THR A 1 5   ? -13.565 -8.166  -2.612  1.00 31.91 ? 4   THR A CG2 1 
ATOM   30   N  N   . PHE A 1 6   ? -13.139 -5.187  -3.763  1.00 32.20 ? 5   PHE A N   1 
ATOM   31   C  CA  . PHE A 1 6   ? -12.616 -4.693  -4.993  1.00 32.31 ? 5   PHE A CA  1 
ATOM   32   C  C   . PHE A 1 6   ? -11.344 -5.489  -5.340  1.00 32.96 ? 5   PHE A C   1 
ATOM   33   O  O   . PHE A 1 6   ? -10.711 -6.068  -4.444  1.00 32.40 ? 5   PHE A O   1 
ATOM   34   C  CB  . PHE A 1 6   ? -12.364 -3.181  -4.874  1.00 33.38 ? 5   PHE A CB  1 
ATOM   35   C  CG  . PHE A 1 6   ? -13.583 -2.398  -4.510  1.00 30.34 ? 5   PHE A CG  1 
ATOM   36   C  CD1 . PHE A 1 6   ? -14.404 -1.870  -5.479  1.00 34.99 ? 5   PHE A CD1 1 
ATOM   37   C  CD2 . PHE A 1 6   ? -13.895 -2.165  -3.210  1.00 30.87 ? 5   PHE A CD2 1 
ATOM   38   C  CE1 . PHE A 1 6   ? -15.532 -1.143  -5.149  1.00 31.25 ? 5   PHE A CE1 1 
ATOM   39   C  CE2 . PHE A 1 6   ? -15.021 -1.453  -2.878  1.00 31.91 ? 5   PHE A CE2 1 
ATOM   40   C  CZ  . PHE A 1 6   ? -15.845 -0.956  -3.837  1.00 31.61 ? 5   PHE A CZ  1 
ATOM   41   N  N   . GLN A 1 7   ? -11.083 -5.649  -6.642  1.00 34.41 ? 6   GLN A N   1 
ATOM   42   C  CA  . GLN A 1 7   ? -9.839  -6.241  -7.126  1.00 35.93 ? 6   GLN A CA  1 
ATOM   43   C  C   . GLN A 1 7   ? -9.196  -5.343  -8.171  1.00 36.77 ? 6   GLN A C   1 
ATOM   44   O  O   . GLN A 1 7   ? -9.820  -4.961  -9.137  1.00 35.90 ? 6   GLN A O   1 
ATOM   45   C  CB  . GLN A 1 7   ? -10.082 -7.624  -7.708  1.00 37.50 ? 6   GLN A CB  1 
ATOM   46   C  CG  . GLN A 1 7   ? -10.141 -8.707  -6.687  1.00 43.26 ? 6   GLN A CG  1 
ATOM   47   C  CD  . GLN A 1 7   ? -10.319 -10.053 -7.311  1.00 45.78 ? 6   GLN A CD  1 
ATOM   48   O  OE1 . GLN A 1 7   ? -10.310 -10.184 -8.541  1.00 56.24 ? 6   GLN A OE1 1 
ATOM   49   N  NE2 . GLN A 1 7   ? -10.505 -11.067 -6.475  1.00 53.85 ? 6   GLN A NE2 1 
ATOM   50   N  N   . ASP A 1 8   ? -7.925  -5.010  -7.948  1.00 38.16 ? 7   ASP A N   1 
ATOM   51   C  CA  . ASP A 1 8   ? -7.188  -4.107  -8.797  1.00 38.43 ? 7   ASP A CA  1 
ATOM   52   C  C   . ASP A 1 8   ? -5.833  -4.787  -9.098  1.00 37.46 ? 7   ASP A C   1 
ATOM   53   O  O   . ASP A 1 8   ? -5.385  -5.677  -8.390  1.00 34.91 ? 7   ASP A O   1 
ATOM   54   C  CB  . ASP A 1 8   ? -6.913  -2.743  -8.107  1.00 39.68 ? 7   ASP A CB  1 
ATOM   55   C  CG  . ASP A 1 8   ? -8.145  -1.809  -8.045  1.00 46.13 ? 7   ASP A CG  1 
ATOM   56   O  OD1 . ASP A 1 8   ? -8.945  -1.753  -9.007  1.00 50.28 ? 7   ASP A OD1 1 
ATOM   57   O  OD2 . ASP A 1 8   ? -8.251  -1.077  -7.035  1.00 51.13 ? 7   ASP A OD2 1 
ATOM   58   N  N   . GLU A 1 9   ? -5.221  -4.374  -10.196 1.00 37.82 ? 8   GLU A N   1 
ATOM   59   C  CA  . GLU A 1 9   ? -3.902  -4.882  -10.598 1.00 38.24 ? 8   GLU A CA  1 
ATOM   60   C  C   . GLU A 1 9   ? -3.004  -3.685  -10.883 1.00 37.65 ? 8   GLU A C   1 
ATOM   61   O  O   . GLU A 1 9   ? -3.465  -2.684  -11.416 1.00 37.24 ? 8   GLU A O   1 
ATOM   62   C  CB  . GLU A 1 9   ? -4.046  -5.747  -11.834 1.00 37.82 ? 8   GLU A CB  1 
ATOM   63   C  CG  . GLU A 1 9   ? -4.592  -7.141  -11.511 1.00 43.75 ? 8   GLU A CG  1 
ATOM   64   C  CD  . GLU A 1 9   ? -4.400  -8.153  -12.622 1.00 46.05 ? 8   GLU A CD  1 
ATOM   65   O  OE1 . GLU A 1 9   ? -3.924  -7.813  -13.750 1.00 40.72 ? 8   GLU A OE1 1 
ATOM   66   O  OE2 . GLU A 1 9   ? -4.787  -9.303  -12.348 1.00 42.08 ? 8   GLU A OE2 1 
ATOM   67   N  N   . TYR A 1 10  ? -1.743  -3.777  -10.458 1.00 37.13 ? 9   TYR A N   1 
ATOM   68   C  CA  . TYR A 1 10  ? -0.751  -2.720  -10.717 1.00 37.81 ? 9   TYR A CA  1 
ATOM   69   C  C   . TYR A 1 10  ? 0.431   -3.439  -11.417 1.00 37.36 ? 9   TYR A C   1 
ATOM   70   O  O   . TYR A 1 10  ? 0.728   -4.587  -11.121 1.00 38.64 ? 9   TYR A O   1 
ATOM   71   C  CB  . TYR A 1 10  ? -0.303  -2.095  -9.384  1.00 37.91 ? 9   TYR A CB  1 
ATOM   72   C  CG  . TYR A 1 10  ? -1.357  -1.295  -8.668  1.00 37.34 ? 9   TYR A CG  1 
ATOM   73   C  CD1 . TYR A 1 10  ? -1.497  0.066   -8.918  1.00 42.19 ? 9   TYR A CD1 1 
ATOM   74   C  CD2 . TYR A 1 10  ? -2.261  -1.900  -7.803  1.00 39.21 ? 9   TYR A CD2 1 
ATOM   75   C  CE1 . TYR A 1 10  ? -2.469  0.811   -8.266  1.00 36.96 ? 9   TYR A CE1 1 
ATOM   76   C  CE2 . TYR A 1 10  ? -3.266  -1.164  -7.136  1.00 40.94 ? 9   TYR A CE2 1 
ATOM   77   C  CZ  . TYR A 1 10  ? -3.353  0.179   -7.341  1.00 38.79 ? 9   TYR A CZ  1 
ATOM   78   O  OH  . TYR A 1 10  ? -4.334  0.941   -6.708  1.00 42.09 ? 9   TYR A OH  1 
ATOM   79   N  N   . THR A 1 11  ? 1.090   -2.760  -12.330 1.00 37.28 ? 10  THR A N   1 
ATOM   80   C  CA  . THR A 1 11  ? 2.144   -3.357  -13.087 1.00 37.02 ? 10  THR A CA  1 
ATOM   81   C  C   . THR A 1 11  ? 3.424   -2.581  -12.902 1.00 36.22 ? 10  THR A C   1 
ATOM   82   O  O   . THR A 1 11  ? 3.427   -1.332  -12.757 1.00 36.35 ? 10  THR A O   1 
ATOM   83   C  CB  . THR A 1 11  ? 1.768   -3.417  -14.540 1.00 37.43 ? 10  THR A CB  1 
ATOM   84   O  OG1 . THR A 1 11  ? 1.425   -2.102  -14.973 1.00 40.19 ? 10  THR A OG1 1 
ATOM   85   C  CG2 . THR A 1 11  ? 0.568   -4.334  -14.740 1.00 35.96 ? 10  THR A CG2 1 
ATOM   86   N  N   . SER A 1 12  ? 4.537   -3.313  -12.879 1.00 35.83 ? 11  SER A N   1 
ATOM   87   C  CA  . SER A 1 12  ? 5.866   -2.663  -12.723 1.00 35.93 ? 11  SER A CA  1 
ATOM   88   C  C   . SER A 1 12  ? 6.833   -3.417  -13.603 1.00 36.39 ? 11  SER A C   1 
ATOM   89   O  O   . SER A 1 12  ? 6.613   -4.621  -13.844 1.00 36.52 ? 11  SER A O   1 
ATOM   90   C  CB  . SER A 1 12  ? 6.319   -2.764  -11.253 1.00 34.35 ? 11  SER A CB  1 
ATOM   91   O  OG  . SER A 1 12  ? 7.626   -2.253  -11.095 1.00 32.11 ? 11  SER A OG  1 
ATOM   92   N  N   . THR A 1 13  ? 7.904   -2.760  -14.040 1.00 35.60 ? 12  THR A N   1 
ATOM   93   C  CA  . THR A 1 13  ? 8.926   -3.429  -14.799 1.00 34.89 ? 12  THR A CA  1 
ATOM   94   C  C   . THR A 1 13  ? 9.944   -4.119  -13.893 1.00 35.79 ? 12  THR A C   1 
ATOM   95   O  O   . THR A 1 13  ? 10.672  -4.973  -14.379 1.00 36.14 ? 12  THR A O   1 
ATOM   96   C  CB  . THR A 1 13  ? 9.651   -2.447  -15.767 1.00 33.63 ? 12  THR A CB  1 
ATOM   97   O  OG1 . THR A 1 13  ? 10.103  -1.349  -14.987 1.00 35.05 ? 12  THR A OG1 1 
ATOM   98   C  CG2 . THR A 1 13  ? 8.720   -2.002  -16.849 1.00 39.76 ? 12  THR A CG2 1 
ATOM   99   N  N   . ILE A 1 14  ? 9.907   -3.853  -12.576 1.00 35.08 ? 13  ILE A N   1 
ATOM   100  C  CA  . ILE A 1 14  ? 10.772  -4.492  -11.589 1.00 35.79 ? 13  ILE A CA  1 
ATOM   101  C  C   . ILE A 1 14  ? 10.333  -5.905  -11.254 1.00 35.82 ? 13  ILE A C   1 
ATOM   102  O  O   . ILE A 1 14  ? 9.134   -6.194  -11.210 1.00 34.31 ? 13  ILE A O   1 
ATOM   103  C  CB  . ILE A 1 14  ? 10.806  -3.719  -10.239 1.00 34.96 ? 13  ILE A CB  1 
ATOM   104  C  CG1 . ILE A 1 14  ? 11.133  -2.247  -10.478 1.00 38.63 ? 13  ILE A CG1 1 
ATOM   105  C  CG2 . ILE A 1 14  ? 11.822  -4.323  -9.270  1.00 33.78 ? 13  ILE A CG2 1 
ATOM   106  C  CD1 . ILE A 1 14  ? 12.385  -2.041  -11.339 1.00 38.78 ? 13  ILE A CD1 1 
ATOM   107  N  N   . ALA A 1 15  ? 11.312  -6.770  -10.994 1.00 36.17 ? 14  ALA A N   1 
ATOM   108  C  CA  . ALA A 1 15  ? 11.066  -8.178  -10.787 1.00 36.27 ? 14  ALA A CA  1 
ATOM   109  C  C   . ALA A 1 15  ? 10.332  -8.280  -9.500  1.00 36.82 ? 14  ALA A C   1 
ATOM   110  O  O   . ALA A 1 15  ? 10.634  -7.530  -8.598  1.00 37.69 ? 14  ALA A O   1 
ATOM   111  C  CB  . ALA A 1 15  ? 12.351  -8.953  -10.699 1.00 36.40 ? 14  ALA A CB  1 
ATOM   112  N  N   . PRO A 1 16  ? 9.370   -9.219  -9.398  1.00 37.31 ? 15  PRO A N   1 
ATOM   113  C  CA  . PRO A 1 16  ? 8.572   -9.355  -8.174  1.00 38.52 ? 15  PRO A CA  1 
ATOM   114  C  C   . PRO A 1 16  ? 9.365   -9.476  -6.879  1.00 38.61 ? 15  PRO A C   1 
ATOM   115  O  O   . PRO A 1 16  ? 8.933   -8.898  -5.867  1.00 38.54 ? 15  PRO A O   1 
ATOM   116  C  CB  . PRO A 1 16  ? 7.748   -10.635 -8.433  1.00 39.68 ? 15  PRO A CB  1 
ATOM   117  C  CG  . PRO A 1 16  ? 7.697   -10.713 -9.896  1.00 38.53 ? 15  PRO A CG  1 
ATOM   118  C  CD  . PRO A 1 16  ? 8.924   -10.157 -10.444 1.00 35.40 ? 15  PRO A CD  1 
ATOM   119  N  N   . ALA A 1 17  ? 10.442  -10.282 -6.878  1.00 37.93 ? 16  ALA A N   1 
ATOM   120  C  CA  . ALA A 1 17  ? 11.219  -10.530 -5.629  1.00 37.44 ? 16  ALA A CA  1 
ATOM   121  C  C   . ALA A 1 17  ? 11.938  -9.277  -5.137  1.00 37.37 ? 16  ALA A C   1 
ATOM   122  O  O   . ALA A 1 17  ? 11.976  -9.018  -3.942  1.00 37.45 ? 16  ALA A O   1 
ATOM   123  C  CB  . ALA A 1 17  ? 12.204  -11.703 -5.780  1.00 37.28 ? 16  ALA A CB  1 
ATOM   124  N  N   . LYS A 1 18  ? 12.434  -8.476  -6.064  1.00 38.44 ? 17  LYS A N   1 
ATOM   125  C  CA  . LYS A 1 18  ? 12.995  -7.142  -5.769  1.00 39.72 ? 17  LYS A CA  1 
ATOM   126  C  C   . LYS A 1 18  ? 11.990  -6.118  -5.289  1.00 39.34 ? 17  LYS A C   1 
ATOM   127  O  O   . LYS A 1 18  ? 12.238  -5.376  -4.367  1.00 40.32 ? 17  LYS A O   1 
ATOM   128  C  CB  . LYS A 1 18  ? 13.616  -6.553  -7.027  1.00 40.03 ? 17  LYS A CB  1 
ATOM   129  C  CG  . LYS A 1 18  ? 14.942  -7.159  -7.437  1.00 44.28 ? 17  LYS A CG  1 
ATOM   130  C  CD  . LYS A 1 18  ? 15.819  -6.106  -8.144  1.00 52.72 ? 17  LYS A CD  1 
ATOM   131  C  CE  . LYS A 1 18  ? 16.648  -5.211  -7.175  1.00 59.96 ? 17  LYS A CE  1 
ATOM   132  N  NZ  . LYS A 1 18  ? 15.952  -3.969  -6.698  1.00 61.36 ? 17  LYS A NZ  1 
ATOM   133  N  N   . LEU A 1 19  ? 10.872  -6.014  -5.979  1.00 40.05 ? 18  LEU A N   1 
ATOM   134  C  CA  . LEU A 1 19  ? 9.782   -5.162  -5.528  1.00 38.58 ? 18  LEU A CA  1 
ATOM   135  C  C   . LEU A 1 19  ? 9.337   -5.536  -4.127  1.00 37.11 ? 18  LEU A C   1 
ATOM   136  O  O   . LEU A 1 19  ? 9.160   -4.697  -3.237  1.00 37.96 ? 18  LEU A O   1 
ATOM   137  C  CB  . LEU A 1 19  ? 8.652   -5.303  -6.524  1.00 39.45 ? 18  LEU A CB  1 
ATOM   138  C  CG  . LEU A 1 19  ? 7.763   -4.149  -6.874  1.00 41.13 ? 18  LEU A CG  1 
ATOM   139  C  CD1 . LEU A 1 19  ? 8.564   -2.825  -7.135  1.00 40.09 ? 18  LEU A CD1 1 
ATOM   140  C  CD2 . LEU A 1 19  ? 7.025   -4.581  -8.099  1.00 38.92 ? 18  LEU A CD2 1 
ATOM   141  N  N   . TYR A 1 20  ? 9.160   -6.812  -3.897  1.00 36.65 ? 19  TYR A N   1 
ATOM   142  C  CA  . TYR A 1 20  ? 8.709   -7.235  -2.592  1.00 36.11 ? 19  TYR A CA  1 
ATOM   143  C  C   . TYR A 1 20  ? 9.692   -6.753  -1.522  1.00 36.38 ? 19  TYR A C   1 
ATOM   144  O  O   . TYR A 1 20  ? 9.313   -6.271  -0.458  1.00 36.11 ? 19  TYR A O   1 
ATOM   145  C  CB  . TYR A 1 20  ? 8.594   -8.763  -2.543  1.00 35.59 ? 19  TYR A CB  1 
ATOM   146  C  CG  . TYR A 1 20  ? 7.890   -9.252  -1.307  1.00 34.06 ? 19  TYR A CG  1 
ATOM   147  C  CD1 . TYR A 1 20  ? 6.509   -9.248  -1.237  1.00 35.40 ? 19  TYR A CD1 1 
ATOM   148  C  CD2 . TYR A 1 20  ? 8.606   -9.687  -0.203  1.00 41.52 ? 19  TYR A CD2 1 
ATOM   149  C  CE1 . TYR A 1 20  ? 5.857   -9.656  -0.101  1.00 37.97 ? 19  TYR A CE1 1 
ATOM   150  C  CE2 . TYR A 1 20  ? 7.980   -10.084 0.912   1.00 32.86 ? 19  TYR A CE2 1 
ATOM   151  C  CZ  . TYR A 1 20  ? 6.592   -10.085 0.974   1.00 36.53 ? 19  TYR A CZ  1 
ATOM   152  O  OH  . TYR A 1 20  ? 5.941   -10.533 2.126   1.00 35.32 ? 19  TYR A OH  1 
ATOM   153  N  N   . LYS A 1 21  ? 10.970  -6.907  -1.812  1.00 37.65 ? 20  LYS A N   1 
ATOM   154  C  CA  . LYS A 1 21  ? 11.990  -6.557  -0.853  1.00 38.06 ? 20  LYS A CA  1 
ATOM   155  C  C   . LYS A 1 21  ? 11.946  -5.052  -0.617  1.00 38.07 ? 20  LYS A C   1 
ATOM   156  O  O   . LYS A 1 21  ? 12.073  -4.640  0.501   1.00 39.54 ? 20  LYS A O   1 
ATOM   157  C  CB  . LYS A 1 21  ? 13.362  -7.025  -1.340  1.00 38.71 ? 20  LYS A CB  1 
ATOM   158  C  CG  . LYS A 1 21  ? 14.555  -6.557  -0.474  1.00 40.04 ? 20  LYS A CG  1 
ATOM   159  C  CD  . LYS A 1 21  ? 15.664  -7.586  -0.473  1.00 48.52 ? 20  LYS A CD  1 
ATOM   160  C  CE  . LYS A 1 21  ? 17.023  -7.007  -0.041  1.00 56.07 ? 20  LYS A CE  1 
ATOM   161  N  NZ  . LYS A 1 21  ? 17.599  -6.068  -1.058  1.00 58.60 ? 20  LYS A NZ  1 
ATOM   162  N  N   . ALA A 1 22  ? 11.770  -4.255  -1.666  1.00 38.37 ? 21  ALA A N   1 
ATOM   163  C  CA  . ALA A 1 22  ? 11.634  -2.774  -1.532  1.00 39.64 ? 21  ALA A CA  1 
ATOM   164  C  C   . ALA A 1 22  ? 10.361  -2.311  -0.774  1.00 39.96 ? 21  ALA A C   1 
ATOM   165  O  O   . ALA A 1 22  ? 10.392  -1.341  -0.035  1.00 40.88 ? 21  ALA A O   1 
ATOM   166  C  CB  . ALA A 1 22  ? 11.716  -2.071  -2.930  1.00 39.62 ? 21  ALA A CB  1 
ATOM   167  N  N   . LEU A 1 23  ? 9.249   -3.049  -0.898  1.00 38.64 ? 22  LEU A N   1 
ATOM   168  C  CA  . LEU A 1 23  ? 7.983   -2.571  -0.379  1.00 36.78 ? 22  LEU A CA  1 
ATOM   169  C  C   . LEU A 1 23  ? 7.558   -3.231  0.906   1.00 36.26 ? 22  LEU A C   1 
ATOM   170  O  O   . LEU A 1 23  ? 6.507   -2.889  1.427   1.00 35.82 ? 22  LEU A O   1 
ATOM   171  C  CB  . LEU A 1 23  ? 6.883   -2.838  -1.381  1.00 35.76 ? 22  LEU A CB  1 
ATOM   172  C  CG  . LEU A 1 23  ? 7.001   -2.008  -2.654  1.00 37.62 ? 22  LEU A CG  1 
ATOM   173  C  CD1 . LEU A 1 23  ? 6.110   -2.738  -3.682  1.00 35.27 ? 22  LEU A CD1 1 
ATOM   174  C  CD2 . LEU A 1 23  ? 6.597   -0.583  -2.323  1.00 31.34 ? 22  LEU A CD2 1 
ATOM   175  N  N   . VAL A 1 24  ? 8.325   -4.210  1.350   1.00 37.21 ? 23  VAL A N   1 
ATOM   176  C  CA  . VAL A 1 24  ? 8.004   -4.962  2.550   1.00 37.44 ? 23  VAL A CA  1 
ATOM   177  C  C   . VAL A 1 24  ? 9.218   -5.006  3.445   1.00 38.61 ? 23  VAL A C   1 
ATOM   178  O  O   . VAL A 1 24  ? 9.223   -4.403  4.523   1.00 39.28 ? 23  VAL A O   1 
ATOM   179  C  CB  . VAL A 1 24  ? 7.607   -6.419  2.219   1.00 38.63 ? 23  VAL A CB  1 
ATOM   180  C  CG1 . VAL A 1 24  ? 7.412   -7.227  3.455   1.00 34.16 ? 23  VAL A CG1 1 
ATOM   181  C  CG2 . VAL A 1 24  ? 6.341   -6.447  1.472   1.00 37.77 ? 23  VAL A CG2 1 
ATOM   182  N  N   . THR A 1 25  ? 10.245  -5.713  2.984   1.00 39.88 ? 24  THR A N   1 
ATOM   183  C  CA  . THR A 1 25  ? 11.414  -5.971  3.800   1.00 40.97 ? 24  THR A CA  1 
ATOM   184  C  C   . THR A 1 25  ? 12.094  -4.630  4.111   1.00 40.41 ? 24  THR A C   1 
ATOM   185  O  O   . THR A 1 25  ? 12.312  -4.308  5.285   1.00 41.89 ? 24  THR A O   1 
ATOM   186  C  CB  . THR A 1 25  ? 12.372  -6.954  3.104   1.00 40.60 ? 24  THR A CB  1 
ATOM   187  O  OG1 . THR A 1 25  ? 11.633  -8.108  2.703   1.00 46.11 ? 24  THR A OG1 1 
ATOM   188  C  CG2 . THR A 1 25  ? 13.476  -7.411  4.035   1.00 43.58 ? 24  THR A CG2 1 
ATOM   189  N  N   . ASP A 1 26  ? 12.447  -3.867  3.075   1.00 38.25 ? 25  ASP A N   1 
ATOM   190  C  CA  . ASP A 1 26  ? 13.176  -2.625  3.303   1.00 38.04 ? 25  ASP A CA  1 
ATOM   191  C  C   . ASP A 1 26  ? 12.273  -1.380  3.199   1.00 36.86 ? 25  ASP A C   1 
ATOM   192  O  O   . ASP A 1 26  ? 12.790  -0.277  2.947   1.00 34.26 ? 25  ASP A O   1 
ATOM   193  C  CB  . ASP A 1 26  ? 14.322  -2.460  2.289   1.00 37.98 ? 25  ASP A CB  1 
ATOM   194  C  CG  . ASP A 1 26  ? 15.324  -3.593  2.304   1.00 43.10 ? 25  ASP A CG  1 
ATOM   195  O  OD1 . ASP A 1 26  ? 15.544  -4.257  3.356   1.00 37.89 ? 25  ASP A OD1 1 
ATOM   196  O  OD2 . ASP A 1 26  ? 15.916  -3.779  1.224   1.00 42.35 ? 25  ASP A OD2 1 
ATOM   197  N  N   . ALA A 1 27  ? 10.961  -1.541  3.442   1.00 37.18 ? 26  ALA A N   1 
ATOM   198  C  CA  . ALA A 1 27  ? 9.968   -0.490  3.187   1.00 39.12 ? 26  ALA A CA  1 
ATOM   199  C  C   . ALA A 1 27  ? 10.280  0.775   3.978   1.00 39.69 ? 26  ALA A C   1 
ATOM   200  O  O   . ALA A 1 27  ? 10.126  1.850   3.476   1.00 40.05 ? 26  ALA A O   1 
ATOM   201  C  CB  . ALA A 1 27  ? 8.555   -0.967  3.531   1.00 39.72 ? 26  ALA A CB  1 
ATOM   202  N  N   . ASP A 1 28  ? 10.682  0.624   5.227   1.00 39.56 ? 27  ASP A N   1 
ATOM   203  C  CA  . ASP A 1 28  ? 10.844  1.793   6.099   1.00 38.38 ? 27  ASP A CA  1 
ATOM   204  C  C   . ASP A 1 28  ? 12.013  2.684   5.677   1.00 37.74 ? 27  ASP A C   1 
ATOM   205  O  O   . ASP A 1 28  ? 12.012  3.893   5.955   1.00 38.31 ? 27  ASP A O   1 
ATOM   206  C  CB  A ASP A 1 28  ? 10.959  1.340   7.547   0.50 38.59 ? 27  ASP A CB  1 
ATOM   207  C  CB  B ASP A 1 28  ? 10.907  1.396   7.593   0.50 38.78 ? 27  ASP A CB  1 
ATOM   208  C  CG  A ASP A 1 28  ? 9.951   0.244   7.901   0.50 37.26 ? 27  ASP A CG  1 
ATOM   209  C  CG  B ASP A 1 28  ? 12.086  0.488   7.942   0.50 39.38 ? 27  ASP A CG  1 
ATOM   210  O  OD1 A ASP A 1 28  ? 8.899   0.106   7.229   0.50 33.94 ? 27  ASP A OD1 1 
ATOM   211  O  OD1 B ASP A 1 28  ? 12.698  -0.085  7.032   0.50 38.38 ? 27  ASP A OD1 1 
ATOM   212  O  OD2 A ASP A 1 28  ? 10.252  -0.510  8.821   0.50 33.26 ? 27  ASP A OD2 1 
ATOM   213  O  OD2 B ASP A 1 28  ? 12.378  0.347   9.155   0.50 33.34 ? 27  ASP A OD2 1 
ATOM   214  N  N   . ILE A 1 29  ? 12.954  2.100   4.934   1.00 36.49 ? 28  ILE A N   1 
ATOM   215  C  CA  . ILE A 1 29  ? 14.045  2.827   4.249   1.00 35.36 ? 28  ILE A CA  1 
ATOM   216  C  C   . ILE A 1 29  ? 13.720  3.290   2.821   1.00 35.18 ? 28  ILE A C   1 
ATOM   217  O  O   . ILE A 1 29  ? 13.905  4.478   2.465   1.00 33.40 ? 28  ILE A O   1 
ATOM   218  C  CB  . ILE A 1 29  ? 15.313  1.937   4.231   1.00 35.29 ? 28  ILE A CB  1 
ATOM   219  C  CG1 . ILE A 1 29  ? 15.767  1.697   5.679   1.00 32.59 ? 28  ILE A CG1 1 
ATOM   220  C  CG2 . ILE A 1 29  ? 16.434  2.551   3.379   1.00 35.96 ? 28  ILE A CG2 1 
ATOM   221  C  CD1 . ILE A 1 29  ? 16.748  0.583   5.858   1.00 41.99 ? 28  ILE A CD1 1 
ATOM   222  N  N   . ILE A 1 30  ? 13.229  2.370   1.989   1.00 33.80 ? 29  ILE A N   1 
ATOM   223  C  CA  . ILE A 1 30  ? 13.063  2.662   0.562   1.00 33.51 ? 29  ILE A CA  1 
ATOM   224  C  C   . ILE A 1 30  ? 11.875  3.547   0.234   1.00 34.50 ? 29  ILE A C   1 
ATOM   225  O  O   . ILE A 1 30  ? 11.943  4.388   -0.708  1.00 33.68 ? 29  ILE A O   1 
ATOM   226  C  CB  . ILE A 1 30  ? 12.913  1.366   -0.275  1.00 33.77 ? 29  ILE A CB  1 
ATOM   227  C  CG1 . ILE A 1 30  ? 14.168  0.483   -0.204  1.00 34.58 ? 29  ILE A CG1 1 
ATOM   228  C  CG2 . ILE A 1 30  ? 12.686  1.692   -1.706  1.00 35.26 ? 29  ILE A CG2 1 
ATOM   229  C  CD1 . ILE A 1 30  ? 15.422  1.183   -0.635  1.00 41.92 ? 29  ILE A CD1 1 
ATOM   230  N  N   . ILE A 1 31  ? 10.752  3.350   0.933   1.00 33.18 ? 30  ILE A N   1 
ATOM   231  C  CA  . ILE A 1 31  ? 9.579   4.097   0.530   1.00 33.93 ? 30  ILE A CA  1 
ATOM   232  C  C   . ILE A 1 31  ? 9.813   5.603   0.581   1.00 33.39 ? 30  ILE A C   1 
ATOM   233  O  O   . ILE A 1 31  ? 9.577   6.318   -0.429  1.00 34.61 ? 30  ILE A O   1 
ATOM   234  C  CB  . ILE A 1 31  ? 8.299   3.697   1.269   1.00 31.99 ? 30  ILE A CB  1 
ATOM   235  C  CG1 . ILE A 1 31  ? 7.851   2.339   0.770   1.00 36.39 ? 30  ILE A CG1 1 
ATOM   236  C  CG2 . ILE A 1 31  ? 7.150   4.715   0.924   1.00 35.92 ? 30  ILE A CG2 1 
ATOM   237  C  CD1 . ILE A 1 31  ? 6.693   1.720   1.587   1.00 36.48 ? 30  ILE A CD1 1 
ATOM   238  N  N   . PRO A 1 32  ? 10.294  6.110   1.723   1.00 34.14 ? 31  PRO A N   1 
ATOM   239  C  CA  . PRO A 1 32  ? 10.489  7.551   1.821   1.00 34.59 ? 31  PRO A CA  1 
ATOM   240  C  C   . PRO A 1 32  ? 11.550  8.119   0.884   1.00 36.40 ? 31  PRO A C   1 
ATOM   241  O  O   . PRO A 1 32  ? 11.410  9.233   0.376   1.00 35.51 ? 31  PRO A O   1 
ATOM   242  C  CB  . PRO A 1 32  ? 10.859  7.783   3.289   1.00 35.27 ? 31  PRO A CB  1 
ATOM   243  C  CG  . PRO A 1 32  ? 10.657  6.490   3.996   1.00 31.17 ? 31  PRO A CG  1 
ATOM   244  C  CD  . PRO A 1 32  ? 10.634  5.406   2.971   1.00 34.87 ? 31  PRO A CD  1 
ATOM   245  N  N   . LYS A 1 33  ? 12.618  7.363   0.680   1.00 37.28 ? 32  LYS A N   1 
ATOM   246  C  CA  . LYS A 1 33  ? 13.630  7.744   -0.290  1.00 38.80 ? 32  LYS A CA  1 
ATOM   247  C  C   . LYS A 1 33  ? 13.117  7.750   -1.736  1.00 38.80 ? 32  LYS A C   1 
ATOM   248  O  O   . LYS A 1 33  ? 13.473  8.610   -2.548  1.00 39.73 ? 32  LYS A O   1 
ATOM   249  C  CB  . LYS A 1 33  ? 14.829  6.818   -0.183  1.00 38.91 ? 32  LYS A CB  1 
ATOM   250  C  CG  . LYS A 1 33  ? 16.103  7.516   0.222   1.00 40.23 ? 32  LYS A CG  1 
ATOM   251  C  CD  . LYS A 1 33  ? 17.271  6.702   -0.257  1.00 42.58 ? 32  LYS A CD  1 
ATOM   252  C  CE  . LYS A 1 33  ? 17.379  5.392   0.483   1.00 36.42 ? 32  LYS A CE  1 
ATOM   253  N  NZ  . LYS A 1 33  ? 18.559  5.436   1.352   1.00 34.65 ? 32  LYS A NZ  1 
ATOM   254  N  N   . ALA A 1 34  ? 12.328  6.750   -2.084  1.00 38.05 ? 33  ALA A N   1 
ATOM   255  C  CA  . ALA A 1 34  ? 11.830  6.621   -3.465  1.00 36.97 ? 33  ALA A CA  1 
ATOM   256  C  C   . ALA A 1 34  ? 10.679  7.569   -3.829  1.00 36.51 ? 33  ALA A C   1 
ATOM   257  O  O   . ALA A 1 34  ? 10.545  8.002   -4.997  1.00 34.91 ? 33  ALA A O   1 
ATOM   258  C  CB  . ALA A 1 34  ? 11.368  5.162   -3.683  1.00 36.65 ? 33  ALA A CB  1 
ATOM   259  N  N   . VAL A 1 35  ? 9.820   7.878   -2.867  1.00 35.34 ? 34  VAL A N   1 
ATOM   260  C  CA  . VAL A 1 35  ? 8.563   8.565   -3.194  1.00 35.71 ? 34  VAL A CA  1 
ATOM   261  C  C   . VAL A 1 35  ? 8.575   9.946   -2.597  1.00 36.25 ? 34  VAL A C   1 
ATOM   262  O  O   . VAL A 1 35  ? 8.491   10.141  -1.379  1.00 37.30 ? 34  VAL A O   1 
ATOM   263  C  CB  . VAL A 1 35  ? 7.294   7.744   -2.787  1.00 35.38 ? 34  VAL A CB  1 
ATOM   264  C  CG1 . VAL A 1 35  ? 6.045   8.369   -3.348  1.00 33.42 ? 34  VAL A CG1 1 
ATOM   265  C  CG2 . VAL A 1 35  ? 7.421   6.224   -3.299  1.00 35.86 ? 34  VAL A CG2 1 
ATOM   266  N  N   . GLU A 1 36  ? 8.723   10.905  -3.494  1.00 36.63 ? 35  GLU A N   1 
ATOM   267  C  CA  . GLU A 1 36  ? 8.824   12.343  -3.197  1.00 36.14 ? 35  GLU A CA  1 
ATOM   268  C  C   . GLU A 1 36  ? 7.692   12.901  -2.384  1.00 35.05 ? 35  GLU A C   1 
ATOM   269  O  O   . GLU A 1 36  ? 7.869   13.871  -1.647  1.00 35.23 ? 35  GLU A O   1 
ATOM   270  C  CB  . GLU A 1 36  ? 8.861   13.112  -4.513  1.00 36.12 ? 35  GLU A CB  1 
ATOM   271  C  CG  . GLU A 1 36  ? 10.126  13.007  -5.270  1.00 40.90 ? 35  GLU A CG  1 
ATOM   272  C  CD  . GLU A 1 36  ? 10.115  13.940  -6.506  1.00 51.26 ? 35  GLU A CD  1 
ATOM   273  O  OE1 . GLU A 1 36  ? 9.116   13.949  -7.290  1.00 48.63 ? 35  GLU A OE1 1 
ATOM   274  O  OE2 . GLU A 1 36  ? 11.106  14.675  -6.675  1.00 55.29 ? 35  GLU A OE2 1 
ATOM   275  N  N   . THR A 1 37  ? 6.526   12.294  -2.532  1.00 35.58 ? 36  THR A N   1 
ATOM   276  C  CA  . THR A 1 37  ? 5.305   12.664  -1.797  1.00 36.02 ? 36  THR A CA  1 
ATOM   277  C  C   . THR A 1 37  ? 5.158   12.045  -0.420  1.00 36.79 ? 36  THR A C   1 
ATOM   278  O  O   . THR A 1 37  ? 4.252   12.407  0.332   1.00 38.05 ? 36  THR A O   1 
ATOM   279  C  CB  . THR A 1 37  ? 4.072   12.294  -2.623  1.00 36.99 ? 36  THR A CB  1 
ATOM   280  O  OG1 . THR A 1 37  ? 4.147   10.899  -2.939  1.00 37.56 ? 36  THR A OG1 1 
ATOM   281  C  CG2 . THR A 1 37  ? 4.027   13.147  -3.919  1.00 31.11 ? 36  THR A CG2 1 
ATOM   282  N  N   . ILE A 1 38  ? 6.035   11.114  -0.069  1.00 36.53 ? 37  ILE A N   1 
ATOM   283  C  CA  . ILE A 1 38  ? 5.993   10.514  1.202   1.00 36.30 ? 37  ILE A CA  1 
ATOM   284  C  C   . ILE A 1 38  ? 7.225   10.906  1.972   1.00 36.57 ? 37  ILE A C   1 
ATOM   285  O  O   . ILE A 1 38  ? 8.366   10.672  1.522   1.00 36.39 ? 37  ILE A O   1 
ATOM   286  C  CB  . ILE A 1 38  ? 5.946   8.955   1.086   1.00 34.15 ? 37  ILE A CB  1 
ATOM   287  C  CG1 . ILE A 1 38  ? 4.688   8.506   0.344   1.00 33.38 ? 37  ILE A CG1 1 
ATOM   288  C  CG2 . ILE A 1 38  ? 6.010   8.307   2.442   1.00 38.06 ? 37  ILE A CG2 1 
ATOM   289  C  CD1 . ILE A 1 38  ? 4.617   6.994   0.092   1.00 30.60 ? 37  ILE A CD1 1 
ATOM   290  N  N   . GLN A 1 39  ? 7.001   11.492  3.141   1.00 36.61 ? 38  GLN A N   1 
ATOM   291  C  CA  . GLN A 1 39  ? 8.110   12.097  3.879   1.00 36.14 ? 38  GLN A CA  1 
ATOM   292  C  C   . GLN A 1 39  ? 8.734   11.119  4.828   1.00 34.95 ? 38  GLN A C   1 
ATOM   293  O  O   . GLN A 1 39  ? 9.926   11.154  5.038   1.00 34.44 ? 38  GLN A O   1 
ATOM   294  C  CB  . GLN A 1 39  ? 7.670   13.315  4.655   1.00 36.75 ? 38  GLN A CB  1 
ATOM   295  C  CG  . GLN A 1 39  ? 7.551   14.539  3.779   1.00 41.23 ? 38  GLN A CG  1 
ATOM   296  C  CD  . GLN A 1 39  ? 6.305   14.478  2.953   1.00 46.34 ? 38  GLN A CD  1 
ATOM   297  O  OE1 . GLN A 1 39  ? 5.237   14.211  3.497   1.00 53.50 ? 38  GLN A OE1 1 
ATOM   298  N  NE2 . GLN A 1 39  ? 6.418   14.730  1.642   1.00 40.02 ? 38  GLN A NE2 1 
ATOM   299  N  N   . SER A 1 40  ? 7.939   10.246  5.427   1.00 34.10 ? 39  SER A N   1 
ATOM   300  C  CA  . SER A 1 40  ? 8.514   9.393   6.435   1.00 32.92 ? 39  SER A CA  1 
ATOM   301  C  C   . SER A 1 40  ? 7.722   8.113   6.641   1.00 32.53 ? 39  SER A C   1 
ATOM   302  O  O   . SER A 1 40  ? 6.509   8.054   6.376   1.00 30.82 ? 39  SER A O   1 
ATOM   303  C  CB  . SER A 1 40  ? 8.658   10.176  7.778   1.00 32.91 ? 39  SER A CB  1 
ATOM   304  O  OG  . SER A 1 40  ? 7.408   10.491  8.421   1.00 32.34 ? 39  SER A OG  1 
ATOM   305  N  N   . VAL A 1 41  ? 8.432   7.099   7.129   1.00 32.04 ? 40  VAL A N   1 
ATOM   306  C  CA  . VAL A 1 41  ? 7.806   5.900   7.577   1.00 33.38 ? 40  VAL A CA  1 
ATOM   307  C  C   . VAL A 1 41  ? 8.307   5.599   8.994   1.00 34.76 ? 40  VAL A C   1 
ATOM   308  O  O   . VAL A 1 41  ? 9.503   5.422   9.199   1.00 36.43 ? 40  VAL A O   1 
ATOM   309  C  CB  . VAL A 1 41  ? 8.082   4.700   6.698   1.00 32.97 ? 40  VAL A CB  1 
ATOM   310  C  CG1 . VAL A 1 41  ? 7.447   3.479   7.339   1.00 36.05 ? 40  VAL A CG1 1 
ATOM   311  C  CG2 . VAL A 1 41  ? 7.518   4.896   5.263   1.00 32.62 ? 40  VAL A CG2 1 
ATOM   312  N  N   . GLU A 1 42  ? 7.392   5.580   9.959   1.00 35.16 ? 41  GLU A N   1 
ATOM   313  C  CA  . GLU A 1 42  ? 7.734   5.278   11.352  1.00 34.58 ? 41  GLU A CA  1 
ATOM   314  C  C   . GLU A 1 42  ? 7.200   3.904   11.689  1.00 34.57 ? 41  GLU A C   1 
ATOM   315  O  O   . GLU A 1 42  ? 6.052   3.595   11.399  1.00 33.66 ? 41  GLU A O   1 
ATOM   316  C  CB  . GLU A 1 42  ? 7.078   6.310   12.271  1.00 35.42 ? 41  GLU A CB  1 
ATOM   317  C  CG  . GLU A 1 42  ? 7.584   6.327   13.711  1.00 36.63 ? 41  GLU A CG  1 
ATOM   318  C  CD  . GLU A 1 42  ? 6.807   7.252   14.591  1.00 42.27 ? 41  GLU A CD  1 
ATOM   319  O  OE1 . GLU A 1 42  ? 6.007   8.025   14.039  1.00 41.93 ? 41  GLU A OE1 1 
ATOM   320  O  OE2 . GLU A 1 42  ? 7.001   7.219   15.842  1.00 46.17 ? 41  GLU A OE2 1 
ATOM   321  N  N   . ILE A 1 43  ? 8.015   3.061   12.297  1.00 34.45 ? 42  ILE A N   1 
ATOM   322  C  CA  . ILE A 1 43  ? 7.453   1.847   12.906  1.00 35.92 ? 42  ILE A CA  1 
ATOM   323  C  C   . ILE A 1 43  ? 7.081   2.127   14.388  1.00 35.57 ? 42  ILE A C   1 
ATOM   324  O  O   . ILE A 1 43  ? 7.916   2.490   15.222  1.00 34.76 ? 42  ILE A O   1 
ATOM   325  C  CB  . ILE A 1 43  ? 8.332   0.586   12.673  1.00 35.32 ? 42  ILE A CB  1 
ATOM   326  C  CG1 . ILE A 1 43  ? 7.896   -0.559  13.593  1.00 37.32 ? 42  ILE A CG1 1 
ATOM   327  C  CG2 . ILE A 1 43  ? 9.803   0.892   12.810  1.00 39.58 ? 42  ILE A CG2 1 
ATOM   328  C  CD1 . ILE A 1 43  ? 8.124   -1.904  13.009  1.00 43.55 ? 42  ILE A CD1 1 
ATOM   329  N  N   . VAL A 1 44  ? 5.794   1.980   14.696  1.00 35.82 ? 43  VAL A N   1 
ATOM   330  C  CA  . VAL A 1 44  ? 5.305   2.319   16.040  1.00 34.93 ? 43  VAL A CA  1 
ATOM   331  C  C   . VAL A 1 44  ? 5.065   1.086   16.932  1.00 33.44 ? 43  VAL A C   1 
ATOM   332  O  O   . VAL A 1 44  ? 5.133   1.189   18.155  1.00 31.41 ? 43  VAL A O   1 
ATOM   333  C  CB  . VAL A 1 44  ? 4.027   3.259   15.975  1.00 35.42 ? 43  VAL A CB  1 
ATOM   334  C  CG1 . VAL A 1 44  ? 4.365   4.575   15.279  1.00 39.17 ? 43  VAL A CG1 1 
ATOM   335  C  CG2 . VAL A 1 44  ? 2.905   2.612   15.271  1.00 34.36 ? 43  VAL A CG2 1 
ATOM   336  N  N   . GLU A 1 45  ? 4.798   -0.072  16.321  1.00 33.76 ? 44  GLU A N   1 
ATOM   337  C  CA  . GLU A 1 45  ? 4.553   -1.293  17.081  1.00 33.65 ? 44  GLU A CA  1 
ATOM   338  C  C   . GLU A 1 45  ? 4.989   -2.534  16.327  1.00 34.08 ? 44  GLU A C   1 
ATOM   339  O  O   . GLU A 1 45  ? 4.856   -2.614  15.141  1.00 36.96 ? 44  GLU A O   1 
ATOM   340  C  CB  . GLU A 1 45  ? 3.069   -1.391  17.476  1.00 34.37 ? 44  GLU A CB  1 
ATOM   341  C  CG  . GLU A 1 45  ? 2.550   -2.798  17.850  1.00 33.42 ? 44  GLU A CG  1 
ATOM   342  C  CD  . GLU A 1 45  ? 2.986   -3.296  19.188  1.00 41.92 ? 44  GLU A CD  1 
ATOM   343  O  OE1 . GLU A 1 45  ? 2.790   -4.506  19.460  1.00 46.10 ? 44  GLU A OE1 1 
ATOM   344  O  OE2 . GLU A 1 45  ? 3.496   -2.487  19.990  1.00 49.75 ? 44  GLU A OE2 1 
ATOM   345  N  N   . GLY A 1 46  ? 5.507   -3.512  17.058  1.00 35.47 ? 45  GLY A N   1 
ATOM   346  C  CA  . GLY A 1 46  ? 5.782   -4.821  16.525  1.00 35.58 ? 45  GLY A CA  1 
ATOM   347  C  C   . GLY A 1 46  ? 7.191   -4.900  15.971  1.00 36.86 ? 45  GLY A C   1 
ATOM   348  O  O   . GLY A 1 46  ? 7.992   -3.976  16.082  1.00 35.83 ? 45  GLY A O   1 
ATOM   349  N  N   . ASN A 1 47  ? 7.475   -6.019  15.336  1.00 38.17 ? 46  ASN A N   1 
ATOM   350  C  CA  . ASN A 1 47  ? 8.837   -6.358  14.969  1.00 38.46 ? 46  ASN A CA  1 
ATOM   351  C  C   . ASN A 1 47  ? 8.972   -6.664  13.503  1.00 39.11 ? 46  ASN A C   1 
ATOM   352  O  O   . ASN A 1 47  ? 9.921   -7.349  13.096  1.00 40.58 ? 46  ASN A O   1 
ATOM   353  C  CB  . ASN A 1 47  ? 9.252   -7.561  15.789  1.00 37.46 ? 46  ASN A CB  1 
ATOM   354  C  CG  . ASN A 1 47  ? 8.465   -8.780  15.453  1.00 34.60 ? 46  ASN A CG  1 
ATOM   355  O  OD1 . ASN A 1 47  ? 7.636   -8.771  14.555  1.00 33.52 ? 46  ASN A OD1 1 
ATOM   356  N  ND2 . ASN A 1 47  ? 8.722   -9.832  16.157  1.00 37.03 ? 46  ASN A ND2 1 
ATOM   357  N  N   . GLY A 1 48  ? 8.012   -6.188  12.732  1.00 39.28 ? 47  GLY A N   1 
ATOM   358  C  CA  . GLY A 1 48  ? 7.964   -6.352  11.243  1.00 39.21 ? 47  GLY A CA  1 
ATOM   359  C  C   . GLY A 1 48  ? 7.097   -7.539  10.834  1.00 39.32 ? 47  GLY A C   1 
ATOM   360  O  O   . GLY A 1 48  ? 6.789   -7.723  9.671   1.00 39.38 ? 47  GLY A O   1 
ATOM   361  N  N   . GLY A 1 49  ? 6.712   -8.378  11.784  1.00 38.71 ? 48  GLY A N   1 
ATOM   362  C  CA  . GLY A 1 49  ? 5.746   -9.452  11.465  1.00 39.77 ? 48  GLY A CA  1 
ATOM   363  C  C   . GLY A 1 49  ? 4.292   -9.015  11.569  1.00 39.53 ? 48  GLY A C   1 
ATOM   364  O  O   . GLY A 1 49  ? 4.019   -7.842  11.741  1.00 38.92 ? 48  GLY A O   1 
ATOM   365  N  N   . PRO A 1 50  ? 3.352   -9.973  11.582  1.00 40.81 ? 49  PRO A N   1 
ATOM   366  C  CA  . PRO A 1 50  ? 1.933   -9.635  11.762  1.00 40.39 ? 49  PRO A CA  1 
ATOM   367  C  C   . PRO A 1 50  ? 1.724   -8.889  13.075  1.00 39.10 ? 49  PRO A C   1 
ATOM   368  O  O   . PRO A 1 50  ? 2.373   -9.234  14.078  1.00 36.25 ? 49  PRO A O   1 
ATOM   369  C  CB  . PRO A 1 50  ? 1.258   -11.007 11.839  1.00 40.75 ? 49  PRO A CB  1 
ATOM   370  C  CG  . PRO A 1 50  ? 2.179   -11.932 11.211  1.00 41.13 ? 49  PRO A CG  1 
ATOM   371  C  CD  . PRO A 1 50  ? 3.545   -11.431 11.544  1.00 41.60 ? 49  PRO A CD  1 
ATOM   372  N  N   . GLY A 1 51  ? 0.827   -7.898  13.068  1.00 38.13 ? 50  GLY A N   1 
ATOM   373  C  CA  . GLY A 1 51  ? 0.631   -7.042  14.231  1.00 37.52 ? 50  GLY A CA  1 
ATOM   374  C  C   . GLY A 1 51  ? 1.403   -5.733  14.147  1.00 37.49 ? 50  GLY A C   1 
ATOM   375  O  O   . GLY A 1 51  ? 1.105   -4.779  14.859  1.00 38.58 ? 50  GLY A O   1 
ATOM   376  N  N   . THR A 1 52  ? 2.386   -5.668  13.255  1.00 36.36 ? 51  THR A N   1 
ATOM   377  C  CA  . THR A 1 52  ? 3.246   -4.524  13.169  1.00 34.37 ? 51  THR A CA  1 
ATOM   378  C  C   . THR A 1 52  ? 2.412   -3.362  12.630  1.00 33.26 ? 51  THR A C   1 
ATOM   379  O  O   . THR A 1 52  ? 1.632   -3.546  11.681  1.00 35.07 ? 51  THR A O   1 
ATOM   380  C  CB  . THR A 1 52  ? 4.468   -4.809  12.283  1.00 34.39 ? 51  THR A CB  1 
ATOM   381  O  OG1 . THR A 1 52  ? 5.249   -5.848  12.879  1.00 33.12 ? 51  THR A OG1 1 
ATOM   382  C  CG2 . THR A 1 52  ? 5.341   -3.549  12.061  1.00 36.98 ? 51  THR A CG2 1 
ATOM   383  N  N   . ILE A 1 53  ? 2.619   -2.189  13.201  1.00 31.75 ? 52  ILE A N   1 
ATOM   384  C  CA  . ILE A 1 53  ? 1.976   -0.959  12.744  1.00 31.65 ? 52  ILE A CA  1 
ATOM   385  C  C   . ILE A 1 53  ? 2.985   0.025   12.263  1.00 32.48 ? 52  ILE A C   1 
ATOM   386  O  O   . ILE A 1 53  ? 3.915   0.347   12.971  1.00 32.38 ? 52  ILE A O   1 
ATOM   387  C  CB  . ILE A 1 53  ? 1.154   -0.274  13.872  1.00 32.56 ? 52  ILE A CB  1 
ATOM   388  C  CG1 . ILE A 1 53  ? 0.141   -1.268  14.425  1.00 30.21 ? 52  ILE A CG1 1 
ATOM   389  C  CG2 . ILE A 1 53  ? 0.366   0.951   13.276  1.00 28.27 ? 52  ILE A CG2 1 
ATOM   390  C  CD1 . ILE A 1 53  ? -0.903  -0.641  15.259  1.00 37.97 ? 52  ILE A CD1 1 
ATOM   391  N  N   . LYS A 1 54  ? 2.813   0.503   11.053  1.00 33.48 ? 53  LYS A N   1 
ATOM   392  C  CA  . LYS A 1 54  ? 3.693   1.480   10.486  1.00 35.61 ? 53  LYS A CA  1 
ATOM   393  C  C   . LYS A 1 54  ? 2.880   2.752   10.289  1.00 36.02 ? 53  LYS A C   1 
ATOM   394  O  O   . LYS A 1 54  ? 1.669   2.669   9.996   1.00 37.54 ? 53  LYS A O   1 
ATOM   395  C  CB  . LYS A 1 54  ? 4.186   0.940   9.123   1.00 37.38 ? 53  LYS A CB  1 
ATOM   396  C  CG  . LYS A 1 54  ? 4.703   -0.455  9.228   1.00 43.31 ? 53  LYS A CG  1 
ATOM   397  C  CD  . LYS A 1 54  ? 5.256   -0.934  7.895   1.00 53.46 ? 53  LYS A CD  1 
ATOM   398  C  CE  . LYS A 1 54  ? 6.059   -2.196  8.081   1.00 53.57 ? 53  LYS A CE  1 
ATOM   399  N  NZ  . LYS A 1 54  ? 6.475   -2.744  6.759   1.00 60.40 ? 53  LYS A NZ  1 
ATOM   400  N  N   . LYS A 1 55  ? 3.523   3.906   10.444  1.00 34.97 ? 54  LYS A N   1 
ATOM   401  C  CA  . LYS A 1 55  ? 2.921   5.195   10.202  1.00 35.57 ? 54  LYS A CA  1 
ATOM   402  C  C   . LYS A 1 55  ? 3.596   5.866   8.987   1.00 36.59 ? 54  LYS A C   1 
ATOM   403  O  O   . LYS A 1 55  ? 4.777   6.182   9.007   1.00 38.38 ? 54  LYS A O   1 
ATOM   404  C  CB  . LYS A 1 55  ? 3.027   6.058   11.471  1.00 35.68 ? 54  LYS A CB  1 
ATOM   405  C  CG  . LYS A 1 55  ? 2.373   7.425   11.381  1.00 37.71 ? 54  LYS A CG  1 
ATOM   406  C  CD  . LYS A 1 55  ? 2.231   8.029   12.732  1.00 31.37 ? 54  LYS A CD  1 
ATOM   407  C  CE  . LYS A 1 55  ? 1.725   9.439   12.696  1.00 35.70 ? 54  LYS A CE  1 
ATOM   408  N  NZ  . LYS A 1 55  ? 1.449   10.021  14.083  1.00 34.12 ? 54  LYS A NZ  1 
ATOM   409  N  N   . LEU A 1 56  ? 2.827   6.118   7.941   1.00 36.39 ? 55  LEU A N   1 
ATOM   410  C  CA  . LEU A 1 56  ? 3.356   6.692   6.716   1.00 35.61 ? 55  LEU A CA  1 
ATOM   411  C  C   . LEU A 1 56  ? 2.846   8.103   6.643   1.00 35.79 ? 55  LEU A C   1 
ATOM   412  O  O   . LEU A 1 56  ? 1.618   8.306   6.659   1.00 34.33 ? 55  LEU A O   1 
ATOM   413  C  CB  A LEU A 1 56  ? 2.870   5.895   5.520   0.50 36.73 ? 55  LEU A CB  1 
ATOM   414  C  CB  B LEU A 1 56  ? 2.815   5.871   5.527   0.50 37.24 ? 55  LEU A CB  1 
ATOM   415  C  CG  A LEU A 1 56  ? 3.341   4.454   5.500   0.50 30.54 ? 55  LEU A CG  1 
ATOM   416  C  CG  B LEU A 1 56  ? 3.748   5.342   4.433   0.50 39.30 ? 55  LEU A CG  1 
ATOM   417  C  CD1 A LEU A 1 56  ? 2.455   3.538   6.349   0.50 33.11 ? 55  LEU A CD1 1 
ATOM   418  C  CD1 B LEU A 1 56  ? 3.932   3.853   4.623   0.50 41.24 ? 55  LEU A CD1 1 
ATOM   419  C  CD2 A LEU A 1 56  ? 3.376   3.982   4.037   0.50 32.54 ? 55  LEU A CD2 1 
ATOM   420  C  CD2 B LEU A 1 56  ? 3.193   5.618   3.063   0.50 38.20 ? 55  LEU A CD2 1 
ATOM   421  N  N   . THR A 1 57  ? 3.752   9.088   6.507   1.00 34.86 ? 56  THR A N   1 
ATOM   422  C  CA  . THR A 1 57  ? 3.346   10.489  6.442   1.00 34.97 ? 56  THR A CA  1 
ATOM   423  C  C   . THR A 1 57  ? 3.646   11.045  5.064   1.00 35.32 ? 56  THR A C   1 
ATOM   424  O  O   . THR A 1 57  ? 4.707   10.781  4.498   1.00 35.21 ? 56  THR A O   1 
ATOM   425  C  CB  . THR A 1 57  ? 4.006   11.297  7.559   1.00 35.38 ? 56  THR A CB  1 
ATOM   426  O  OG1 . THR A 1 57  ? 3.640   10.707  8.806   1.00 33.72 ? 56  THR A OG1 1 
ATOM   427  C  CG2 . THR A 1 57  ? 3.581   12.807  7.538   1.00 35.56 ? 56  THR A CG2 1 
ATOM   428  N  N   . PHE A 1 58  ? 2.693   11.769  4.515   1.00 36.25 ? 57  PHE A N   1 
ATOM   429  C  CA  . PHE A 1 58  ? 2.801   12.259  3.134   1.00 37.52 ? 57  PHE A CA  1 
ATOM   430  C  C   . PHE A 1 58  ? 2.104   13.586  2.929   1.00 38.78 ? 57  PHE A C   1 
ATOM   431  O  O   . PHE A 1 58  ? 1.388   14.069  3.806   1.00 38.86 ? 57  PHE A O   1 
ATOM   432  C  CB  . PHE A 1 58  ? 2.224   11.204  2.179   1.00 38.34 ? 57  PHE A CB  1 
ATOM   433  C  CG  . PHE A 1 58  ? 0.780   10.925  2.408   1.00 38.91 ? 57  PHE A CG  1 
ATOM   434  C  CD1 . PHE A 1 58  ? -0.178  11.578  1.694   1.00 45.16 ? 57  PHE A CD1 1 
ATOM   435  C  CD2 . PHE A 1 58  ? 0.393   10.028  3.383   1.00 46.01 ? 57  PHE A CD2 1 
ATOM   436  C  CE1 . PHE A 1 58  ? -1.513  11.328  1.923   1.00 47.78 ? 57  PHE A CE1 1 
ATOM   437  C  CE2 . PHE A 1 58  ? -0.942  9.776   3.632   1.00 46.93 ? 57  PHE A CE2 1 
ATOM   438  C  CZ  . PHE A 1 58  ? -1.898  10.437  2.889   1.00 49.13 ? 57  PHE A CZ  1 
ATOM   439  N  N   . ILE A 1 59  ? 2.340   14.165  1.747   1.00 39.81 ? 58  ILE A N   1 
ATOM   440  C  CA  . ILE A 1 59  ? 1.850   15.482  1.360   1.00 41.23 ? 58  ILE A CA  1 
ATOM   441  C  C   . ILE A 1 59  ? 0.862   15.304  0.226   1.00 43.12 ? 58  ILE A C   1 
ATOM   442  O  O   . ILE A 1 59  ? 1.067   14.489  -0.703  1.00 42.76 ? 58  ILE A O   1 
ATOM   443  C  CB  . ILE A 1 59  ? 2.981   16.427  0.888   1.00 40.79 ? 58  ILE A CB  1 
ATOM   444  C  CG1 . ILE A 1 59  ? 3.975   16.712  2.011   1.00 40.46 ? 58  ILE A CG1 1 
ATOM   445  C  CG2 . ILE A 1 59  ? 2.409   17.752  0.332   1.00 42.90 ? 58  ILE A CG2 1 
ATOM   446  C  CD1 . ILE A 1 59  ? 3.493   17.649  3.065   1.00 39.43 ? 58  ILE A CD1 1 
ATOM   447  N  N   . GLU A 1 60  ? -0.215  16.074  0.317   1.00 45.57 ? 59  GLU A N   1 
ATOM   448  C  CA  . GLU A 1 60  ? -1.328  15.990  -0.604  1.00 47.27 ? 59  GLU A CA  1 
ATOM   449  C  C   . GLU A 1 60  ? -2.122  17.273  -0.395  1.00 47.69 ? 59  GLU A C   1 
ATOM   450  O  O   . GLU A 1 60  ? -2.469  17.618  0.741   1.00 47.56 ? 59  GLU A O   1 
ATOM   451  C  CB  . GLU A 1 60  ? -2.160  14.734  -0.297  1.00 48.02 ? 59  GLU A CB  1 
ATOM   452  C  CG  . GLU A 1 60  ? -3.204  14.341  -1.368  1.00 51.70 ? 59  GLU A CG  1 
ATOM   453  C  CD  . GLU A 1 60  ? -4.121  13.196  -0.916  1.00 59.34 ? 59  GLU A CD  1 
ATOM   454  O  OE1 . GLU A 1 60  ? -4.365  13.060  0.303   1.00 66.86 ? 59  GLU A OE1 1 
ATOM   455  O  OE2 . GLU A 1 60  ? -4.610  12.432  -1.780  1.00 61.87 ? 59  GLU A OE2 1 
ATOM   456  N  N   . GLY A 1 61  ? -2.340  18.015  -1.481  1.00 48.13 ? 60  GLY A N   1 
ATOM   457  C  CA  . GLY A 1 61  ? -3.127  19.245  -1.443  1.00 48.43 ? 60  GLY A CA  1 
ATOM   458  C  C   . GLY A 1 61  ? -2.577  20.367  -0.570  1.00 49.24 ? 60  GLY A C   1 
ATOM   459  O  O   . GLY A 1 61  ? -3.329  21.264  -0.146  1.00 49.76 ? 60  GLY A O   1 
ATOM   460  N  N   . GLY A 1 62  ? -1.273  20.353  -0.306  1.00 49.81 ? 61  GLY A N   1 
ATOM   461  C  CA  . GLY A 1 62  ? -0.674  21.323  0.621   1.00 50.42 ? 61  GLY A CA  1 
ATOM   462  C  C   . GLY A 1 62  ? -0.604  20.774  2.039   1.00 50.96 ? 61  GLY A C   1 
ATOM   463  O  O   . GLY A 1 62  ? 0.156   21.286  2.872   1.00 51.36 ? 61  GLY A O   1 
ATOM   464  N  N   . GLU A 1 63  ? -1.378  19.717  2.299   1.00 51.13 ? 62  GLU A N   1 
ATOM   465  C  CA  . GLU A 1 63  ? -1.563  19.160  3.644   1.00 51.28 ? 62  GLU A CA  1 
ATOM   466  C  C   . GLU A 1 63  ? -0.605  18.011  3.928   1.00 50.44 ? 62  GLU A C   1 
ATOM   467  O  O   . GLU A 1 63  ? -0.363  17.175  3.056   1.00 50.53 ? 62  GLU A O   1 
ATOM   468  C  CB  . GLU A 1 63  ? -2.989  18.602  3.787   1.00 51.79 ? 62  GLU A CB  1 
ATOM   469  C  CG  . GLU A 1 63  ? -4.120  19.547  3.385   1.00 53.60 ? 62  GLU A CG  1 
ATOM   470  C  CD  . GLU A 1 63  ? -4.186  20.790  4.248   1.00 60.40 ? 62  GLU A CD  1 
ATOM   471  O  OE1 . GLU A 1 63  ? -3.539  20.812  5.324   1.00 65.78 ? 62  GLU A OE1 1 
ATOM   472  O  OE2 . GLU A 1 63  ? -4.893  21.745  3.853   1.00 60.88 ? 62  GLU A OE2 1 
ATOM   473  N  N   . SER A 1 64  ? -0.070  17.979  5.149   1.00 49.49 ? 63  SER A N   1 
ATOM   474  C  CA  . SER A 1 64  ? 0.648   16.815  5.662   1.00 48.72 ? 63  SER A CA  1 
ATOM   475  C  C   . SER A 1 64  ? -0.369  15.896  6.303   1.00 47.47 ? 63  SER A C   1 
ATOM   476  O  O   . SER A 1 64  ? -1.040  16.273  7.257   1.00 47.98 ? 63  SER A O   1 
ATOM   477  C  CB  . SER A 1 64  ? 1.680   17.206  6.723   1.00 49.11 ? 63  SER A CB  1 
ATOM   478  O  OG  . SER A 1 64  ? 2.378   16.058  7.208   1.00 48.18 ? 63  SER A OG  1 
ATOM   479  N  N   . LYS A 1 65  ? -0.468  14.692  5.770   1.00 46.42 ? 64  LYS A N   1 
ATOM   480  C  CA  . LYS A 1 65  ? -1.410  13.686  6.240   1.00 44.92 ? 64  LYS A CA  1 
ATOM   481  C  C   . LYS A 1 65  ? -0.639  12.423  6.586   1.00 43.50 ? 64  LYS A C   1 
ATOM   482  O  O   . LYS A 1 65  ? 0.546   12.306  6.284   1.00 41.84 ? 64  LYS A O   1 
ATOM   483  C  CB  . LYS A 1 65  ? -2.428  13.356  5.142   1.00 44.90 ? 64  LYS A CB  1 
ATOM   484  C  CG  . LYS A 1 65  ? -2.828  14.517  4.299   1.00 46.02 ? 64  LYS A CG  1 
ATOM   485  C  CD  . LYS A 1 65  ? -4.030  14.230  3.434   1.00 51.19 ? 64  LYS A CD  1 
ATOM   486  C  CE  . LYS A 1 65  ? -4.498  15.519  2.734   1.00 54.43 ? 64  LYS A CE  1 
ATOM   487  N  NZ  . LYS A 1 65  ? -5.586  15.224  1.784   1.00 54.79 ? 64  LYS A NZ  1 
ATOM   488  N  N   . TYR A 1 66  ? -1.317  11.472  7.228   1.00 42.93 ? 65  TYR A N   1 
ATOM   489  C  CA  . TYR A 1 66  ? -0.705  10.188  7.516   1.00 41.59 ? 65  TYR A CA  1 
ATOM   490  C  C   . TYR A 1 66  ? -1.729  9.077   7.591   1.00 40.91 ? 65  TYR A C   1 
ATOM   491  O  O   . TYR A 1 66  ? -2.950  9.311   7.681   1.00 39.61 ? 65  TYR A O   1 
ATOM   492  C  CB  . TYR A 1 66  ? 0.059   10.234  8.844   1.00 42.02 ? 65  TYR A CB  1 
ATOM   493  C  CG  . TYR A 1 66  ? -0.840  10.145  10.074  1.00 45.38 ? 65  TYR A CG  1 
ATOM   494  C  CD1 . TYR A 1 66  ? -1.143  8.921   10.654  1.00 43.70 ? 65  TYR A CD1 1 
ATOM   495  C  CD2 . TYR A 1 66  ? -1.385  11.286  10.649  1.00 48.36 ? 65  TYR A CD2 1 
ATOM   496  C  CE1 . TYR A 1 66  ? -1.956  8.824   11.752  1.00 43.79 ? 65  TYR A CE1 1 
ATOM   497  C  CE2 . TYR A 1 66  ? -2.206  11.191  11.768  1.00 51.39 ? 65  TYR A CE2 1 
ATOM   498  C  CZ  . TYR A 1 66  ? -2.492  9.952   12.310  1.00 50.55 ? 65  TYR A CZ  1 
ATOM   499  O  OH  . TYR A 1 66  ? -3.298  9.840   13.444  1.00 51.74 ? 65  TYR A OH  1 
ATOM   500  N  N   . VAL A 1 67  ? -1.196  7.862   7.594   1.00 39.48 ? 66  VAL A N   1 
ATOM   501  C  CA  . VAL A 1 67  ? -2.000  6.662   7.719   1.00 38.41 ? 66  VAL A CA  1 
ATOM   502  C  C   . VAL A 1 67  ? -1.274  5.661   8.547   1.00 36.66 ? 66  VAL A C   1 
ATOM   503  O  O   . VAL A 1 67  ? -0.073  5.527   8.424   1.00 37.43 ? 66  VAL A O   1 
ATOM   504  C  CB  . VAL A 1 67  ? -2.225  5.973   6.365   1.00 37.34 ? 66  VAL A CB  1 
ATOM   505  C  CG1 . VAL A 1 67  ? -3.028  6.844   5.418   1.00 43.91 ? 66  VAL A CG1 1 
ATOM   506  C  CG2 . VAL A 1 67  ? -0.888  5.570   5.756   1.00 39.13 ? 66  VAL A CG2 1 
ATOM   507  N  N   . LEU A 1 68  ? -2.023  4.904   9.331   1.00 36.30 ? 67  LEU A N   1 
ATOM   508  C  CA  . LEU A 1 68  ? -1.491  3.765   10.065  1.00 35.58 ? 67  LEU A CA  1 
ATOM   509  C  C   . LEU A 1 68  ? -1.825  2.466   9.346   1.00 35.72 ? 67  LEU A C   1 
ATOM   510  O  O   . LEU A 1 68  ? -2.965  2.211   9.070   1.00 34.80 ? 67  LEU A O   1 
ATOM   511  C  CB  . LEU A 1 68  ? -2.095  3.759   11.466  1.00 36.15 ? 67  LEU A CB  1 
ATOM   512  C  CG  . LEU A 1 68  ? -1.816  4.997   12.312  1.00 38.82 ? 67  LEU A CG  1 
ATOM   513  C  CD1 . LEU A 1 68  ? -2.529  4.769   13.673  1.00 35.75 ? 67  LEU A CD1 1 
ATOM   514  C  CD2 . LEU A 1 68  ? -0.317  5.224   12.472  1.00 35.14 ? 67  LEU A CD2 1 
ATOM   515  N  N   . HIS A 1 69  ? -0.786  1.686   9.034   1.00 36.56 ? 68  HIS A N   1 
ATOM   516  C  CA  . HIS A 1 69  ? -0.803  0.415   8.310   1.00 37.28 ? 68  HIS A CA  1 
ATOM   517  C  C   . HIS A 1 69  ? -0.486  -0.672  9.327   1.00 39.14 ? 68  HIS A C   1 
ATOM   518  O  O   . HIS A 1 69  ? 0.516   -0.606  9.992   1.00 38.94 ? 68  HIS A O   1 
ATOM   519  C  CB  A HIS A 1 69  ? 0.236   0.312   7.189   0.50 38.19 ? 68  HIS A CB  1 
ATOM   520  C  CB  B HIS A 1 69  ? 0.308   0.683   7.283   0.50 38.61 ? 68  HIS A CB  1 
ATOM   521  C  CG  A HIS A 1 69  ? -0.154  1.021   5.933   0.50 36.41 ? 68  HIS A CG  1 
ATOM   522  C  CG  B HIS A 1 69  ? 0.772   -0.466  6.464   0.50 35.16 ? 68  HIS A CG  1 
ATOM   523  N  ND1 A HIS A 1 69  ? 0.236   0.598   4.682   0.50 35.61 ? 68  HIS A ND1 1 
ATOM   524  N  ND1 B HIS A 1 69  ? 0.765   -0.415  5.091   0.50 42.70 ? 68  HIS A ND1 1 
ATOM   525  C  CD2 A HIS A 1 69  ? -0.899  2.133   5.738   0.50 38.09 ? 68  HIS A CD2 1 
ATOM   526  C  CD2 B HIS A 1 69  ? 1.445   -1.591  6.794   0.50 39.68 ? 68  HIS A CD2 1 
ATOM   527  C  CE1 A HIS A 1 69  ? -0.244  1.431   3.771   0.50 39.28 ? 68  HIS A CE1 1 
ATOM   528  C  CE1 B HIS A 1 69  ? 1.324   -1.509  4.609   0.50 41.25 ? 68  HIS A CE1 1 
ATOM   529  N  NE2 A HIS A 1 69  ? -0.918  2.380   4.387   0.50 32.20 ? 68  HIS A NE2 1 
ATOM   530  N  NE2 B HIS A 1 69  ? 1.738   -2.243  5.622   0.50 43.31 ? 68  HIS A NE2 1 
ATOM   531  N  N   . LYS A 1 70  ? -1.385  -1.628  9.509   1.00 40.08 ? 69  LYS A N   1 
ATOM   532  C  CA  . LYS A 1 70  ? -1.175  -2.770  10.368  1.00 39.41 ? 69  LYS A CA  1 
ATOM   533  C  C   . LYS A 1 70  ? -0.998  -4.007  9.510   1.00 40.36 ? 69  LYS A C   1 
ATOM   534  O  O   . LYS A 1 70  ? -1.843  -4.271  8.675   1.00 41.11 ? 69  LYS A O   1 
ATOM   535  C  CB  . LYS A 1 70  ? -2.413  -2.958  11.193  1.00 39.99 ? 69  LYS A CB  1 
ATOM   536  C  CG  . LYS A 1 70  ? -2.374  -4.112  12.088  1.00 36.63 ? 69  LYS A CG  1 
ATOM   537  C  CD  . LYS A 1 70  ? -3.574  -4.140  13.046  1.00 49.27 ? 69  LYS A CD  1 
ATOM   538  C  CE  . LYS A 1 70  ? -4.617  -5.212  12.745  1.00 49.87 ? 69  LYS A CE  1 
ATOM   539  N  NZ  . LYS A 1 70  ? -4.573  -6.329  13.781  1.00 47.58 ? 69  LYS A NZ  1 
ATOM   540  N  N   . ILE A 1 71  ? 0.101   -4.742  9.691   1.00 40.78 ? 70  ILE A N   1 
ATOM   541  C  CA  . ILE A 1 71  ? 0.375   -5.971  8.904   1.00 39.70 ? 70  ILE A CA  1 
ATOM   542  C  C   . ILE A 1 71  ? -0.526  -7.064  9.422   1.00 39.85 ? 70  ILE A C   1 
ATOM   543  O  O   . ILE A 1 71  ? -0.426  -7.414  10.587  1.00 39.58 ? 70  ILE A O   1 
ATOM   544  C  CB  . ILE A 1 71  ? 1.832   -6.404  9.003   1.00 38.01 ? 70  ILE A CB  1 
ATOM   545  C  CG1 . ILE A 1 71  ? 2.777   -5.274  8.603   1.00 38.62 ? 70  ILE A CG1 1 
ATOM   546  C  CG2 . ILE A 1 71  ? 2.107   -7.723  8.203   1.00 41.53 ? 70  ILE A CG2 1 
ATOM   547  C  CD1 . ILE A 1 71  ? 4.298   -5.702  8.616   1.00 38.34 ? 70  ILE A CD1 1 
ATOM   548  N  N   . GLU A 1 72  ? -1.407  -7.582  8.546   1.00 41.00 ? 71  GLU A N   1 
ATOM   549  C  CA  . GLU A 1 72  ? -2.373  -8.636  8.858   1.00 41.30 ? 71  GLU A CA  1 
ATOM   550  C  C   . GLU A 1 72  ? -1.743  -10.014 8.676   1.00 42.34 ? 71  GLU A C   1 
ATOM   551  O  O   . GLU A 1 72  ? -1.917  -10.887 9.556   1.00 41.72 ? 71  GLU A O   1 
ATOM   552  C  CB  . GLU A 1 72  ? -3.638  -8.596  7.998   1.00 42.62 ? 71  GLU A CB  1 
ATOM   553  C  CG  . GLU A 1 72  ? -4.571  -7.354  8.083   1.00 43.86 ? 71  GLU A CG  1 
ATOM   554  C  CD  . GLU A 1 72  ? -5.270  -7.212  9.404   1.00 46.00 ? 71  GLU A CD  1 
ATOM   555  O  OE1 . GLU A 1 72  ? -5.922  -6.176  9.627   1.00 47.35 ? 71  GLU A OE1 1 
ATOM   556  O  OE2 . GLU A 1 72  ? -5.164  -8.115  10.254  1.00 53.42 ? 71  GLU A OE2 1 
ATOM   557  N  N   . ALA A 1 73  ? -1.052  -10.195 7.541   1.00 42.21 ? 72  ALA A N   1 
ATOM   558  C  CA  . ALA A 1 73  ? -0.318  -11.421 7.177   1.00 42.02 ? 72  ALA A CA  1 
ATOM   559  C  C   . ALA A 1 73  ? 0.820   -11.078 6.245   1.00 41.36 ? 72  ALA A C   1 
ATOM   560  O  O   . ALA A 1 73  ? 0.771   -10.103 5.525   1.00 42.30 ? 72  ALA A O   1 
ATOM   561  C  CB  . ALA A 1 73  ? -1.226  -12.439 6.531   1.00 42.49 ? 72  ALA A CB  1 
ATOM   562  N  N   . ILE A 1 74  ? 1.833   -11.921 6.248   1.00 41.31 ? 73  ILE A N   1 
ATOM   563  C  CA  . ILE A 1 74  ? 3.099   -11.689 5.568   1.00 40.70 ? 73  ILE A CA  1 
ATOM   564  C  C   . ILE A 1 74  ? 3.592   -13.091 5.185   1.00 41.41 ? 73  ILE A C   1 
ATOM   565  O  O   . ILE A 1 74  ? 3.834   -13.921 6.072   1.00 39.46 ? 73  ILE A O   1 
ATOM   566  C  CB  . ILE A 1 74  ? 4.051   -10.855 6.511   1.00 40.97 ? 73  ILE A CB  1 
ATOM   567  C  CG1 . ILE A 1 74  ? 5.379   -10.507 5.854   1.00 44.06 ? 73  ILE A CG1 1 
ATOM   568  C  CG2 . ILE A 1 74  ? 4.227   -11.534 7.898   1.00 38.51 ? 73  ILE A CG2 1 
ATOM   569  C  CD1 . ILE A 1 74  ? 5.718   -9.018  6.009   1.00 45.54 ? 73  ILE A CD1 1 
ATOM   570  N  N   . ASP A 1 75  ? 3.652   -13.370 3.865   1.00 39.80 ? 74  ASP A N   1 
ATOM   571  C  CA  . ASP A 1 75  ? 4.098   -14.664 3.368   1.00 38.92 ? 74  ASP A CA  1 
ATOM   572  C  C   . ASP A 1 75  ? 5.210   -14.380 2.384   1.00 38.80 ? 74  ASP A C   1 
ATOM   573  O  O   . ASP A 1 75  ? 4.982   -14.150 1.194   1.00 38.66 ? 74  ASP A O   1 
ATOM   574  C  CB  . ASP A 1 75  ? 2.927   -15.445 2.762   1.00 37.84 ? 74  ASP A CB  1 
ATOM   575  C  CG  . ASP A 1 75  ? 3.310   -16.849 2.322   1.00 39.19 ? 74  ASP A CG  1 
ATOM   576  O  OD1 . ASP A 1 75  ? 4.459   -17.288 2.571   1.00 33.33 ? 74  ASP A OD1 1 
ATOM   577  O  OD2 . ASP A 1 75  ? 2.460   -17.525 1.701   1.00 42.74 ? 74  ASP A OD2 1 
ATOM   578  N  N   . GLU A 1 76  ? 6.429   -14.281 2.904   1.00 38.29 ? 75  GLU A N   1 
ATOM   579  C  CA  . GLU A 1 76  ? 7.519   -13.763 2.101   1.00 38.16 ? 75  GLU A CA  1 
ATOM   580  C  C   . GLU A 1 76  ? 7.855   -14.778 1.033   1.00 38.33 ? 75  GLU A C   1 
ATOM   581  O  O   . GLU A 1 76  ? 8.206   -14.425 -0.068  1.00 39.59 ? 75  GLU A O   1 
ATOM   582  C  CB  . GLU A 1 76  ? 8.743   -13.422 2.951   1.00 39.21 ? 75  GLU A CB  1 
ATOM   583  C  CG  . GLU A 1 76  ? 10.068  -13.468 2.134   1.00 43.69 ? 75  GLU A CG  1 
ATOM   584  C  CD  . GLU A 1 76  ? 11.161  -12.595 2.677   1.00 54.17 ? 75  GLU A CD  1 
ATOM   585  O  OE1 . GLU A 1 76  ? 11.326  -12.518 3.923   1.00 55.37 ? 75  GLU A OE1 1 
ATOM   586  O  OE2 . GLU A 1 76  ? 11.859  -11.987 1.834   1.00 55.21 ? 75  GLU A OE2 1 
ATOM   587  N  N   . ALA A 1 77  ? 7.778   -16.050 1.393   1.00 37.78 ? 76  ALA A N   1 
ATOM   588  C  CA  . ALA A 1 77  ? 7.939   -17.141 0.465   1.00 38.09 ? 76  ALA A CA  1 
ATOM   589  C  C   . ALA A 1 77  ? 7.094   -16.949 -0.774  1.00 38.79 ? 76  ALA A C   1 
ATOM   590  O  O   . ALA A 1 77  ? 7.578   -17.149 -1.901  1.00 40.48 ? 76  ALA A O   1 
ATOM   591  C  CB  . ALA A 1 77  ? 7.568   -18.446 1.153   1.00 37.36 ? 76  ALA A CB  1 
ATOM   592  N  N   . ASN A 1 78  ? 5.840   -16.547 -0.587  1.00 37.98 ? 77  ASN A N   1 
ATOM   593  C  CA  . ASN A 1 78  ? 4.960   -16.360 -1.742  1.00 37.78 ? 77  ASN A CA  1 
ATOM   594  C  C   . ASN A 1 78  ? 4.702   -14.936 -2.225  1.00 36.84 ? 77  ASN A C   1 
ATOM   595  O  O   . ASN A 1 78  ? 3.814   -14.726 -3.056  1.00 36.54 ? 77  ASN A O   1 
ATOM   596  C  CB  . ASN A 1 78  ? 3.649   -17.053 -1.480  1.00 38.86 ? 77  ASN A CB  1 
ATOM   597  C  CG  . ASN A 1 78  ? 3.823   -18.523 -1.367  1.00 37.80 ? 77  ASN A CG  1 
ATOM   598  O  OD1 . ASN A 1 78  ? 4.375   -19.166 -2.284  1.00 37.33 ? 77  ASN A OD1 1 
ATOM   599  N  ND2 . ASN A 1 78  ? 3.417   -19.083 -0.226  1.00 40.47 ? 77  ASN A ND2 1 
ATOM   600  N  N   . LEU A 1 79  ? 5.505   -13.992 -1.749  1.00 34.83 ? 78  LEU A N   1 
ATOM   601  C  CA  . LEU A 1 79  ? 5.390   -12.585 -2.115  1.00 34.53 ? 78  LEU A CA  1 
ATOM   602  C  C   . LEU A 1 79  ? 4.020   -12.067 -1.763  1.00 34.82 ? 78  LEU A C   1 
ATOM   603  O  O   . LEU A 1 79  ? 3.426   -11.271 -2.486  1.00 32.80 ? 78  LEU A O   1 
ATOM   604  C  CB  . LEU A 1 79  ? 5.793   -12.338 -3.595  1.00 34.62 ? 78  LEU A CB  1 
ATOM   605  C  CG  . LEU A 1 79  ? 7.191   -12.873 -3.998  1.00 33.36 ? 78  LEU A CG  1 
ATOM   606  C  CD1 . LEU A 1 79  ? 7.717   -12.404 -5.397  1.00 32.66 ? 78  LEU A CD1 1 
ATOM   607  C  CD2 . LEU A 1 79  ? 8.224   -12.555 -2.955  1.00 37.23 ? 78  LEU A CD2 1 
ATOM   608  N  N   . GLY A 1 80  ? 3.545   -12.479 -0.586  1.00 35.19 ? 79  GLY A N   1 
ATOM   609  C  CA  . GLY A 1 80  ? 2.268   -11.996 -0.067  1.00 36.86 ? 79  GLY A CA  1 
ATOM   610  C  C   . GLY A 1 80  ? 2.377   -11.114 1.165   1.00 38.49 ? 79  GLY A C   1 
ATOM   611  O  O   . GLY A 1 80  ? 3.233   -11.276 1.980   1.00 38.90 ? 79  GLY A O   1 
ATOM   612  N  N   . TYR A 1 81  ? 1.451   -10.177 1.284   1.00 40.21 ? 80  TYR A N   1 
ATOM   613  C  CA  . TYR A 1 81  ? 1.490   -9.161  2.322   1.00 39.14 ? 80  TYR A CA  1 
ATOM   614  C  C   . TYR A 1 81  ? 0.100   -8.628  2.460   1.00 39.05 ? 80  TYR A C   1 
ATOM   615  O  O   . TYR A 1 81  ? -0.415  -8.055  1.520   1.00 39.31 ? 80  TYR A O   1 
ATOM   616  C  CB  . TYR A 1 81  ? 2.365   -8.026  1.862   1.00 37.11 ? 80  TYR A CB  1 
ATOM   617  C  CG  . TYR A 1 81  ? 2.550   -6.964  2.891   1.00 37.46 ? 80  TYR A CG  1 
ATOM   618  C  CD1 . TYR A 1 81  ? 3.443   -7.132  3.942   1.00 31.37 ? 80  TYR A CD1 1 
ATOM   619  C  CD2 . TYR A 1 81  ? 1.890   -5.756  2.780   1.00 39.22 ? 80  TYR A CD2 1 
ATOM   620  C  CE1 . TYR A 1 81  ? 3.649   -6.159  4.820   1.00 34.11 ? 80  TYR A CE1 1 
ATOM   621  C  CE2 . TYR A 1 81  ? 2.081   -4.776  3.696   1.00 41.90 ? 80  TYR A CE2 1 
ATOM   622  C  CZ  . TYR A 1 81  ? 2.962   -4.975  4.713   1.00 38.67 ? 80  TYR A CZ  1 
ATOM   623  O  OH  . TYR A 1 81  ? 3.187   -3.968  5.632   1.00 44.24 ? 80  TYR A OH  1 
ATOM   624  N  N   . ASN A 1 82  ? -0.499  -8.820  3.620   1.00 38.79 ? 81  ASN A N   1 
ATOM   625  C  CA  . ASN A 1 82  ? -1.847  -8.361  3.864   1.00 38.56 ? 81  ASN A CA  1 
ATOM   626  C  C   . ASN A 1 82  ? -1.804  -7.264  4.918   1.00 39.57 ? 81  ASN A C   1 
ATOM   627  O  O   . ASN A 1 82  ? -1.254  -7.467  6.008   1.00 41.07 ? 81  ASN A O   1 
ATOM   628  C  CB  . ASN A 1 82  ? -2.673  -9.554  4.387   1.00 39.08 ? 81  ASN A CB  1 
ATOM   629  C  CG  . ASN A 1 82  ? -2.955  -10.608 3.311   1.00 38.72 ? 81  ASN A CG  1 
ATOM   630  O  OD1 . ASN A 1 82  ? -2.588  -10.438 2.147   1.00 41.52 ? 81  ASN A OD1 1 
ATOM   631  N  ND2 . ASN A 1 82  ? -3.618  -11.695 3.709   1.00 40.01 ? 81  ASN A ND2 1 
ATOM   632  N  N   . TYR A 1 83  ? -2.406  -6.123  4.640   1.00 39.62 ? 82  TYR A N   1 
ATOM   633  C  CA  . TYR A 1 83  ? -2.553  -5.112  5.710   1.00 40.39 ? 82  TYR A CA  1 
ATOM   634  C  C   . TYR A 1 83  ? -3.925  -4.441  5.798   1.00 41.30 ? 82  TYR A C   1 
ATOM   635  O  O   . TYR A 1 83  ? -4.744  -4.533  4.892   1.00 41.27 ? 82  TYR A O   1 
ATOM   636  C  CB  . TYR A 1 83  ? -1.507  -4.038  5.542   1.00 39.90 ? 82  TYR A CB  1 
ATOM   637  C  CG  . TYR A 1 83  ? -1.608  -3.263  4.241   1.00 37.66 ? 82  TYR A CG  1 
ATOM   638  C  CD1 . TYR A 1 83  ? -2.171  -2.020  4.211   1.00 37.25 ? 82  TYR A CD1 1 
ATOM   639  C  CD2 . TYR A 1 83  ? -1.135  -3.790  3.040   1.00 32.75 ? 82  TYR A CD2 1 
ATOM   640  C  CE1 . TYR A 1 83  ? -2.215  -1.290  3.034   1.00 42.36 ? 82  TYR A CE1 1 
ATOM   641  C  CE2 . TYR A 1 83  ? -1.216  -3.073  1.867   1.00 35.29 ? 82  TYR A CE2 1 
ATOM   642  C  CZ  . TYR A 1 83  ? -1.727  -1.831  1.871   1.00 39.77 ? 82  TYR A CZ  1 
ATOM   643  O  OH  . TYR A 1 83  ? -1.796  -1.108  0.696   1.00 41.68 ? 82  TYR A OH  1 
ATOM   644  N  N   . SER A 1 84  ? -4.141  -3.725  6.894   1.00 41.42 ? 83  SER A N   1 
ATOM   645  C  CA  . SER A 1 84  ? -5.328  -2.906  7.058   1.00 41.30 ? 83  SER A CA  1 
ATOM   646  C  C   . SER A 1 84  ? -4.911  -1.507  7.549   1.00 41.45 ? 83  SER A C   1 
ATOM   647  O  O   . SER A 1 84  ? -3.830  -1.331  8.102   1.00 41.44 ? 83  SER A O   1 
ATOM   648  C  CB  . SER A 1 84  ? -6.248  -3.563  8.043   1.00 41.74 ? 83  SER A CB  1 
ATOM   649  O  OG  . SER A 1 84  ? -5.643  -3.610  9.313   1.00 45.92 ? 83  SER A OG  1 
ATOM   650  N  N   . ILE A 1 85  ? -5.780  -0.524  7.319   1.00 40.44 ? 84  ILE A N   1 
ATOM   651  C  CA  . ILE A 1 85  ? -5.575  0.850   7.754   1.00 38.96 ? 84  ILE A CA  1 
ATOM   652  C  C   . ILE A 1 85  ? -6.363  1.014   9.009   1.00 38.79 ? 84  ILE A C   1 
ATOM   653  O  O   . ILE A 1 85  ? -7.597  0.883   9.004   1.00 39.26 ? 84  ILE A O   1 
ATOM   654  C  CB  . ILE A 1 85  ? -6.068  1.829   6.718   1.00 38.99 ? 84  ILE A CB  1 
ATOM   655  C  CG1 . ILE A 1 85  ? -5.451  1.457   5.392   1.00 36.97 ? 84  ILE A CG1 1 
ATOM   656  C  CG2 . ILE A 1 85  ? -5.733  3.293   7.116   1.00 35.80 ? 84  ILE A CG2 1 
ATOM   657  C  CD1 . ILE A 1 85  ? -3.987  1.608   5.296   1.00 39.30 ? 84  ILE A CD1 1 
ATOM   658  N  N   . VAL A 1 86  ? -5.648  1.250   10.093  1.00 38.18 ? 85  VAL A N   1 
ATOM   659  C  CA  . VAL A 1 86  ? -6.247  1.270   11.398  1.00 39.11 ? 85  VAL A CA  1 
ATOM   660  C  C   . VAL A 1 86  ? -6.335  2.709   11.868  1.00 40.07 ? 85  VAL A C   1 
ATOM   661  O  O   . VAL A 1 86  ? -6.798  2.967   12.968  1.00 40.81 ? 85  VAL A O   1 
ATOM   662  C  CB  . VAL A 1 86  ? -5.494  0.360   12.400  1.00 38.99 ? 85  VAL A CB  1 
ATOM   663  C  CG1 . VAL A 1 86  ? -5.757  -1.115  12.050  1.00 40.16 ? 85  VAL A CG1 1 
ATOM   664  C  CG2 . VAL A 1 86  ? -3.969  0.698   12.462  1.00 39.48 ? 85  VAL A CG2 1 
ATOM   665  N  N   . GLY A 1 87  ? -5.938  3.647   11.022  1.00 40.09 ? 86  GLY A N   1 
ATOM   666  C  CA  . GLY A 1 87  ? -6.134  5.042   11.335  1.00 41.91 ? 86  GLY A CA  1 
ATOM   667  C  C   . GLY A 1 87  ? -5.434  6.035   10.442  1.00 43.02 ? 86  GLY A C   1 
ATOM   668  O  O   . GLY A 1 87  ? -4.762  5.695   9.488   1.00 41.07 ? 86  GLY A O   1 
ATOM   669  N  N   . GLY A 1 88  ? -5.593  7.298   10.793  1.00 46.32 ? 87  GLY A N   1 
ATOM   670  C  CA  . GLY A 1 88  ? -5.107  8.370   9.946   1.00 48.79 ? 87  GLY A CA  1 
ATOM   671  C  C   . GLY A 1 88  ? -6.211  8.682   8.978   1.00 50.35 ? 87  GLY A C   1 
ATOM   672  O  O   . GLY A 1 88  ? -7.382  8.642   9.355   1.00 51.48 ? 87  GLY A O   1 
ATOM   673  N  N   . VAL A 1 89  ? -5.849  8.973   7.736   1.00 52.49 ? 88  VAL A N   1 
ATOM   674  C  CA  . VAL A 1 89  ? -6.821  9.496   6.769   1.00 53.79 ? 88  VAL A CA  1 
ATOM   675  C  C   . VAL A 1 89  ? -7.334  8.413   5.767   1.00 54.70 ? 88  VAL A C   1 
ATOM   676  O  O   . VAL A 1 89  ? -8.276  8.648   4.972   1.00 56.60 ? 88  VAL A O   1 
ATOM   677  C  CB  . VAL A 1 89  ? -6.257  10.798  6.135   1.00 53.81 ? 88  VAL A CB  1 
ATOM   678  C  CG1 . VAL A 1 89  ? -7.260  11.445  5.210   1.00 54.90 ? 88  VAL A CG1 1 
ATOM   679  C  CG2 . VAL A 1 89  ? -5.879  11.789  7.262   1.00 52.85 ? 88  VAL A CG2 1 
ATOM   680  N  N   . GLY A 1 90  ? -6.768  7.211   5.845   1.00 54.39 ? 89  GLY A N   1 
ATOM   681  C  CA  . GLY A 1 90  ? -7.282  6.063   5.076   1.00 53.73 ? 89  GLY A CA  1 
ATOM   682  C  C   . GLY A 1 90  ? -8.422  5.332   5.786   1.00 52.81 ? 89  GLY A C   1 
ATOM   683  O  O   . GLY A 1 90  ? -9.093  4.496   5.214   1.00 53.14 ? 89  GLY A O   1 
ATOM   684  N  N   . LEU A 1 91  ? -8.638  5.639   7.052   1.00 51.69 ? 90  LEU A N   1 
ATOM   685  C  CA  . LEU A 1 91  ? -9.780  5.128   7.750   1.00 50.97 ? 90  LEU A CA  1 
ATOM   686  C  C   . LEU A 1 91  ? -10.617 6.353   8.166   1.00 50.47 ? 90  LEU A C   1 
ATOM   687  O  O   . LEU A 1 91  ? -10.630 6.735   9.354   1.00 50.26 ? 90  LEU A O   1 
ATOM   688  C  CB  . LEU A 1 91  ? -9.297  4.296   8.940   1.00 50.33 ? 90  LEU A CB  1 
ATOM   689  C  CG  . LEU A 1 91  ? -10.307 3.720   9.933   1.00 53.34 ? 90  LEU A CG  1 
ATOM   690  C  CD1 . LEU A 1 91  ? -11.097 2.561   9.332   1.00 54.18 ? 90  LEU A CD1 1 
ATOM   691  C  CD2 . LEU A 1 91  ? -9.599  3.295   11.210  1.00 52.02 ? 90  LEU A CD2 1 
ATOM   692  N  N   . PRO A 1 92  ? -11.313 6.991   7.191   1.00 50.06 ? 91  PRO A N   1 
ATOM   693  C  CA  . PRO A 1 92  ? -12.095 8.165   7.567   1.00 49.82 ? 91  PRO A CA  1 
ATOM   694  C  C   . PRO A 1 92  ? -13.277 7.766   8.399   1.00 49.50 ? 91  PRO A C   1 
ATOM   695  O  O   . PRO A 1 92  ? -13.554 6.569   8.547   1.00 49.96 ? 91  PRO A O   1 
ATOM   696  C  CB  . PRO A 1 92  ? -12.592 8.725   6.219   1.00 50.35 ? 91  PRO A CB  1 
ATOM   697  C  CG  . PRO A 1 92  ? -11.949 8.015   5.207   1.00 48.34 ? 91  PRO A CG  1 
ATOM   698  C  CD  . PRO A 1 92  ? -11.478 6.710   5.763   1.00 50.44 ? 91  PRO A CD  1 
ATOM   699  N  N   . ASP A 1 93  ? -13.957 8.773   8.935   1.00 48.30 ? 92  ASP A N   1 
ATOM   700  C  CA  . ASP A 1 93  ? -15.263 8.608   9.571   1.00 47.59 ? 92  ASP A CA  1 
ATOM   701  C  C   . ASP A 1 93  ? -16.266 7.832   8.674   1.00 45.76 ? 92  ASP A C   1 
ATOM   702  O  O   . ASP A 1 93  ? -17.204 7.181   9.182   1.00 46.81 ? 92  ASP A O   1 
ATOM   703  C  CB  . ASP A 1 93  ? -15.829 9.984   10.009  1.00 47.14 ? 92  ASP A CB  1 
ATOM   704  C  CG  . ASP A 1 93  ? -15.292 11.164  9.154   1.00 50.06 ? 92  ASP A CG  1 
ATOM   705  O  OD1 . ASP A 1 93  ? -14.584 10.918  8.147   1.00 60.64 ? 92  ASP A OD1 1 
ATOM   706  O  OD2 . ASP A 1 93  ? -15.555 12.344  9.496   1.00 56.46 ? 92  ASP A OD2 1 
ATOM   707  N  N   . THR A 1 94  ? -16.080 7.903   7.362   1.00 43.22 ? 93  THR A N   1 
ATOM   708  C  CA  . THR A 1 94  ? -16.945 7.193   6.421   1.00 42.65 ? 93  THR A CA  1 
ATOM   709  C  C   . THR A 1 94  ? -16.696 5.659   6.355   1.00 41.15 ? 93  THR A C   1 
ATOM   710  O  O   . THR A 1 94  ? -17.623 4.900   6.087   1.00 39.32 ? 93  THR A O   1 
ATOM   711  C  CB  . THR A 1 94  ? -16.887 7.857   5.023   1.00 42.25 ? 93  THR A CB  1 
ATOM   712  O  OG1 . THR A 1 94  ? -15.539 8.196   4.698   1.00 44.85 ? 93  THR A OG1 1 
ATOM   713  C  CG2 . THR A 1 94  ? -17.670 9.140   5.018   1.00 44.11 ? 93  THR A CG2 1 
ATOM   714  N  N   . ILE A 1 95  ? -15.462 5.230   6.647   1.00 41.29 ? 94  ILE A N   1 
ATOM   715  C  CA  . ILE A 1 95  ? -15.026 3.821   6.570   1.00 40.07 ? 94  ILE A CA  1 
ATOM   716  C  C   . ILE A 1 95  ? -14.832 3.228   7.964   1.00 40.56 ? 94  ILE A C   1 
ATOM   717  O  O   . ILE A 1 95  ? -14.042 3.740   8.734   1.00 40.15 ? 94  ILE A O   1 
ATOM   718  C  CB  . ILE A 1 95  ? -13.706 3.740   5.786   1.00 41.47 ? 94  ILE A CB  1 
ATOM   719  C  CG1 . ILE A 1 95  ? -13.919 4.355   4.431   1.00 39.13 ? 94  ILE A CG1 1 
ATOM   720  C  CG2 . ILE A 1 95  ? -13.170 2.283   5.567   1.00 37.81 ? 94  ILE A CG2 1 
ATOM   721  C  CD1 . ILE A 1 95  ? -12.933 3.902   3.426   1.00 37.35 ? 94  ILE A CD1 1 
ATOM   722  N  N   . GLU A 1 96  ? -15.569 2.160   8.276   1.00 38.93 ? 95  GLU A N   1 
ATOM   723  C  CA  . GLU A 1 96  ? -15.409 1.393   9.526   1.00 39.45 ? 95  GLU A CA  1 
ATOM   724  C  C   . GLU A 1 96  ? -14.127 0.518   9.494   1.00 39.33 ? 95  GLU A C   1 
ATOM   725  O  O   . GLU A 1 96  ? -13.325 0.532   10.409  1.00 39.40 ? 95  GLU A O   1 
ATOM   726  C  CB  . GLU A 1 96  ? -16.642 0.505   9.711   1.00 39.02 ? 95  GLU A CB  1 
ATOM   727  C  CG  . GLU A 1 96  ? -16.848 -0.072  11.095  1.00 42.89 ? 95  GLU A CG  1 
ATOM   728  C  CD  . GLU A 1 96  ? -17.284 0.978   12.109  1.00 46.34 ? 95  GLU A CD  1 
ATOM   729  O  OE1 . GLU A 1 96  ? -18.364 1.559   11.912  1.00 50.78 ? 95  GLU A OE1 1 
ATOM   730  O  OE2 . GLU A 1 96  ? -16.553 1.207   13.105  1.00 49.74 ? 95  GLU A OE2 1 
ATOM   731  N  N   . LYS A 1 97  ? -13.947 -0.236  8.416   1.00 39.75 ? 96  LYS A N   1 
ATOM   732  C  CA  . LYS A 1 97  ? -12.780 -1.093  8.235   1.00 39.68 ? 96  LYS A CA  1 
ATOM   733  C  C   . LYS A 1 97  ? -12.420 -1.125  6.733   1.00 38.79 ? 96  LYS A C   1 
ATOM   734  O  O   . LYS A 1 97  ? -13.333 -1.264  5.909   1.00 37.56 ? 96  LYS A O   1 
ATOM   735  C  CB  . LYS A 1 97  ? -13.128 -2.517  8.719   1.00 40.42 ? 96  LYS A CB  1 
ATOM   736  C  CG  . LYS A 1 97  ? -12.066 -3.230  9.578   1.00 46.00 ? 96  LYS A CG  1 
ATOM   737  C  CD  . LYS A 1 97  ? -10.901 -3.825  8.774   1.00 51.08 ? 96  LYS A CD  1 
ATOM   738  C  CE  . LYS A 1 97  ? -9.927  -4.578  9.653   1.00 53.83 ? 96  LYS A CE  1 
ATOM   739  N  NZ  . LYS A 1 97  ? -10.422 -5.965  10.013  1.00 49.44 ? 96  LYS A NZ  1 
ATOM   740  N  N   . ILE A 1 98  ? -11.122 -0.998  6.411   1.00 37.86 ? 97  ILE A N   1 
ATOM   741  C  CA  . ILE A 1 98  ? -10.539 -1.345  5.114   1.00 37.75 ? 97  ILE A CA  1 
ATOM   742  C  C   . ILE A 1 98  ? -9.256  -2.210  5.192   1.00 37.03 ? 97  ILE A C   1 
ATOM   743  O  O   . ILE A 1 98  ? -8.281  -1.830  5.849   1.00 36.83 ? 97  ILE A O   1 
ATOM   744  C  CB  . ILE A 1 98  ? -10.228 -0.037  4.288   1.00 38.44 ? 97  ILE A CB  1 
ATOM   745  C  CG1 . ILE A 1 98  ? -9.630  -0.313  2.924   1.00 41.52 ? 97  ILE A CG1 1 
ATOM   746  C  CG2 . ILE A 1 98  ? -9.284  0.912   5.112   1.00 39.75 ? 97  ILE A CG2 1 
ATOM   747  C  CD1 . ILE A 1 98  ? -9.638  0.866   2.052   1.00 42.18 ? 97  ILE A CD1 1 
ATOM   748  N  N   . SER A 1 99  ? -9.228  -3.346  4.475   1.00 36.01 ? 98  SER A N   1 
ATOM   749  C  CA  . SER A 1 99  ? -8.012  -4.184  4.362   1.00 35.07 ? 98  SER A CA  1 
ATOM   750  C  C   . SER A 1 99  ? -7.607  -4.470  2.954   1.00 35.38 ? 98  SER A C   1 
ATOM   751  O  O   . SER A 1 99  ? -8.401  -4.314  2.027   1.00 35.67 ? 98  SER A O   1 
ATOM   752  C  CB  . SER A 1 99  ? -8.201  -5.482  5.175   1.00 36.48 ? 98  SER A CB  1 
ATOM   753  O  OG  . SER A 1 99  ? -9.509  -5.961  5.007   1.00 39.23 ? 98  SER A OG  1 
ATOM   754  N  N   . PHE A 1 100 ? -6.332  -4.801  2.767   1.00 36.04 ? 99  PHE A N   1 
ATOM   755  C  CA  . PHE A 1 100 ? -5.762  -5.069  1.450   1.00 36.80 ? 99  PHE A CA  1 
ATOM   756  C  C   . PHE A 1 100 ? -5.079  -6.441  1.533   1.00 38.13 ? 99  PHE A C   1 
ATOM   757  O  O   . PHE A 1 100 ? -4.415  -6.752  2.531   1.00 35.99 ? 99  PHE A O   1 
ATOM   758  C  CB  . PHE A 1 100 ? -4.773  -3.994  1.043   1.00 38.67 ? 99  PHE A CB  1 
ATOM   759  C  CG  . PHE A 1 100 ? -5.352  -2.589  1.055   1.00 39.68 ? 99  PHE A CG  1 
ATOM   760  C  CD1 . PHE A 1 100 ? -5.702  -1.954  -0.111  1.00 41.75 ? 99  PHE A CD1 1 
ATOM   761  C  CD2 . PHE A 1 100 ? -5.590  -1.944  2.283   1.00 42.54 ? 99  PHE A CD2 1 
ATOM   762  C  CE1 . PHE A 1 100 ? -6.278  -0.660  -0.079  1.00 39.94 ? 99  PHE A CE1 1 
ATOM   763  C  CE2 . PHE A 1 100 ? -6.113  -0.677  2.327   1.00 42.53 ? 99  PHE A CE2 1 
ATOM   764  C  CZ  . PHE A 1 100 ? -6.465  -0.032  1.149   1.00 40.88 ? 99  PHE A CZ  1 
ATOM   765  N  N   . GLU A 1 101 ? -5.317  -7.295  0.540   1.00 37.34 ? 100 GLU A N   1 
ATOM   766  C  CA  . GLU A 1 101 ? -4.608  -8.572  0.443   1.00 36.83 ? 100 GLU A CA  1 
ATOM   767  C  C   . GLU A 1 101 ? -3.790  -8.427  -0.795  1.00 35.56 ? 100 GLU A C   1 
ATOM   768  O  O   . GLU A 1 101 ? -4.349  -8.148  -1.834  1.00 37.64 ? 100 GLU A O   1 
ATOM   769  C  CB  . GLU A 1 101 ? -5.576  -9.727  0.221   1.00 37.00 ? 100 GLU A CB  1 
ATOM   770  C  CG  . GLU A 1 101 ? -6.662  -9.895  1.193   1.00 44.95 ? 100 GLU A CG  1 
ATOM   771  C  CD  . GLU A 1 101 ? -7.797  -10.786 0.612   1.00 63.40 ? 100 GLU A CD  1 
ATOM   772  O  OE1 . GLU A 1 101 ? -7.488  -11.695 -0.217  1.00 71.36 ? 100 GLU A OE1 1 
ATOM   773  O  OE2 . GLU A 1 101 ? -8.985  -10.552 0.953   1.00 67.84 ? 100 GLU A OE2 1 
ATOM   774  N  N   . THR A 1 102 ? -2.476  -8.565  -0.722  1.00 35.19 ? 101 THR A N   1 
ATOM   775  C  CA  . THR A 1 102 ? -1.661  -8.275  -1.893  1.00 34.67 ? 101 THR A CA  1 
ATOM   776  C  C   . THR A 1 102 ? -0.739  -9.455  -2.188  1.00 35.09 ? 101 THR A C   1 
ATOM   777  O  O   . THR A 1 102 ? -0.260  -10.119 -1.308  1.00 33.75 ? 101 THR A O   1 
ATOM   778  C  CB  . THR A 1 102 ? -0.773  -7.023  -1.746  1.00 33.81 ? 101 THR A CB  1 
ATOM   779  O  OG1 . THR A 1 102 ? 0.376   -7.337  -0.910  1.00 34.86 ? 101 THR A OG1 1 
ATOM   780  C  CG2 . THR A 1 102 ? -1.541  -5.887  -1.171  1.00 30.90 ? 101 THR A CG2 1 
ATOM   781  N  N   . LYS A 1 103 ? -0.471  -9.633  -3.478  1.00 36.44 ? 102 LYS A N   1 
ATOM   782  C  CA  . LYS A 1 103 ? 0.412   -10.659 -3.972  1.00 36.05 ? 102 LYS A CA  1 
ATOM   783  C  C   . LYS A 1 103 ? 1.186   -9.998  -5.113  1.00 35.33 ? 102 LYS A C   1 
ATOM   784  O  O   . LYS A 1 103 ? 0.632   -9.243  -5.892  1.00 38.57 ? 102 LYS A O   1 
ATOM   785  C  CB  . LYS A 1 103 ? -0.387  -11.834 -4.535  1.00 35.10 ? 102 LYS A CB  1 
ATOM   786  C  CG  . LYS A 1 103 ? -1.169  -12.741 -3.575  1.00 37.77 ? 102 LYS A CG  1 
ATOM   787  C  CD  . LYS A 1 103 ? -0.261  -13.624 -2.736  1.00 41.90 ? 102 LYS A CD  1 
ATOM   788  C  CE  . LYS A 1 103 ? -1.120  -14.704 -1.996  1.00 42.13 ? 102 LYS A CE  1 
ATOM   789  N  NZ  . LYS A 1 103 ? -2.351  -13.946 -1.523  1.00 48.10 ? 102 LYS A NZ  1 
ATOM   790  N  N   . LEU A 1 104 ? 2.477   -10.269 -5.222  1.00 36.43 ? 103 LEU A N   1 
ATOM   791  C  CA  . LEU A 1 104 ? 3.254   -9.862  -6.390  1.00 34.96 ? 103 LEU A CA  1 
ATOM   792  C  C   . LEU A 1 104 ? 3.585   -11.088 -7.253  1.00 35.24 ? 103 LEU A C   1 
ATOM   793  O  O   . LEU A 1 104 ? 4.055   -12.138 -6.736  1.00 33.33 ? 103 LEU A O   1 
ATOM   794  C  CB  . LEU A 1 104 ? 4.536   -9.201  -5.922  1.00 36.24 ? 103 LEU A CB  1 
ATOM   795  C  CG  . LEU A 1 104 ? 4.410   -7.735  -5.487  1.00 40.27 ? 103 LEU A CG  1 
ATOM   796  C  CD1 . LEU A 1 104 ? 5.618   -7.386  -4.613  1.00 41.69 ? 103 LEU A CD1 1 
ATOM   797  C  CD2 . LEU A 1 104 ? 4.308   -6.847  -6.717  1.00 34.52 ? 103 LEU A CD2 1 
ATOM   798  N  N   . VAL A 1 105 ? 3.294   -11.023 -8.544  1.00 33.46 ? 104 VAL A N   1 
ATOM   799  C  CA  . VAL A 1 105 ? 3.406   -12.245 -9.384  1.00 33.21 ? 104 VAL A CA  1 
ATOM   800  C  C   . VAL A 1 105 ? 4.110   -11.786 -10.608 1.00 33.62 ? 104 VAL A C   1 
ATOM   801  O  O   . VAL A 1 105 ? 4.213   -10.603 -10.796 1.00 34.84 ? 104 VAL A O   1 
ATOM   802  C  CB  . VAL A 1 105 ? 2.073   -12.979 -9.772  1.00 34.28 ? 104 VAL A CB  1 
ATOM   803  C  CG1 . VAL A 1 105 ? 1.340   -13.512 -8.524  1.00 32.59 ? 104 VAL A CG1 1 
ATOM   804  C  CG2 . VAL A 1 105 ? 1.156   -12.095 -10.588 1.00 28.76 ? 104 VAL A CG2 1 
ATOM   805  N  N   . GLU A 1 106 ? 4.654   -12.704 -11.388 1.00 33.24 ? 105 GLU A N   1 
ATOM   806  C  CA  . GLU A 1 106 ? 5.459   -12.299 -12.514 1.00 36.36 ? 105 GLU A CA  1 
ATOM   807  C  C   . GLU A 1 106 ? 4.522   -11.705 -13.591 1.00 35.61 ? 105 GLU A C   1 
ATOM   808  O  O   . GLU A 1 106 ? 3.418   -12.199 -13.832 1.00 36.04 ? 105 GLU A O   1 
ATOM   809  C  CB  . GLU A 1 106 ? 6.264   -13.463 -13.103 1.00 36.37 ? 105 GLU A CB  1 
ATOM   810  C  CG  . GLU A 1 106 ? 6.959   -12.977 -14.393 1.00 39.70 ? 105 GLU A CG  1 
ATOM   811  C  CD  . GLU A 1 106 ? 7.920   -13.970 -15.006 1.00 40.86 ? 105 GLU A CD  1 
ATOM   812  O  OE1 . GLU A 1 106 ? 7.839   -15.175 -14.681 1.00 43.46 ? 105 GLU A OE1 1 
ATOM   813  O  OE2 . GLU A 1 106 ? 8.717   -13.526 -15.863 1.00 44.54 ? 105 GLU A OE2 1 
ATOM   814  N  N   . GLY A 1 107 ? 4.967   -10.639 -14.208 1.00 35.24 ? 106 GLY A N   1 
ATOM   815  C  CA  . GLY A 1 107 ? 4.208   -9.998  -15.228 1.00 36.80 ? 106 GLY A CA  1 
ATOM   816  C  C   . GLY A 1 107 ? 4.827   -10.199 -16.587 1.00 37.41 ? 106 GLY A C   1 
ATOM   817  O  O   . GLY A 1 107 ? 5.356   -11.274 -16.908 1.00 36.92 ? 106 GLY A O   1 
ATOM   818  N  N   . ALA A 1 108 ? 4.747   -9.156  -17.394 1.00 39.39 ? 107 ALA A N   1 
ATOM   819  C  CA  . ALA A 1 108 ? 5.363   -9.149  -18.725 1.00 39.49 ? 107 ALA A CA  1 
ATOM   820  C  C   . ALA A 1 108 ? 6.865   -8.826  -18.668 1.00 39.06 ? 107 ALA A C   1 
ATOM   821  O  O   . ALA A 1 108 ? 7.320   -7.995  -17.884 1.00 37.97 ? 107 ALA A O   1 
ATOM   822  C  CB  . ALA A 1 108 ? 4.609   -8.150  -19.671 1.00 41.99 ? 107 ALA A CB  1 
ATOM   823  N  N   . ASN A 1 109 ? 7.629   -9.487  -19.531 1.00 39.71 ? 108 ASN A N   1 
ATOM   824  C  CA  . ASN A 1 109 ? 9.080   -9.232  -19.700 1.00 39.10 ? 108 ASN A CA  1 
ATOM   825  C  C   . ASN A 1 109 ? 9.867   -9.183  -18.374 1.00 37.67 ? 108 ASN A C   1 
ATOM   826  O  O   . ASN A 1 109 ? 10.687  -8.324  -18.138 1.00 35.64 ? 108 ASN A O   1 
ATOM   827  C  CB  . ASN A 1 109 ? 9.263   -7.957  -20.511 1.00 40.37 ? 108 ASN A CB  1 
ATOM   828  C  CG  . ASN A 1 109 ? 8.756   -8.095  -21.940 1.00 41.93 ? 108 ASN A CG  1 
ATOM   829  O  OD1 . ASN A 1 109 ? 7.902   -7.325  -22.367 1.00 41.95 ? 108 ASN A OD1 1 
ATOM   830  N  ND2 . ASN A 1 109 ? 9.292   -9.067  -22.692 1.00 48.63 ? 108 ASN A ND2 1 
ATOM   831  N  N   . GLY A 1 110 ? 9.537   -10.080 -17.474 1.00 37.19 ? 109 GLY A N   1 
ATOM   832  C  CA  . GLY A 1 110 ? 10.247  -10.159 -16.203 1.00 38.13 ? 109 GLY A CA  1 
ATOM   833  C  C   . GLY A 1 110 ? 9.826   -9.178  -15.130 1.00 38.43 ? 109 GLY A C   1 
ATOM   834  O  O   . GLY A 1 110 ? 10.380  -9.176  -14.033 1.00 38.31 ? 109 GLY A O   1 
ATOM   835  N  N   . GLY A 1 111 ? 8.832   -8.350  -15.442 1.00 37.55 ? 110 GLY A N   1 
ATOM   836  C  CA  . GLY A 1 111 ? 8.254   -7.448  -14.457 1.00 37.28 ? 110 GLY A CA  1 
ATOM   837  C  C   . GLY A 1 111 ? 7.232   -8.101  -13.566 1.00 36.99 ? 110 GLY A C   1 
ATOM   838  O  O   . GLY A 1 111 ? 7.150   -9.350  -13.475 1.00 36.24 ? 110 GLY A O   1 
ATOM   839  N  N   . SER A 1 112 ? 6.473   -7.255  -12.879 1.00 36.69 ? 111 SER A N   1 
ATOM   840  C  CA  . SER A 1 112 ? 5.531   -7.695  -11.842 1.00 38.40 ? 111 SER A CA  1 
ATOM   841  C  C   . SER A 1 112 ? 4.114   -7.219  -12.112 1.00 38.09 ? 111 SER A C   1 
ATOM   842  O  O   . SER A 1 112 ? 3.885   -6.232  -12.799 1.00 38.34 ? 111 SER A O   1 
ATOM   843  C  CB  . SER A 1 112 ? 5.961   -7.097  -10.483 1.00 38.92 ? 111 SER A CB  1 
ATOM   844  O  OG  . SER A 1 112 ? 7.228   -7.555  -10.135 1.00 41.09 ? 111 SER A OG  1 
ATOM   845  N  N   . ILE A 1 113 ? 3.179   -7.968  -11.559 1.00 38.15 ? 112 ILE A N   1 
ATOM   846  C  CA  . ILE A 1 113 ? 1.790   -7.566  -11.393 1.00 37.69 ? 112 ILE A CA  1 
ATOM   847  C  C   . ILE A 1 113 ? 1.553   -7.644  -9.887  1.00 37.62 ? 112 ILE A C   1 
ATOM   848  O  O   . ILE A 1 113 ? 1.799   -8.680  -9.265  1.00 36.45 ? 112 ILE A O   1 
ATOM   849  C  CB  . ILE A 1 113 ? 0.782   -8.491  -12.100 1.00 37.78 ? 112 ILE A CB  1 
ATOM   850  C  CG1 . ILE A 1 113 ? 1.003   -8.497  -13.604 1.00 40.26 ? 112 ILE A CG1 1 
ATOM   851  C  CG2 . ILE A 1 113 ? -0.672  -8.032  -11.857 1.00 36.89 ? 112 ILE A CG2 1 
ATOM   852  C  CD1 . ILE A 1 113 ? 0.259   -9.635  -14.263 1.00 47.15 ? 112 ILE A CD1 1 
ATOM   853  N  N   . GLY A 1 114 ? 1.161   -6.509  -9.308  1.00 37.82 ? 113 GLY A N   1 
ATOM   854  C  CA  . GLY A 1 114 ? 0.768   -6.454  -7.931  1.00 38.31 ? 113 GLY A CA  1 
ATOM   855  C  C   . GLY A 1 114 ? -0.735  -6.577  -7.904  1.00 38.12 ? 113 GLY A C   1 
ATOM   856  O  O   . GLY A 1 114 ? -1.462  -5.719  -8.425  1.00 37.42 ? 113 GLY A O   1 
ATOM   857  N  N   . LYS A 1 115 ? -1.199  -7.664  -7.320  1.00 39.10 ? 114 LYS A N   1 
ATOM   858  C  CA  . LYS A 1 115 ? -2.591  -7.994  -7.266  1.00 40.41 ? 114 LYS A CA  1 
ATOM   859  C  C   . LYS A 1 115 ? -3.110  -7.594  -5.895  1.00 41.59 ? 114 LYS A C   1 
ATOM   860  O  O   . LYS A 1 115 ? -2.574  -8.043  -4.899  1.00 42.16 ? 114 LYS A O   1 
ATOM   861  C  CB  . LYS A 1 115 ? -2.747  -9.498  -7.497  1.00 40.75 ? 114 LYS A CB  1 
ATOM   862  C  CG  . LYS A 1 115 ? -2.556  -9.896  -8.971  1.00 43.09 ? 114 LYS A CG  1 
ATOM   863  C  CD  . LYS A 1 115 ? -2.830  -11.382 -9.244  1.00 46.26 ? 114 LYS A CD  1 
ATOM   864  C  CE  . LYS A 1 115 ? -2.467  -11.821 -10.649 1.00 54.45 ? 114 LYS A CE  1 
ATOM   865  N  NZ  . LYS A 1 115 ? -3.590  -11.765 -11.631 1.00 62.38 ? 114 LYS A NZ  1 
ATOM   866  N  N   . VAL A 1 116 ? -4.155  -6.738  -5.869  1.00 42.42 ? 115 VAL A N   1 
ATOM   867  C  CA  . VAL A 1 116 ? -4.689  -6.205  -4.619  1.00 40.97 ? 115 VAL A CA  1 
ATOM   868  C  C   . VAL A 1 116 ? -6.173  -6.461  -4.530  1.00 41.02 ? 115 VAL A C   1 
ATOM   869  O  O   . VAL A 1 116 ? -6.933  -6.045  -5.400  1.00 42.38 ? 115 VAL A O   1 
ATOM   870  C  CB  . VAL A 1 116 ? -4.412  -4.686  -4.495  1.00 41.35 ? 115 VAL A CB  1 
ATOM   871  C  CG1 . VAL A 1 116 ? -4.704  -4.181  -3.057  1.00 38.36 ? 115 VAL A CG1 1 
ATOM   872  C  CG2 . VAL A 1 116 ? -2.940  -4.391  -4.837  1.00 38.71 ? 115 VAL A CG2 1 
ATOM   873  N  N   . THR A 1 117 ? -6.554  -7.169  -3.484  1.00 39.98 ? 116 THR A N   1 
ATOM   874  C  CA  . THR A 1 117 ? -7.938  -7.338  -3.094  1.00 39.14 ? 116 THR A CA  1 
ATOM   875  C  C   . THR A 1 117 ? -8.223  -6.425  -1.907  1.00 38.00 ? 116 THR A C   1 
ATOM   876  O  O   . THR A 1 117 ? -7.477  -6.423  -0.906  1.00 36.19 ? 116 THR A O   1 
ATOM   877  C  CB  . THR A 1 117 ? -8.206  -8.781  -2.812  1.00 38.23 ? 116 THR A CB  1 
ATOM   878  O  OG1 . THR A 1 117 ? -8.102  -9.476  -4.055  1.00 43.69 ? 116 THR A OG1 1 
ATOM   879  C  CG2 . THR A 1 117 ? -9.606  -9.004  -2.211  1.00 42.27 ? 116 THR A CG2 1 
ATOM   880  N  N   . ILE A 1 118 ? -9.274  -5.601  -2.048  1.00 38.91 ? 117 ILE A N   1 
ATOM   881  C  CA  . ILE A 1 118 ? -9.603  -4.580  -1.060  1.00 38.90 ? 117 ILE A CA  1 
ATOM   882  C  C   . ILE A 1 118 ? -10.971 -4.978  -0.468  1.00 38.16 ? 117 ILE A C   1 
ATOM   883  O  O   . ILE A 1 118 ? -11.922 -5.221  -1.214  1.00 35.35 ? 117 ILE A O   1 
ATOM   884  C  CB  . ILE A 1 118 ? -9.754  -3.145  -1.653  1.00 39.74 ? 117 ILE A CB  1 
ATOM   885  C  CG1 . ILE A 1 118 ? -8.557  -2.714  -2.492  1.00 40.57 ? 117 ILE A CG1 1 
ATOM   886  C  CG2 . ILE A 1 118 ? -9.985  -2.128  -0.522  1.00 40.63 ? 117 ILE A CG2 1 
ATOM   887  C  CD1 . ILE A 1 118 ? -8.660  -1.247  -2.909  1.00 42.92 ? 117 ILE A CD1 1 
ATOM   888  N  N   . LYS A 1 119 ? -11.062 -5.075  0.858   1.00 37.21 ? 118 LYS A N   1 
ATOM   889  C  CA  . LYS A 1 119 ? -12.349 -5.193  1.500   1.00 37.06 ? 118 LYS A CA  1 
ATOM   890  C  C   . LYS A 1 119 ? -12.692 -3.946  2.355   1.00 37.81 ? 118 LYS A C   1 
ATOM   891  O  O   . LYS A 1 119 ? -11.911 -3.551  3.258   1.00 39.11 ? 118 LYS A O   1 
ATOM   892  C  CB  . LYS A 1 119 ? -12.374 -6.450  2.354   1.00 37.92 ? 118 LYS A CB  1 
ATOM   893  C  CG  . LYS A 1 119 ? -12.081 -7.719  1.551   1.00 39.09 ? 118 LYS A CG  1 
ATOM   894  C  CD  . LYS A 1 119 ? -12.421 -9.004  2.296   1.00 46.50 ? 118 LYS A CD  1 
ATOM   895  C  CE  . LYS A 1 119 ? -12.936 -10.064 1.301   1.00 50.60 ? 118 LYS A CE  1 
ATOM   896  N  NZ  . LYS A 1 119 ? -14.310 -9.779  0.714   1.00 49.88 ? 118 LYS A NZ  1 
ATOM   897  N  N   . ILE A 1 120 ? -13.878 -3.392  2.132   1.00 36.84 ? 119 ILE A N   1 
ATOM   898  C  CA  . ILE A 1 120 ? -14.313 -2.190  2.818   1.00 36.70 ? 119 ILE A CA  1 
ATOM   899  C  C   . ILE A 1 120 ? -15.628 -2.353  3.498   1.00 36.96 ? 119 ILE A C   1 
ATOM   900  O  O   . ILE A 1 120 ? -16.602 -2.928  2.932   1.00 38.13 ? 119 ILE A O   1 
ATOM   901  C  CB  . ILE A 1 120 ? -14.466 -1.020  1.818   1.00 36.76 ? 119 ILE A CB  1 
ATOM   902  C  CG1 . ILE A 1 120 ? -13.135 -0.770  1.152   1.00 36.35 ? 119 ILE A CG1 1 
ATOM   903  C  CG2 . ILE A 1 120 ? -14.945 0.259   2.552   1.00 34.26 ? 119 ILE A CG2 1 
ATOM   904  C  CD1 . ILE A 1 120 ? -13.250 -0.008  -0.081  1.00 35.43 ? 119 ILE A CD1 1 
ATOM   905  N  N   . GLU A 1 121 ? -15.677 -1.899  4.743   1.00 37.28 ? 120 GLU A N   1 
ATOM   906  C  CA  . GLU A 1 121 ? -16.960 -1.755  5.432   1.00 37.61 ? 120 GLU A CA  1 
ATOM   907  C  C   . GLU A 1 121 ? -17.161 -0.286  5.733   1.00 37.97 ? 120 GLU A C   1 
ATOM   908  O  O   . GLU A 1 121 ? -16.285 0.361   6.300   1.00 37.94 ? 120 GLU A O   1 
ATOM   909  C  CB  . GLU A 1 121 ? -17.050 -2.636  6.659   1.00 37.38 ? 120 GLU A CB  1 
ATOM   910  C  CG  . GLU A 1 121 ? -16.955 -4.079  6.251   1.00 40.75 ? 120 GLU A CG  1 
ATOM   911  C  CD  . GLU A 1 121 ? -17.272 -5.068  7.329   1.00 49.30 ? 120 GLU A CD  1 
ATOM   912  O  OE1 . GLU A 1 121 ? -18.343 -4.947  7.965   1.00 53.40 ? 120 GLU A OE1 1 
ATOM   913  O  OE2 . GLU A 1 121 ? -16.461 -5.999  7.501   1.00 56.24 ? 120 GLU A OE2 1 
ATOM   914  N  N   . THR A 1 122 ? -18.318 0.233   5.320   1.00 36.73 ? 121 THR A N   1 
ATOM   915  C  CA  . THR A 1 122 ? -18.602 1.627   5.454   1.00 34.71 ? 121 THR A CA  1 
ATOM   916  C  C   . THR A 1 122 ? -19.484 1.892   6.705   1.00 35.40 ? 121 THR A C   1 
ATOM   917  O  O   . THR A 1 122 ? -20.158 0.987   7.238   1.00 33.58 ? 121 THR A O   1 
ATOM   918  C  CB  . THR A 1 122 ? -19.260 2.133   4.153   1.00 34.96 ? 121 THR A CB  1 
ATOM   919  O  OG1 . THR A 1 122 ? -20.591 1.613   4.025   1.00 31.07 ? 121 THR A OG1 1 
ATOM   920  C  CG2 . THR A 1 122 ? -18.450 1.721   2.969   1.00 31.23 ? 121 THR A CG2 1 
ATOM   921  N  N   . LYS A 1 123 ? -19.468 3.137   7.173   1.00 36.17 ? 122 LYS A N   1 
ATOM   922  C  CA  . LYS A 1 123 ? -20.381 3.567   8.242   1.00 36.73 ? 122 LYS A CA  1 
ATOM   923  C  C   . LYS A 1 123 ? -21.751 3.959   7.643   1.00 36.25 ? 122 LYS A C   1 
ATOM   924  O  O   . LYS A 1 123 ? -21.786 4.655   6.620   1.00 36.62 ? 122 LYS A O   1 
ATOM   925  C  CB  . LYS A 1 123 ? -19.801 4.787   8.963   1.00 37.29 ? 122 LYS A CB  1 
ATOM   926  C  CG  . LYS A 1 123 ? -18.470 4.555   9.683   1.00 40.64 ? 122 LYS A CG  1 
ATOM   927  C  CD  . LYS A 1 123 ? -18.505 5.185   11.096  1.00 47.69 ? 122 LYS A CD  1 
ATOM   928  C  CE  . LYS A 1 123 ? -17.214 4.904   11.881  1.00 54.48 ? 122 LYS A CE  1 
ATOM   929  N  NZ  . LYS A 1 123 ? -17.296 5.430   13.296  1.00 57.22 ? 122 LYS A NZ  1 
ATOM   930  N  N   . GLY A 1 124 ? -22.847 3.553   8.285   1.00 35.23 ? 123 GLY A N   1 
ATOM   931  C  CA  . GLY A 1 124 ? -24.212 3.801   7.774   1.00 34.61 ? 123 GLY A CA  1 
ATOM   932  C  C   . GLY A 1 124 ? -24.492 3.024   6.481   1.00 34.17 ? 123 GLY A C   1 
ATOM   933  O  O   . GLY A 1 124 ? -23.862 2.005   6.245   1.00 33.96 ? 123 GLY A O   1 
ATOM   934  N  N   . ASP A 1 125 ? -25.397 3.524   5.628   1.00 33.88 ? 124 ASP A N   1 
ATOM   935  C  CA  . ASP A 1 125 ? -25.739 2.862   4.363   1.00 33.74 ? 124 ASP A CA  1 
ATOM   936  C  C   . ASP A 1 125 ? -24.891 3.350   3.174   1.00 34.35 ? 124 ASP A C   1 
ATOM   937  O  O   . ASP A 1 125 ? -25.216 3.055   2.018   1.00 35.46 ? 124 ASP A O   1 
ATOM   938  C  CB  . ASP A 1 125 ? -27.261 2.922   4.069   1.00 33.59 ? 124 ASP A CB  1 
ATOM   939  C  CG  . ASP A 1 125 ? -27.730 4.251   3.397   1.00 35.35 ? 124 ASP A CG  1 
ATOM   940  O  OD1 . ASP A 1 125 ? -26.979 5.254   3.357   1.00 32.68 ? 124 ASP A OD1 1 
ATOM   941  O  OD2 . ASP A 1 125 ? -28.888 4.278   2.899   1.00 24.37 ? 124 ASP A OD2 1 
ATOM   942  N  N   . ALA A 1 126 ? -23.792 4.064   3.432   1.00 33.51 ? 125 ALA A N   1 
ATOM   943  C  CA  . ALA A 1 126 ? -23.057 4.679   2.335   1.00 33.49 ? 125 ALA A CA  1 
ATOM   944  C  C   . ALA A 1 126 ? -22.205 3.631   1.641   1.00 33.78 ? 125 ALA A C   1 
ATOM   945  O  O   . ALA A 1 126 ? -21.587 2.775   2.258   1.00 33.69 ? 125 ALA A O   1 
ATOM   946  C  CB  . ALA A 1 126 ? -22.215 5.895   2.817   1.00 33.28 ? 125 ALA A CB  1 
ATOM   947  N  N   . GLN A 1 127 ? -22.191 3.682   0.323   1.00 34.72 ? 126 GLN A N   1 
ATOM   948  C  CA  . GLN A 1 127 ? -21.288 2.833   -0.421  1.00 35.09 ? 126 GLN A CA  1 
ATOM   949  C  C   . GLN A 1 127 ? -19.926 3.503   -0.437  1.00 35.47 ? 126 GLN A C   1 
ATOM   950  O  O   . GLN A 1 127 ? -19.809 4.698   -0.179  1.00 36.12 ? 126 GLN A O   1 
ATOM   951  C  CB  . GLN A 1 127 ? -21.846 2.573   -1.838  1.00 36.51 ? 126 GLN A CB  1 
ATOM   952  C  CG  . GLN A 1 127 ? -21.981 3.755   -2.796  1.00 36.44 ? 126 GLN A CG  1 
ATOM   953  C  CD  . GLN A 1 127 ? -23.046 3.513   -3.859  1.00 35.81 ? 126 GLN A CD  1 
ATOM   954  O  OE1 . GLN A 1 127 ? -23.880 4.370   -4.142  1.00 40.11 ? 126 GLN A OE1 1 
ATOM   955  N  NE2 . GLN A 1 127 ? -23.044 2.328   -4.413  1.00 34.51 ? 126 GLN A NE2 1 
ATOM   956  N  N   . PRO A 1 128 ? -18.875 2.751   -0.766  1.00 35.15 ? 127 PRO A N   1 
ATOM   957  C  CA  . PRO A 1 128 ? -17.565 3.409   -0.856  1.00 35.31 ? 127 PRO A CA  1 
ATOM   958  C  C   . PRO A 1 128 ? -17.576 4.581   -1.850  1.00 35.51 ? 127 PRO A C   1 
ATOM   959  O  O   . PRO A 1 128 ? -18.251 4.514   -2.884  1.00 35.40 ? 127 PRO A O   1 
ATOM   960  C  CB  . PRO A 1 128 ? -16.637 2.270   -1.268  1.00 35.41 ? 127 PRO A CB  1 
ATOM   961  C  CG  . PRO A 1 128 ? -17.378 1.010   -0.873  1.00 37.19 ? 127 PRO A CG  1 
ATOM   962  C  CD  . PRO A 1 128 ? -18.798 1.317   -1.094  1.00 35.15 ? 127 PRO A CD  1 
ATOM   963  N  N   . ASN A 1 129 ? -16.890 5.675   -1.519  1.00 34.69 ? 128 ASN A N   1 
ATOM   964  C  CA  . ASN A 1 129 ? -16.966 6.907   -2.343  1.00 34.20 ? 128 ASN A CA  1 
ATOM   965  C  C   . ASN A 1 129 ? -16.271 6.693   -3.686  1.00 34.18 ? 128 ASN A C   1 
ATOM   966  O  O   . ASN A 1 129 ? -15.088 6.457   -3.741  1.00 34.90 ? 128 ASN A O   1 
ATOM   967  C  CB  . ASN A 1 129 ? -16.371 8.110   -1.600  1.00 33.49 ? 128 ASN A CB  1 
ATOM   968  C  CG  . ASN A 1 129 ? -16.498 9.419   -2.369  1.00 33.79 ? 128 ASN A CG  1 
ATOM   969  O  OD1 . ASN A 1 129 ? -15.610 9.800   -3.148  1.00 33.09 ? 128 ASN A OD1 1 
ATOM   970  N  ND2 . ASN A 1 129 ? -17.575 10.143  -2.121  1.00 33.48 ? 128 ASN A ND2 1 
ATOM   971  N  N   . GLU A 1 130 ? -17.041 6.713   -4.751  1.00 35.38 ? 129 GLU A N   1 
ATOM   972  C  CA  . GLU A 1 130 ? -16.552 6.546   -6.108  1.00 36.98 ? 129 GLU A CA  1 
ATOM   973  C  C   . GLU A 1 130 ? -15.355 7.478   -6.398  1.00 36.23 ? 129 GLU A C   1 
ATOM   974  O  O   . GLU A 1 130 ? -14.256 7.055   -6.812  1.00 37.02 ? 129 GLU A O   1 
ATOM   975  C  CB  . GLU A 1 130 ? -17.715 6.876   -7.033  1.00 36.90 ? 129 GLU A CB  1 
ATOM   976  C  CG  . GLU A 1 130 ? -17.582 6.287   -8.422  1.00 45.51 ? 129 GLU A CG  1 
ATOM   977  C  CD  . GLU A 1 130 ? -18.147 4.889   -8.516  1.00 54.12 ? 129 GLU A CD  1 
ATOM   978  O  OE1 . GLU A 1 130 ? -17.839 4.107   -7.594  1.00 60.39 ? 129 GLU A OE1 1 
ATOM   979  O  OE2 . GLU A 1 130 ? -18.881 4.581   -9.506  1.00 57.57 ? 129 GLU A OE2 1 
ATOM   980  N  N   . GLU A 1 131 ? -15.553 8.752   -6.136  1.00 35.97 ? 130 GLU A N   1 
ATOM   981  C  CA  . GLU A 1 131 ? -14.520 9.730   -6.374  1.00 37.38 ? 130 GLU A CA  1 
ATOM   982  C  C   . GLU A 1 131 ? -13.248 9.380   -5.654  1.00 38.35 ? 130 GLU A C   1 
ATOM   983  O  O   . GLU A 1 131 ? -12.205 9.266   -6.288  1.00 38.57 ? 130 GLU A O   1 
ATOM   984  C  CB  . GLU A 1 131 ? -14.983 11.099  -5.927  1.00 37.92 ? 130 GLU A CB  1 
ATOM   985  C  CG  . GLU A 1 131 ? -14.498 12.220  -6.795  1.00 42.49 ? 130 GLU A CG  1 
ATOM   986  C  CD  . GLU A 1 131 ? -15.054 13.549  -6.327  1.00 45.76 ? 130 GLU A CD  1 
ATOM   987  O  OE1 . GLU A 1 131 ? -14.412 14.150  -5.447  1.00 49.49 ? 130 GLU A OE1 1 
ATOM   988  O  OE2 . GLU A 1 131 ? -16.113 13.984  -6.835  1.00 44.36 ? 130 GLU A OE2 1 
ATOM   989  N  N   . GLU A 1 132 ? -13.316 9.157   -4.345  1.00 38.74 ? 131 GLU A N   1 
ATOM   990  C  CA  . GLU A 1 132 ? -12.121 8.796   -3.582  1.00 39.90 ? 131 GLU A CA  1 
ATOM   991  C  C   . GLU A 1 132 ? -11.469 7.463   -4.006  1.00 39.62 ? 131 GLU A C   1 
ATOM   992  O  O   . GLU A 1 132 ? -10.268 7.252   -3.838  1.00 38.48 ? 131 GLU A O   1 
ATOM   993  C  CB  . GLU A 1 132 ? -12.434 8.714   -2.082  1.00 41.01 ? 131 GLU A CB  1 
ATOM   994  C  CG  . GLU A 1 132 ? -12.855 10.031  -1.412  1.00 44.73 ? 131 GLU A CG  1 
ATOM   995  C  CD  . GLU A 1 132 ? -13.570 9.794   -0.085  1.00 53.97 ? 131 GLU A CD  1 
ATOM   996  O  OE1 . GLU A 1 132 ? -13.309 8.755   0.573   1.00 55.95 ? 131 GLU A OE1 1 
ATOM   997  O  OE2 . GLU A 1 132 ? -14.420 10.640  0.281   1.00 61.38 ? 131 GLU A OE2 1 
ATOM   998  N  N   . GLY A 1 133 ? -12.271 6.531   -4.506  1.00 39.72 ? 132 GLY A N   1 
ATOM   999  C  CA  . GLY A 1 133 ? -11.730 5.273   -5.037  1.00 38.07 ? 132 GLY A CA  1 
ATOM   1000 C  C   . GLY A 1 133 ? -10.893 5.561   -6.267  1.00 37.25 ? 132 GLY A C   1 
ATOM   1001 O  O   . GLY A 1 133 ? -9.814  5.024   -6.427  1.00 38.90 ? 132 GLY A O   1 
ATOM   1002 N  N   . LYS A 1 134 ? -11.381 6.421   -7.140  1.00 36.98 ? 133 LYS A N   1 
ATOM   1003 C  CA  . LYS A 1 134 ? -10.627 6.801   -8.293  1.00 36.68 ? 133 LYS A CA  1 
ATOM   1004 C  C   . LYS A 1 134 ? -9.330  7.484   -7.870  1.00 36.70 ? 133 LYS A C   1 
ATOM   1005 O  O   . LYS A 1 134 ? -8.271  7.145   -8.414  1.00 36.59 ? 133 LYS A O   1 
ATOM   1006 C  CB  . LYS A 1 134 ? -11.462 7.698   -9.192  1.00 35.29 ? 133 LYS A CB  1 
ATOM   1007 C  CG  . LYS A 1 134 ? -12.566 6.947   -9.897  1.00 34.21 ? 133 LYS A CG  1 
ATOM   1008 C  CD  . LYS A 1 134 ? -13.497 7.834   -10.628 1.00 36.99 ? 133 LYS A CD  1 
ATOM   1009 C  CE  . LYS A 1 134 ? -14.805 7.116   -10.886 1.00 40.08 ? 133 LYS A CE  1 
ATOM   1010 N  NZ  . LYS A 1 134 ? -15.701 7.928   -11.708 1.00 38.18 ? 133 LYS A NZ  1 
ATOM   1011 N  N   . ALA A 1 135 ? -9.399  8.388   -6.891  1.00 35.57 ? 134 ALA A N   1 
ATOM   1012 C  CA  . ALA A 1 135 ? -8.220  9.135   -6.456  1.00 36.23 ? 134 ALA A CA  1 
ATOM   1013 C  C   . ALA A 1 135 ? -7.152  8.200   -5.870  1.00 37.43 ? 134 ALA A C   1 
ATOM   1014 O  O   . ALA A 1 135 ? -5.953  8.275   -6.207  1.00 37.81 ? 134 ALA A O   1 
ATOM   1015 C  CB  . ALA A 1 135 ? -8.619  10.264  -5.464  1.00 36.13 ? 134 ALA A CB  1 
ATOM   1016 N  N   . ALA A 1 136 ? -7.617  7.255   -5.068  1.00 36.74 ? 135 ALA A N   1 
ATOM   1017 C  CA  . ALA A 1 136 ? -6.816  6.230   -4.469  1.00 36.85 ? 135 ALA A CA  1 
ATOM   1018 C  C   . ALA A 1 136 ? -6.123  5.333   -5.500  1.00 38.07 ? 135 ALA A C   1 
ATOM   1019 O  O   . ALA A 1 136 ? -4.955  5.014   -5.332  1.00 36.64 ? 135 ALA A O   1 
ATOM   1020 C  CB  . ALA A 1 136 ? -7.695  5.353   -3.522  1.00 36.53 ? 135 ALA A CB  1 
ATOM   1021 N  N   . LYS A 1 137 ? -6.817  4.950   -6.574  1.00 39.62 ? 136 LYS A N   1 
ATOM   1022 C  CA  . LYS A 1 137 ? -6.163  4.156   -7.646  1.00 40.27 ? 136 LYS A CA  1 
ATOM   1023 C  C   . LYS A 1 137 ? -5.029  4.984   -8.295  1.00 39.03 ? 136 LYS A C   1 
ATOM   1024 O  O   . LYS A 1 137 ? -3.927  4.490   -8.542  1.00 39.26 ? 136 LYS A O   1 
ATOM   1025 C  CB  . LYS A 1 137 ? -7.185  3.781   -8.713  1.00 40.69 ? 136 LYS A CB  1 
ATOM   1026 C  CG  . LYS A 1 137 ? -6.617  3.067   -9.942  1.00 42.01 ? 136 LYS A CG  1 
ATOM   1027 C  CD  . LYS A 1 137 ? -5.946  1.712   -9.570  1.00 44.61 ? 136 LYS A CD  1 
ATOM   1028 C  CE  . LYS A 1 137 ? -5.496  1.005   -10.859 1.00 47.92 ? 136 LYS A CE  1 
ATOM   1029 N  NZ  . LYS A 1 137 ? -4.391  0.073   -10.640 1.00 54.45 ? 136 LYS A NZ  1 
ATOM   1030 N  N   . ALA A 1 138 ? -5.296  6.254   -8.533  1.00 38.40 ? 137 ALA A N   1 
ATOM   1031 C  CA  . ALA A 1 138 ? -4.274  7.120   -9.189  1.00 37.16 ? 137 ALA A CA  1 
ATOM   1032 C  C   . ALA A 1 138 ? -3.083  7.284   -8.258  1.00 36.34 ? 137 ALA A C   1 
ATOM   1033 O  O   . ALA A 1 138 ? -1.965  7.167   -8.662  1.00 35.36 ? 137 ALA A O   1 
ATOM   1034 C  CB  . ALA A 1 138 ? -4.850  8.446   -9.554  1.00 36.62 ? 137 ALA A CB  1 
ATOM   1035 N  N   . ARG A 1 139 ? -3.339  7.504   -6.972  1.00 36.87 ? 138 ARG A N   1 
ATOM   1036 C  CA  . ARG A 1 139 ? -2.271  7.604   -6.018  1.00 36.54 ? 138 ARG A CA  1 
ATOM   1037 C  C   . ARG A 1 139 ? -1.459  6.330   -5.965  1.00 36.01 ? 138 ARG A C   1 
ATOM   1038 O  O   . ARG A 1 139 ? -0.230  6.383   -5.799  1.00 35.04 ? 138 ARG A O   1 
ATOM   1039 C  CB  . ARG A 1 139 ? -2.818  7.959   -4.627  1.00 38.41 ? 138 ARG A CB  1 
ATOM   1040 C  CG  . ARG A 1 139 ? -3.321  9.359   -4.529  1.00 41.52 ? 138 ARG A CG  1 
ATOM   1041 C  CD  . ARG A 1 139 ? -3.344  9.855   -3.044  1.00 51.74 ? 138 ARG A CD  1 
ATOM   1042 N  NE  . ARG A 1 139 ? -3.986  8.892   -2.154  1.00 53.29 ? 138 ARG A NE  1 
ATOM   1043 C  CZ  . ARG A 1 139 ? -5.302  8.795   -1.948  1.00 53.80 ? 138 ARG A CZ  1 
ATOM   1044 N  NH1 . ARG A 1 139 ? -6.148  9.618   -2.552  1.00 53.21 ? 138 ARG A NH1 1 
ATOM   1045 N  NH2 . ARG A 1 139 ? -5.770  7.863   -1.117  1.00 53.44 ? 138 ARG A NH2 1 
ATOM   1046 N  N   . GLY A 1 140 ? -2.138  5.186   -6.118  1.00 35.63 ? 139 GLY A N   1 
ATOM   1047 C  CA  . GLY A 1 140 ? -1.488  3.882   -6.062  1.00 35.84 ? 139 GLY A CA  1 
ATOM   1048 C  C   . GLY A 1 140 ? -0.541  3.698   -7.241  1.00 35.12 ? 139 GLY A C   1 
ATOM   1049 O  O   . GLY A 1 140 ? 0.585   3.232   -7.125  1.00 36.09 ? 139 GLY A O   1 
ATOM   1050 N  N   . ASP A 1 141 ? -1.056  4.005   -8.388  1.00 33.84 ? 140 ASP A N   1 
ATOM   1051 C  CA  . ASP A 1 141 ? -0.271  4.024   -9.617  1.00 35.48 ? 140 ASP A CA  1 
ATOM   1052 C  C   . ASP A 1 141 ? 0.992   4.910   -9.514  1.00 36.52 ? 140 ASP A C   1 
ATOM   1053 O  O   . ASP A 1 141 ? 2.102   4.469   -9.884  1.00 40.14 ? 140 ASP A O   1 
ATOM   1054 C  CB  . ASP A 1 141 ? -1.189  4.527   -10.707 1.00 30.27 ? 140 ASP A CB  1 
ATOM   1055 C  CG  . ASP A 1 141 ? -2.020  3.414   -11.376 1.00 38.44 ? 140 ASP A CG  1 
ATOM   1056 O  OD1 . ASP A 1 141 ? -1.839  2.194   -11.066 1.00 41.63 ? 140 ASP A OD1 1 
ATOM   1057 O  OD2 . ASP A 1 141 ? -2.803  3.764   -12.270 1.00 41.41 ? 140 ASP A OD2 1 
ATOM   1058 N  N   . ALA A 1 142 ? 0.812   6.169   -9.111  1.00 36.15 ? 141 ALA A N   1 
ATOM   1059 C  CA  . ALA A 1 142 ? 1.910   7.104   -8.886  1.00 33.88 ? 141 ALA A CA  1 
ATOM   1060 C  C   . ALA A 1 142 ? 2.983   6.500   -7.988  1.00 34.85 ? 141 ALA A C   1 
ATOM   1061 O  O   . ALA A 1 142 ? 4.144   6.543   -8.283  1.00 35.62 ? 141 ALA A O   1 
ATOM   1062 C  CB  . ALA A 1 142 ? 1.371   8.375   -8.282  1.00 34.29 ? 141 ALA A CB  1 
ATOM   1063 N  N   . PHE A 1 143 ? 2.548   5.978   -6.860  1.00 34.93 ? 142 PHE A N   1 
ATOM   1064 C  CA  . PHE A 1 143 ? 3.374   5.288   -5.870  1.00 35.71 ? 142 PHE A CA  1 
ATOM   1065 C  C   . PHE A 1 143 ? 4.171   4.125   -6.415  1.00 36.85 ? 142 PHE A C   1 
ATOM   1066 O  O   . PHE A 1 143 ? 5.362   3.992   -6.164  1.00 39.40 ? 142 PHE A O   1 
ATOM   1067 C  CB  . PHE A 1 143 ? 2.415   4.742   -4.781  1.00 34.23 ? 142 PHE A CB  1 
ATOM   1068 C  CG  . PHE A 1 143 ? 3.106   3.930   -3.746  1.00 33.98 ? 142 PHE A CG  1 
ATOM   1069 C  CD1 . PHE A 1 143 ? 3.809   4.543   -2.734  1.00 31.98 ? 142 PHE A CD1 1 
ATOM   1070 C  CD2 . PHE A 1 143 ? 3.104   2.563   -3.824  1.00 33.10 ? 142 PHE A CD2 1 
ATOM   1071 C  CE1 . PHE A 1 143 ? 4.497   3.802   -1.751  1.00 33.72 ? 142 PHE A CE1 1 
ATOM   1072 C  CE2 . PHE A 1 143 ? 3.802   1.811   -2.896  1.00 32.99 ? 142 PHE A CE2 1 
ATOM   1073 C  CZ  . PHE A 1 143 ? 4.492   2.441   -1.837  1.00 35.10 ? 142 PHE A CZ  1 
ATOM   1074 N  N   . PHE A 1 144 ? 3.518   3.245   -7.163  1.00 37.70 ? 143 PHE A N   1 
ATOM   1075 C  CA  . PHE A 1 144 ? 4.183   2.026   -7.619  1.00 36.36 ? 143 PHE A CA  1 
ATOM   1076 C  C   . PHE A 1 144 ? 5.201   2.456   -8.693  1.00 36.91 ? 143 PHE A C   1 
ATOM   1077 O  O   . PHE A 1 144 ? 6.301   1.928   -8.802  1.00 38.68 ? 143 PHE A O   1 
ATOM   1078 C  CB  . PHE A 1 144 ? 3.093   1.134   -8.194  1.00 37.40 ? 143 PHE A CB  1 
ATOM   1079 C  CG  . PHE A 1 144 ? 3.353   -0.358  -8.114  1.00 33.11 ? 143 PHE A CG  1 
ATOM   1080 C  CD1 . PHE A 1 144 ? 3.154   -1.153  -9.229  1.00 32.66 ? 143 PHE A CD1 1 
ATOM   1081 C  CD2 . PHE A 1 144 ? 3.678   -0.952  -6.955  1.00 38.48 ? 143 PHE A CD2 1 
ATOM   1082 C  CE1 . PHE A 1 144 ? 3.397   -2.517  -9.178  1.00 36.65 ? 143 PHE A CE1 1 
ATOM   1083 C  CE2 . PHE A 1 144 ? 3.858   -2.315  -6.894  1.00 44.48 ? 143 PHE A CE2 1 
ATOM   1084 C  CZ  . PHE A 1 144 ? 3.709   -3.089  -8.008  1.00 39.45 ? 143 PHE A CZ  1 
ATOM   1085 N  N   . LYS A 1 145 ? 4.801   3.420   -9.481  1.00 34.72 ? 144 LYS A N   1 
ATOM   1086 C  CA  . LYS A 1 145 ? 5.694   3.994   -10.524 1.00 33.10 ? 144 LYS A CA  1 
ATOM   1087 C  C   . LYS A 1 145 ? 6.924   4.708   -9.983  1.00 33.94 ? 144 LYS A C   1 
ATOM   1088 O  O   . LYS A 1 145 ? 8.030   4.655   -10.586 1.00 34.07 ? 144 LYS A O   1 
ATOM   1089 C  CB  . LYS A 1 145 ? 4.909   4.900   -11.405 1.00 34.69 ? 144 LYS A CB  1 
ATOM   1090 C  CG  . LYS A 1 145 ? 5.753   5.506   -12.467 1.00 31.59 ? 144 LYS A CG  1 
ATOM   1091 C  CD  . LYS A 1 145 ? 6.513   4.469   -13.319 1.00 43.39 ? 144 LYS A CD  1 
ATOM   1092 C  CE  . LYS A 1 145 ? 5.803   4.181   -14.647 1.00 44.19 ? 144 LYS A CE  1 
ATOM   1093 N  NZ  . LYS A 1 145 ? 6.339   3.006   -15.310 1.00 42.17 ? 144 LYS A NZ  1 
ATOM   1094 N  N   . ALA A 1 146 ? 6.749   5.384   -8.836  1.00 32.72 ? 145 ALA A N   1 
ATOM   1095 C  CA  . ALA A 1 146 ? 7.829   6.061   -8.166  1.00 31.86 ? 145 ALA A CA  1 
ATOM   1096 C  C   . ALA A 1 146 ? 8.809   5.065   -7.595  1.00 32.57 ? 145 ALA A C   1 
ATOM   1097 O  O   . ALA A 1 146 ? 10.034  5.246   -7.718  1.00 31.07 ? 145 ALA A O   1 
ATOM   1098 C  CB  . ALA A 1 146 ? 7.300   7.001   -7.098  1.00 32.32 ? 145 ALA A CB  1 
ATOM   1099 N  N   . ILE A 1 147 ? 8.275   4.012   -6.963  1.00 32.42 ? 146 ILE A N   1 
ATOM   1100 C  CA  . ILE A 1 147 ? 9.093   2.872   -6.545  1.00 34.50 ? 146 ILE A CA  1 
ATOM   1101 C  C   . ILE A 1 147 ? 9.912   2.248   -7.695  1.00 36.13 ? 146 ILE A C   1 
ATOM   1102 O  O   . ILE A 1 147 ? 11.152  2.054   -7.578  1.00 36.86 ? 146 ILE A O   1 
ATOM   1103 C  CB  . ILE A 1 147 ? 8.218   1.797   -5.884  1.00 35.98 ? 146 ILE A CB  1 
ATOM   1104 C  CG1 . ILE A 1 147 ? 7.598   2.358   -4.612  1.00 34.54 ? 146 ILE A CG1 1 
ATOM   1105 C  CG2 . ILE A 1 147 ? 9.042   0.519   -5.568  1.00 33.50 ? 146 ILE A CG2 1 
ATOM   1106 C  CD1 . ILE A 1 147 ? 8.564   2.491   -3.420  1.00 33.10 ? 146 ILE A CD1 1 
ATOM   1107 N  N   . GLU A 1 148 ? 9.232   2.010   -8.812  1.00 36.80 ? 147 GLU A N   1 
ATOM   1108 C  CA  . GLU A 1 148 ? 9.851   1.540   -10.021 1.00 35.90 ? 147 GLU A CA  1 
ATOM   1109 C  C   . GLU A 1 148 ? 10.953  2.463   -10.555 1.00 34.41 ? 147 GLU A C   1 
ATOM   1110 O  O   . GLU A 1 148 ? 12.003  1.957   -10.942 1.00 35.44 ? 147 GLU A O   1 
ATOM   1111 C  CB  . GLU A 1 148 ? 8.797   1.241   -11.099 1.00 36.55 ? 147 GLU A CB  1 
ATOM   1112 C  CG  . GLU A 1 148 ? 9.367   0.805   -12.456 1.00 36.94 ? 147 GLU A CG  1 
ATOM   1113 C  CD  . GLU A 1 148 ? 8.375   0.952   -13.574 1.00 45.80 ? 147 GLU A CD  1 
ATOM   1114 O  OE1 . GLU A 1 148 ? 8.474   1.910   -14.367 1.00 45.58 ? 147 GLU A OE1 1 
ATOM   1115 O  OE2 . GLU A 1 148 ? 7.503   0.090   -13.695 1.00 41.37 ? 147 GLU A OE2 1 
ATOM   1116 N  N   . SER A 1 149 ? 10.771  3.781   -10.571 1.00 35.63 ? 148 SER A N   1 
ATOM   1117 C  CA  . SER A 1 149 ? 11.821  4.634   -11.082 1.00 36.81 ? 148 SER A CA  1 
ATOM   1118 C  C   . SER A 1 149 ? 13.004  4.543   -10.160 1.00 36.24 ? 148 SER A C   1 
ATOM   1119 O  O   . SER A 1 149 ? 14.151  4.466   -10.647 1.00 35.73 ? 148 SER A O   1 
ATOM   1120 C  CB  . SER A 1 149 ? 11.391  6.106   -11.264 1.00 36.48 ? 148 SER A CB  1 
ATOM   1121 O  OG  . SER A 1 149 ? 10.169  6.106   -11.947 1.00 42.41 ? 148 SER A OG  1 
ATOM   1122 N  N   . TYR A 1 150 ? 12.742  4.559   -8.843  1.00 35.20 ? 149 TYR A N   1 
ATOM   1123 C  CA  . TYR A 1 150 ? 13.847  4.550   -7.871  1.00 35.36 ? 149 TYR A CA  1 
ATOM   1124 C  C   . TYR A 1 150 ? 14.677  3.275   -8.075  1.00 35.96 ? 149 TYR A C   1 
ATOM   1125 O  O   . TYR A 1 150 ? 15.898  3.324   -8.226  1.00 33.83 ? 149 TYR A O   1 
ATOM   1126 C  CB  . TYR A 1 150 ? 13.367  4.650   -6.398  1.00 35.31 ? 149 TYR A CB  1 
ATOM   1127 C  CG  . TYR A 1 150 ? 14.529  4.599   -5.404  1.00 34.96 ? 149 TYR A CG  1 
ATOM   1128 C  CD1 . TYR A 1 150 ? 15.296  5.736   -5.103  1.00 35.95 ? 149 TYR A CD1 1 
ATOM   1129 C  CD2 . TYR A 1 150 ? 14.887  3.402   -4.819  1.00 37.54 ? 149 TYR A CD2 1 
ATOM   1130 C  CE1 . TYR A 1 150 ? 16.406  5.656   -4.220  1.00 35.79 ? 149 TYR A CE1 1 
ATOM   1131 C  CE2 . TYR A 1 150 ? 15.954  3.301   -3.940  1.00 33.88 ? 149 TYR A CE2 1 
ATOM   1132 C  CZ  . TYR A 1 150 ? 16.713  4.414   -3.637  1.00 39.30 ? 149 TYR A CZ  1 
ATOM   1133 O  OH  . TYR A 1 150 ? 17.765  4.223   -2.769  1.00 39.79 ? 149 TYR A OH  1 
ATOM   1134 N  N   . LEU A 1 151 ? 14.007  2.122   -8.081  1.00 36.56 ? 150 LEU A N   1 
ATOM   1135 C  CA  . LEU A 1 151 ? 14.716  0.853   -8.107  1.00 37.89 ? 150 LEU A CA  1 
ATOM   1136 C  C   . LEU A 1 151 ? 15.397  0.556   -9.448  1.00 39.66 ? 150 LEU A C   1 
ATOM   1137 O  O   . LEU A 1 151 ? 16.380  -0.206  -9.508  1.00 40.88 ? 150 LEU A O   1 
ATOM   1138 C  CB  . LEU A 1 151 ? 13.774  -0.252  -7.719  1.00 38.02 ? 150 LEU A CB  1 
ATOM   1139 C  CG  . LEU A 1 151 ? 13.182  -0.287  -6.287  1.00 37.58 ? 150 LEU A CG  1 
ATOM   1140 C  CD1 . LEU A 1 151 ? 12.074  -1.343  -6.303  1.00 40.37 ? 150 LEU A CD1 1 
ATOM   1141 C  CD2 . LEU A 1 151 ? 14.138  -0.588  -5.109  1.00 36.04 ? 150 LEU A CD2 1 
ATOM   1142 N  N   . SER A 1 152 ? 14.909  1.182   -10.509 1.00 39.87 ? 151 SER A N   1 
ATOM   1143 C  CA  . SER A 1 152 ? 15.550  1.116   -11.815 1.00 42.31 ? 151 SER A CA  1 
ATOM   1144 C  C   . SER A 1 152 ? 16.908  1.795   -11.834 1.00 43.54 ? 151 SER A C   1 
ATOM   1145 O  O   . SER A 1 152 ? 17.820  1.355   -12.554 1.00 43.60 ? 151 SER A O   1 
ATOM   1146 C  CB  . SER A 1 152 ? 14.671  1.783   -12.875 1.00 41.62 ? 151 SER A CB  1 
ATOM   1147 O  OG  . SER A 1 152 ? 13.532  1.016   -13.119 1.00 47.74 ? 151 SER A OG  1 
ATOM   1148 N  N   . ALA A 1 153 ? 17.025  2.883   -11.077 1.00 44.81 ? 152 ALA A N   1 
ATOM   1149 C  CA  . ALA A 1 153 ? 18.274  3.605   -10.953 1.00 46.66 ? 152 ALA A CA  1 
ATOM   1150 C  C   . ALA A 1 153 ? 19.135  3.165   -9.770  1.00 47.59 ? 152 ALA A C   1 
ATOM   1151 O  O   . ALA A 1 153 ? 20.313  3.482   -9.736  1.00 48.34 ? 152 ALA A O   1 
ATOM   1152 C  CB  . ALA A 1 153 ? 18.004  5.112   -10.868 1.00 46.77 ? 152 ALA A CB  1 
ATOM   1153 N  N   . HIS A 1 154 ? 18.570  2.467   -8.798  1.00 48.88 ? 153 HIS A N   1 
ATOM   1154 C  CA  . HIS A 1 154 ? 19.309  2.138   -7.572  1.00 50.40 ? 153 HIS A CA  1 
ATOM   1155 C  C   . HIS A 1 154 ? 19.174  0.655   -7.259  1.00 52.16 ? 153 HIS A C   1 
ATOM   1156 O  O   . HIS A 1 154 ? 18.616  0.279   -6.214  1.00 52.80 ? 153 HIS A O   1 
ATOM   1157 C  CB  . HIS A 1 154 ? 18.801  2.966   -6.377  1.00 50.13 ? 153 HIS A CB  1 
ATOM   1158 C  CG  . HIS A 1 154 ? 18.894  4.447   -6.567  1.00 49.58 ? 153 HIS A CG  1 
ATOM   1159 N  ND1 . HIS A 1 154 ? 20.018  5.172   -6.234  1.00 53.18 ? 153 HIS A ND1 1 
ATOM   1160 C  CD2 . HIS A 1 154 ? 17.992  5.346   -7.027  1.00 46.78 ? 153 HIS A CD2 1 
ATOM   1161 C  CE1 . HIS A 1 154 ? 19.807  6.450   -6.496  1.00 53.48 ? 153 HIS A CE1 1 
ATOM   1162 N  NE2 . HIS A 1 154 ? 18.586  6.580   -6.982  1.00 50.10 ? 153 HIS A NE2 1 
ATOM   1163 N  N   . PRO A 1 155 ? 19.694  -0.203  -8.155  1.00 53.59 ? 154 PRO A N   1 
ATOM   1164 C  CA  . PRO A 1 155 ? 19.531  -1.651  -7.936  1.00 54.29 ? 154 PRO A CA  1 
ATOM   1165 C  C   . PRO A 1 155 ? 20.373  -2.220  -6.774  1.00 54.62 ? 154 PRO A C   1 
ATOM   1166 O  O   . PRO A 1 155 ? 21.148  -1.494  -6.116  1.00 54.45 ? 154 PRO A O   1 
ATOM   1167 C  CB  . PRO A 1 155 ? 19.951  -2.265  -9.289  1.00 54.77 ? 154 PRO A CB  1 
ATOM   1168 C  CG  . PRO A 1 155 ? 20.146  -1.044  -10.270 1.00 54.88 ? 154 PRO A CG  1 
ATOM   1169 C  CD  . PRO A 1 155 ? 20.464  0.099   -9.384  1.00 53.59 ? 154 PRO A CD  1 
HETATM 1170 N  N7  . BSU B 2 .   ? 2.700   -1.792  0.129   1.00 32.21 ? 158 BSU A N7  1 
HETATM 1171 C  C8  . BSU B 2 .   ? 2.682   -0.719  0.899   1.00 27.00 ? 158 BSU A C8  1 
HETATM 1172 N  N9  . BSU B 2 .   ? 1.904   0.186   0.265   1.00 34.51 ? 158 BSU A N9  1 
HETATM 1173 O  O11 . BSU B 2 .   ? 3.230   -0.583  1.964   1.00 28.58 ? 158 BSU A O11 1 
HETATM 1174 C  C5  . BSU B 2 .   ? 3.240   -3.094  0.144   1.00 26.18 ? 158 BSU A C5  1 
HETATM 1175 C  C4  . BSU B 2 .   ? 3.301   -3.795  -1.031  1.00 19.12 ? 158 BSU A C4  1 
HETATM 1176 C  C3  . BSU B 2 .   ? 3.778   -5.068  -1.109  1.00 28.60 ? 158 BSU A C3  1 
HETATM 1177 C  C2  . BSU B 2 .   ? 4.203   -5.648  0.037   1.00 35.36 ? 158 BSU A C2  1 
HETATM 1178 C  C1  . BSU B 2 .   ? 4.147   -4.940  1.230   1.00 39.81 ? 158 BSU A C1  1 
HETATM 1179 C  C6  . BSU B 2 .   ? 3.637   -3.652  1.291   1.00 33.60 ? 158 BSU A C6  1 
HETATM 1180 C  C10 . BSU B 2 .   ? 1.469   1.512   0.444   1.00 28.63 ? 158 BSU A C10 1 
HETATM 1181 C  C16 . BSU B 2 .   ? 0.942   2.035   -0.702  1.00 33.30 ? 158 BSU A C16 1 
HETATM 1182 C  C15 . BSU B 2 .   ? 0.483   3.315   -0.733  1.00 34.73 ? 158 BSU A C15 1 
HETATM 1183 C  C14 . BSU B 2 .   ? 0.537   4.093   0.379   1.00 32.62 ? 158 BSU A C14 1 
HETATM 1184 C  C13 . BSU B 2 .   ? 1.055   3.583   1.526   1.00 37.74 ? 158 BSU A C13 1 
HETATM 1185 C  C12 . BSU B 2 .   ? 1.541   2.280   1.560   1.00 36.63 ? 158 BSU A C12 1 
HETATM 1186 N  N7  . BSU C 2 .   ? 0.707   9.728   -3.469  1.00 32.52 ? 159 BSU A N7  1 
HETATM 1187 C  C8  . BSU C 2 .   ? 0.293   9.343   -2.250  1.00 34.78 ? 159 BSU A C8  1 
HETATM 1188 N  N9  . BSU C 2 .   ? 0.756   8.146   -1.765  1.00 33.10 ? 159 BSU A N9  1 
HETATM 1189 O  O11 . BSU C 2 .   ? -0.464  10.054  -1.581  1.00 34.86 ? 159 BSU A O11 1 
HETATM 1190 C  C5  . BSU C 2 .   ? 0.243   10.895  -4.140  1.00 32.81 ? 159 BSU A C5  1 
HETATM 1191 C  C4  . BSU C 2 .   ? -0.124  10.738  -5.468  1.00 31.98 ? 159 BSU A C4  1 
HETATM 1192 C  C3  . BSU C 2 .   ? -0.651  11.802  -6.200  1.00 29.47 ? 159 BSU A C3  1 
HETATM 1193 C  C2  . BSU C 2 .   ? -0.835  13.003  -5.589  1.00 33.21 ? 159 BSU A C2  1 
HETATM 1194 C  C1  . BSU C 2 .   ? -0.511  13.150  -4.249  1.00 34.24 ? 159 BSU A C1  1 
HETATM 1195 C  C6  . BSU C 2 .   ? 0.013   12.098  -3.505  1.00 31.16 ? 159 BSU A C6  1 
HETATM 1196 C  C10 . BSU C 2 .   ? 0.328   7.649   -0.501  1.00 35.65 ? 159 BSU A C10 1 
HETATM 1197 C  C16 . BSU C 2 .   ? 1.152   7.466   0.599   1.00 36.89 ? 159 BSU A C16 1 
HETATM 1198 C  C15 . BSU C 2 .   ? 0.612   6.974   1.782   1.00 34.48 ? 159 BSU A C15 1 
HETATM 1199 C  C14 . BSU C 2 .   ? -0.718  6.653   1.907   1.00 29.99 ? 159 BSU A C14 1 
HETATM 1200 C  C13 . BSU C 2 .   ? -1.529  6.829   0.830   1.00 30.50 ? 159 BSU A C13 1 
HETATM 1201 C  C12 . BSU C 2 .   ? -1.004  7.315   -0.362  1.00 33.94 ? 159 BSU A C12 1 
HETATM 1202 N  N7  . BSU D 2 .   ? 0.528   -1.625  -5.459  1.00 27.18 ? 160 BSU A N7  1 
HETATM 1203 C  C8  . BSU D 2 .   ? -0.374  -0.754  -5.024  1.00 32.64 ? 160 BSU A C8  1 
HETATM 1204 N  N9  . BSU D 2 .   ? -1.045  -0.980  -3.881  1.00 39.58 ? 160 BSU A N9  1 
HETATM 1205 O  O11 . BSU D 2 .   ? -0.626  0.242   -5.665  1.00 48.31 ? 160 BSU A O11 1 
HETATM 1206 C  C5  . BSU D 2 .   ? 1.010   -2.842  -4.904  1.00 21.23 ? 160 BSU A C5  1 
HETATM 1207 C  C4  . BSU D 2 .   ? 2.280   -2.900  -4.402  1.00 34.49 ? 160 BSU A C4  1 
HETATM 1208 C  C3  . BSU D 2 .   ? 2.798   -4.080  -3.882  1.00 29.41 ? 160 BSU A C3  1 
HETATM 1209 C  C2  . BSU D 2 .   ? 2.041   -5.182  -3.889  1.00 20.26 ? 160 BSU A C2  1 
HETATM 1210 C  C1  . BSU D 2 .   ? 0.790   -5.124  -4.443  1.00 23.87 ? 160 BSU A C1  1 
HETATM 1211 C  C6  . BSU D 2 .   ? 0.267   -3.963  -4.926  1.00 25.50 ? 160 BSU A C6  1 
HETATM 1212 C  C10 . BSU D 2 .   ? -2.022  -0.085  -3.359  1.00 38.90 ? 160 BSU A C10 1 
HETATM 1213 C  C16 . BSU D 2 .   ? -1.599  1.179   -3.004  1.00 41.71 ? 160 BSU A C16 1 
HETATM 1214 C  C15 . BSU D 2 .   ? -2.509  2.087   -2.492  1.00 42.46 ? 160 BSU A C15 1 
HETATM 1215 C  C14 . BSU D 2 .   ? -3.837  1.787   -2.317  1.00 36.00 ? 160 BSU A C14 1 
HETATM 1216 C  C13 . BSU D 2 .   ? -4.241  0.534   -2.674  1.00 42.31 ? 160 BSU A C13 1 
HETATM 1217 C  C12 . BSU D 2 .   ? -3.342  -0.398  -3.182  1.00 42.67 ? 160 BSU A C12 1 
HETATM 1218 N  N7  . BSU E 2 .   ? -8.232  3.785   -0.384  1.00 46.10 ? 161 BSU A N7  1 
HETATM 1219 C  C8  . BSU E 2 .   ? -9.529  3.876   -0.718  1.00 42.67 ? 161 BSU A C8  1 
HETATM 1220 N  N9  . BSU E 2 .   ? -9.809  2.924   -1.656  1.00 43.23 ? 161 BSU A N9  1 
HETATM 1221 O  O11 . BSU E 2 .   ? -10.338 4.676   -0.249  1.00 39.23 ? 161 BSU A O11 1 
HETATM 1222 C  C5  . BSU E 2 .   ? -7.360  4.489   0.499   1.00 46.69 ? 161 BSU A C5  1 
HETATM 1223 C  C4  . BSU E 2 .   ? -7.570  5.797   0.891   1.00 48.00 ? 161 BSU A C4  1 
HETATM 1224 C  C3  . BSU E 2 .   ? -6.631  6.400   1.732   1.00 49.59 ? 161 BSU A C3  1 
HETATM 1225 C  C2  . BSU E 2 .   ? -5.515  5.716   2.156   1.00 47.99 ? 161 BSU A C2  1 
HETATM 1226 C  C1  . BSU E 2 .   ? -5.304  4.417   1.749   1.00 46.00 ? 161 BSU A C1  1 
HETATM 1227 C  C6  . BSU E 2 .   ? -6.229  3.804   0.917   1.00 46.15 ? 161 BSU A C6  1 
HETATM 1228 C  C10 . BSU E 2 .   ? -10.970 2.550   -2.379  1.00 43.51 ? 161 BSU A C10 1 
HETATM 1229 C  C16 . BSU E 2 .   ? -10.932 1.323   -3.008  1.00 45.18 ? 161 BSU A C16 1 
HETATM 1230 C  C15 . BSU E 2 .   ? -12.006 0.883   -3.745  1.00 44.18 ? 161 BSU A C15 1 
HETATM 1231 C  C14 . BSU E 2 .   ? -13.130 1.647   -3.899  1.00 44.77 ? 161 BSU A C14 1 
HETATM 1232 C  C13 . BSU E 2 .   ? -13.167 2.866   -3.294  1.00 44.03 ? 161 BSU A C13 1 
HETATM 1233 C  C12 . BSU E 2 .   ? -12.085 3.314   -2.533  1.00 43.08 ? 161 BSU A C12 1 
HETATM 1234 NA NA  . NA  F 3 .   ? 10.203  11.093  0.116   1.00 34.42 ? 162 NA  A NA  1 
HETATM 1235 NA NA  . NA  G 3 .   ? -22.258 0.311   5.387   1.00 41.02 ? 163 NA  A NA  1 
HETATM 1236 O  O   . HOH H 4 .   ? -3.595  6.153   -12.609 1.00 25.87 ? 164 HOH A O   1 
HETATM 1237 O  O   . HOH H 4 .   ? 14.664  6.561   4.028   1.00 27.10 ? 165 HOH A O   1 
HETATM 1238 O  O   . HOH H 4 .   ? 8.417   8.261   -11.132 1.00 28.53 ? 166 HOH A O   1 
HETATM 1239 O  O   . HOH H 4 .   ? -12.782 -4.216  -8.369  1.00 29.54 ? 167 HOH A O   1 
HETATM 1240 O  O   . HOH H 4 .   ? -9.335  -0.991  9.022   1.00 29.84 ? 168 HOH A O   1 
HETATM 1241 O  O   . HOH H 4 .   ? -1.098  -1.263  -14.341 1.00 30.43 ? 169 HOH A O   1 
HETATM 1242 O  O   . HOH H 4 .   ? 13.867  -5.923  -11.545 1.00 30.68 ? 170 HOH A O   1 
HETATM 1243 O  O   . HOH H 4 .   ? 12.138  -12.422 -18.171 1.00 31.32 ? 171 HOH A O   1 
HETATM 1244 O  O   . HOH H 4 .   ? 5.736   9.531   12.160  1.00 31.75 ? 172 HOH A O   1 
HETATM 1245 O  O   . HOH H 4 .   ? 3.100   -14.348 -5.428  1.00 31.87 ? 173 HOH A O   1 
HETATM 1246 O  O   . HOH H 4 .   ? 8.327   10.364  -6.231  1.00 31.89 ? 174 HOH A O   1 
HETATM 1247 O  O   . HOH H 4 .   ? 2.287   2.308   -11.516 1.00 32.38 ? 175 HOH A O   1 
HETATM 1248 O  O   . HOH H 4 .   ? -16.845 -4.115  -6.181  1.00 32.59 ? 176 HOH A O   1 
HETATM 1249 O  O   . HOH H 4 .   ? 5.739   8.826   9.521   1.00 32.77 ? 177 HOH A O   1 
HETATM 1250 O  O   . HOH H 4 .   ? 11.394  7.815   7.377   1.00 32.79 ? 178 HOH A O   1 
HETATM 1251 O  O   . HOH H 4 .   ? -6.226  -9.922  -5.793  1.00 33.16 ? 179 HOH A O   1 
HETATM 1252 O  O   . HOH H 4 .   ? 11.193  7.750   -7.547  1.00 33.21 ? 180 HOH A O   1 
HETATM 1253 O  O   . HOH H 4 .   ? 2.881   -8.440  -2.150  1.00 33.39 ? 181 HOH A O   1 
HETATM 1254 O  O   . HOH H 4 .   ? 7.707   -12.239 -17.711 1.00 33.63 ? 182 HOH A O   1 
HETATM 1255 O  O   . HOH H 4 .   ? 4.881   0.799   -12.026 1.00 34.01 ? 183 HOH A O   1 
HETATM 1256 O  O   . HOH H 4 .   ? -20.843 6.994   -2.036  1.00 34.12 ? 184 HOH A O   1 
HETATM 1257 O  O   . HOH H 4 .   ? -4.255  -10.471 -4.107  1.00 34.34 ? 185 HOH A O   1 
HETATM 1258 O  O   . HOH H 4 .   ? 0.425   0.351   -11.566 1.00 35.93 ? 186 HOH A O   1 
HETATM 1259 O  O   . HOH H 4 .   ? 6.873   -0.589  -8.791  1.00 36.42 ? 187 HOH A O   1 
HETATM 1260 O  O   . HOH H 4 .   ? -6.171  -8.504  -8.193  1.00 36.49 ? 188 HOH A O   1 
HETATM 1261 O  O   . HOH H 4 .   ? -3.291  -3.600  -15.145 1.00 36.74 ? 189 HOH A O   1 
HETATM 1262 O  O   . HOH H 4 .   ? 7.843   -1.246  17.509  1.00 36.81 ? 190 HOH A O   1 
HETATM 1263 O  O   . HOH H 4 .   ? 9.627   9.893   -8.805  1.00 36.91 ? 191 HOH A O   1 
HETATM 1264 O  O   . HOH H 4 .   ? -2.701  -6.053  -14.843 1.00 37.25 ? 192 HOH A O   1 
HETATM 1265 O  O   . HOH H 4 .   ? -13.691 4.924   -1.958  1.00 37.34 ? 193 HOH A O   1 
HETATM 1266 O  O   . HOH H 4 .   ? 4.776   -2.182  -16.133 1.00 37.55 ? 194 HOH A O   1 
HETATM 1267 O  O   . HOH H 4 .   ? 5.396   -2.307  4.295   1.00 37.59 ? 195 HOH A O   1 
HETATM 1268 O  O   . HOH H 4 .   ? 6.256   -21.459 -1.538  1.00 37.72 ? 196 HOH A O   1 
HETATM 1269 O  O   . HOH H 4 .   ? -0.698  -1.983  -1.465  1.00 37.88 ? 197 HOH A O   1 
HETATM 1270 O  O   . HOH H 4 .   ? -4.709  -13.880 1.552   1.00 38.32 ? 198 HOH A O   1 
HETATM 1271 O  O   . HOH H 4 .   ? -18.688 5.306   2.248   1.00 38.63 ? 199 HOH A O   1 
HETATM 1272 O  O   . HOH H 4 .   ? 13.059  -1.946  -17.516 1.00 38.63 ? 200 HOH A O   1 
HETATM 1273 O  O   . HOH H 4 .   ? 1.901   -7.013  -17.272 1.00 39.05 ? 201 HOH A O   1 
HETATM 1274 O  O   . HOH H 4 .   ? -25.777 6.554   5.823   1.00 39.23 ? 202 HOH A O   1 
HETATM 1275 O  O   . HOH H 4 .   ? -11.557 -1.875  -8.455  1.00 39.30 ? 203 HOH A O   1 
HETATM 1276 O  O   . HOH H 4 .   ? 4.217   -6.236  -15.482 1.00 39.32 ? 204 HOH A O   1 
HETATM 1277 O  O   . HOH H 4 .   ? -24.117 -6.745  7.030   0.50 39.66 ? 205 HOH A O   1 
HETATM 1278 O  O   . HOH H 4 .   ? -3.022  1.661   0.790   1.00 39.69 ? 206 HOH A O   1 
HETATM 1279 O  O   . HOH H 4 .   ? 4.857   -18.431 -4.937  1.00 39.73 ? 207 HOH A O   1 
HETATM 1280 O  O   . HOH H 4 .   ? 1.347   -14.135 8.461   1.00 39.82 ? 208 HOH A O   1 
HETATM 1281 O  O   . HOH H 4 .   ? 11.787  11.761  -1.503  1.00 39.99 ? 209 HOH A O   1 
HETATM 1282 O  O   . HOH H 4 .   ? 12.296  -10.510 -2.030  1.00 40.05 ? 210 HOH A O   1 
HETATM 1283 O  O   . HOH H 4 .   ? 2.367   -1.585  -2.398  1.00 40.13 ? 211 HOH A O   1 
HETATM 1284 O  O   . HOH H 4 .   ? -1.525  -11.795 0.100   1.00 40.34 ? 212 HOH A O   1 
HETATM 1285 O  O   . HOH H 4 .   ? -0.826  -0.816  -17.086 1.00 41.49 ? 213 HOH A O   1 
HETATM 1286 O  O   . HOH H 4 .   ? 1.697   15.743  -3.193  1.00 41.54 ? 214 HOH A O   1 
HETATM 1287 O  O   . HOH H 4 .   ? -14.253 3.381   -7.299  1.00 41.63 ? 215 HOH A O   1 
HETATM 1288 O  O   . HOH H 4 .   ? 13.863  -10.278 -19.279 1.00 41.82 ? 216 HOH A O   1 
HETATM 1289 O  O   . HOH H 4 .   ? -8.072  6.565   -11.011 1.00 42.00 ? 217 HOH A O   1 
HETATM 1290 O  O   . HOH H 4 .   ? 9.118   0.900   16.858  1.00 42.03 ? 218 HOH A O   1 
HETATM 1291 O  O   . HOH H 4 .   ? 11.223  -12.151 -8.646  1.00 42.10 ? 219 HOH A O   1 
HETATM 1292 O  O   . HOH H 4 .   ? 7.925   -12.836 -20.357 1.00 42.22 ? 220 HOH A O   1 
HETATM 1293 O  O   . HOH H 4 .   ? 1.428   -12.654 -15.996 1.00 42.31 ? 221 HOH A O   1 
HETATM 1294 O  O   . HOH H 4 .   ? -18.500 -5.879  -3.714  1.00 42.70 ? 222 HOH A O   1 
HETATM 1295 O  O   . HOH H 4 .   ? 12.144  2.263   11.193  1.00 42.87 ? 223 HOH A O   1 
HETATM 1296 O  O   . HOH H 4 .   ? 10.779  -20.702 0.285   1.00 42.96 ? 224 HOH A O   1 
HETATM 1297 O  O   . HOH H 4 .   ? -29.551 2.247   0.950   1.00 43.09 ? 225 HOH A O   1 
HETATM 1298 O  O   . HOH H 4 .   ? 9.684   13.776  0.261   1.00 43.18 ? 226 HOH A O   1 
HETATM 1299 O  O   . HOH H 4 .   ? -5.165  -11.508 6.178   1.00 43.26 ? 227 HOH A O   1 
HETATM 1300 O  O   . HOH H 4 .   ? 10.467  -13.275 -20.137 1.00 43.52 ? 228 HOH A O   1 
HETATM 1301 O  O   . HOH H 4 .   ? -23.275 -0.239  3.660   1.00 43.72 ? 229 HOH A O   1 
HETATM 1302 O  O   . HOH H 4 .   ? 13.816  13.638  -10.630 1.00 44.51 ? 230 HOH A O   1 
HETATM 1303 O  O   . HOH H 4 .   ? -20.825 -1.721  5.225   1.00 44.87 ? 231 HOH A O   1 
HETATM 1304 O  O   . HOH H 4 .   ? 6.056   16.181  -1.184  1.00 45.54 ? 232 HOH A O   1 
HETATM 1305 O  O   . HOH H 4 .   ? 0.091   -16.210 5.973   1.00 45.90 ? 233 HOH A O   1 
HETATM 1306 O  O   . HOH H 4 .   ? 9.997   1.294   -16.585 1.00 46.07 ? 234 HOH A O   1 
HETATM 1307 O  O   . HOH H 4 .   ? 4.824   -10.749 14.597  1.00 46.07 ? 235 HOH A O   1 
HETATM 1308 O  O   . HOH H 4 .   ? -0.856  -7.111  -16.856 1.00 46.17 ? 236 HOH A O   1 
HETATM 1309 O  O   . HOH H 4 .   ? 6.555   -4.052  19.709  1.00 46.47 ? 237 HOH A O   1 
HETATM 1310 O  O   . HOH H 4 .   ? -13.643 5.357   10.908  1.00 47.02 ? 238 HOH A O   1 
HETATM 1311 O  O   . HOH H 4 .   ? 19.056  2.473   0.823   1.00 47.04 ? 239 HOH A O   1 
HETATM 1312 O  O   . HOH H 4 .   ? 2.742   -12.104 16.716  1.00 47.81 ? 240 HOH A O   1 
HETATM 1313 O  O   . HOH H 4 .   ? -7.183  -5.532  -13.954 1.00 47.86 ? 241 HOH A O   1 
HETATM 1314 O  O   . HOH H 4 .   ? -9.642  1.121   -10.376 1.00 48.11 ? 242 HOH A O   1 
HETATM 1315 O  O   . HOH H 4 .   ? 12.714  -1.848  -14.846 1.00 48.13 ? 243 HOH A O   1 
HETATM 1316 O  O   . HOH H 4 .   ? -18.109 12.722  -3.494  1.00 48.14 ? 244 HOH A O   1 
HETATM 1317 O  O   . HOH H 4 .   ? 6.889   -17.144 4.060   1.00 48.69 ? 245 HOH A O   1 
HETATM 1318 O  O   . HOH H 4 .   ? -23.511 -0.964  7.213   1.00 48.72 ? 246 HOH A O   1 
HETATM 1319 O  O   . HOH H 4 .   ? 14.709  5.459   -13.177 1.00 48.75 ? 247 HOH A O   1 
HETATM 1320 O  O   . HOH H 4 .   ? -1.629  -12.667 -13.888 1.00 48.82 ? 248 HOH A O   1 
HETATM 1321 O  O   . HOH H 4 .   ? -15.519 -1.168  -9.128  1.00 49.19 ? 249 HOH A O   1 
HETATM 1322 O  O   . HOH H 4 .   ? -7.088  1.402   -3.777  1.00 49.42 ? 250 HOH A O   1 
HETATM 1323 O  O   . HOH H 4 .   ? 13.458  8.216   -8.906  1.00 49.74 ? 251 HOH A O   1 
HETATM 1324 O  O   . HOH H 4 .   ? 4.412   -7.657  15.907  1.00 49.95 ? 252 HOH A O   1 
HETATM 1325 O  O   . HOH H 4 .   ? -2.567  8.218   15.427  1.00 50.18 ? 253 HOH A O   1 
HETATM 1326 O  O   . HOH H 4 .   ? -9.085  0.291   13.573  1.00 50.22 ? 254 HOH A O   1 
HETATM 1327 O  O   . HOH H 4 .   ? 10.242  -16.720 3.688   1.00 50.27 ? 255 HOH A O   1 
HETATM 1328 O  O   . HOH H 4 .   ? -12.841 -0.391  -10.262 1.00 50.33 ? 256 HOH A O   1 
HETATM 1329 O  O   . HOH H 4 .   ? -6.659  -2.612  -11.842 1.00 50.41 ? 257 HOH A O   1 
HETATM 1330 O  O   . HOH H 4 .   ? -8.995  8.760   -1.148  1.00 50.88 ? 258 HOH A O   1 
HETATM 1331 O  O   . HOH H 4 .   ? 11.441  12.185  2.225   1.00 51.00 ? 259 HOH A O   1 
HETATM 1332 O  O   . HOH H 4 .   ? -1.181  -15.172 4.227   1.00 51.38 ? 260 HOH A O   1 
HETATM 1333 O  O   . HOH H 4 .   ? 10.859  -5.488  -17.314 1.00 51.47 ? 261 HOH A O   1 
HETATM 1334 O  O   . HOH H 4 .   ? -16.860 9.449   1.782   1.00 51.53 ? 262 HOH A O   1 
HETATM 1335 O  O   . HOH H 4 .   ? -11.857 -4.950  5.905   1.00 51.75 ? 263 HOH A O   1 
HETATM 1336 O  O   . HOH H 4 .   ? -11.404 -0.759  11.736  1.00 51.85 ? 264 HOH A O   1 
HETATM 1337 O  O   . HOH H 4 .   ? 19.320  -3.360  -2.191  1.00 51.91 ? 265 HOH A O   1 
HETATM 1338 O  O   . HOH H 4 .   ? 4.382   -16.424 6.555   1.00 52.06 ? 266 HOH A O   1 
HETATM 1339 O  O   . HOH H 4 .   ? 15.145  16.168  -7.366  1.00 52.23 ? 267 HOH A O   1 
HETATM 1340 O  O   . HOH H 4 .   ? 15.357  12.986  1.540   1.00 52.53 ? 268 HOH A O   1 
HETATM 1341 O  O   . HOH H 4 .   ? 10.203  -8.248  6.554   1.00 52.72 ? 269 HOH A O   1 
HETATM 1342 O  O   . HOH H 4 .   ? -6.713  -12.743 -9.638  1.00 53.07 ? 270 HOH A O   1 
HETATM 1343 O  O   . HOH H 4 .   ? 13.383  -9.109  -21.437 1.00 53.83 ? 271 HOH A O   1 
HETATM 1344 O  O   . HOH H 4 .   ? -8.515  -7.872  -15.570 1.00 54.85 ? 272 HOH A O   1 
HETATM 1345 O  O   . HOH H 4 .   ? 16.291  -2.491  -13.471 1.00 55.09 ? 273 HOH A O   1 
HETATM 1346 O  O   . HOH H 4 .   ? 12.905  12.631  -8.267  1.00 55.45 ? 274 HOH A O   1 
HETATM 1347 O  O   . HOH H 4 .   ? -20.648 -3.244  7.456   1.00 55.50 ? 275 HOH A O   1 
HETATM 1348 O  O   . HOH H 4 .   ? 1.381   -19.263 3.289   1.00 55.56 ? 276 HOH A O   1 
HETATM 1349 O  O   . HOH H 4 .   ? -7.423  10.844  13.822  1.00 55.72 ? 277 HOH A O   1 
HETATM 1350 O  O   . HOH H 4 .   ? -4.717  -11.875 -2.080  1.00 55.92 ? 278 HOH A O   1 
HETATM 1351 O  O   . HOH H 4 .   ? -3.808  4.580   -2.253  1.00 56.02 ? 279 HOH A O   1 
HETATM 1352 O  O   . HOH H 4 .   ? -4.191  -9.384  12.533  1.00 56.37 ? 280 HOH A O   1 
HETATM 1353 O  O   . HOH H 4 .   ? 11.743  -17.825 1.820   1.00 56.60 ? 281 HOH A O   1 
HETATM 1354 O  O   . HOH H 4 .   ? -3.966  -15.020 4.310   1.00 56.89 ? 282 HOH A O   1 
HETATM 1355 O  O   . HOH H 4 .   ? -17.992 2.581   -4.818  1.00 57.10 ? 283 HOH A O   1 
HETATM 1356 O  O   . HOH H 4 .   ? -16.966 1.693   15.672  1.00 57.84 ? 284 HOH A O   1 
HETATM 1357 O  O   . HOH H 4 .   ? -15.886 6.126   1.530   1.00 58.38 ? 285 HOH A O   1 
HETATM 1358 O  O   . HOH H 4 .   ? 0.060   17.986  -2.930  1.00 58.60 ? 286 HOH A O   1 
HETATM 1359 O  O   . HOH H 4 .   ? -17.316 5.859   -12.500 1.00 60.01 ? 287 HOH A O   1 
HETATM 1360 O  O   . HOH H 4 .   ? 14.367  -1.982  7.028   1.00 60.38 ? 288 HOH A O   1 
HETATM 1361 O  O   . HOH H 4 .   ? 9.244   16.461  1.253   1.00 60.40 ? 289 HOH A O   1 
HETATM 1362 O  O   . HOH H 4 .   ? 15.322  2.650   -15.883 1.00 60.56 ? 290 HOH A O   1 
HETATM 1363 O  O   . HOH H 4 .   ? -15.398 8.676   13.568  1.00 61.09 ? 291 HOH A O   1 
HETATM 1364 O  O   . HOH H 4 .   ? 5.635   -19.658 3.123   1.00 61.36 ? 292 HOH A O   1 
HETATM 1365 O  O   . HOH H 4 .   ? -3.742  17.896  7.193   1.00 61.36 ? 293 HOH A O   1 
HETATM 1366 O  O   . HOH H 4 .   ? 1.618   15.787  9.738   1.00 61.50 ? 294 HOH A O   1 
HETATM 1367 O  O   . HOH H 4 .   ? -10.355 0.863   -5.935  1.00 63.07 ? 295 HOH A O   1 
HETATM 1368 O  O   . HOH H 4 .   ? 17.477  -1.701  0.475   1.00 65.14 ? 296 HOH A O   1 
HETATM 1369 O  O   . HOH H 4 .   ? -13.015 2.949   12.925  1.00 68.27 ? 297 HOH A O   1 
# 
loop_
_pdbx_poly_seq_scheme.asym_id 
_pdbx_poly_seq_scheme.entity_id 
_pdbx_poly_seq_scheme.seq_id 
_pdbx_poly_seq_scheme.mon_id 
_pdbx_poly_seq_scheme.ndb_seq_num 
_pdbx_poly_seq_scheme.pdb_seq_num 
_pdbx_poly_seq_scheme.auth_seq_num 
_pdbx_poly_seq_scheme.pdb_mon_id 
_pdbx_poly_seq_scheme.auth_mon_id 
_pdbx_poly_seq_scheme.pdb_strand_id 
_pdbx_poly_seq_scheme.pdb_ins_code 
_pdbx_poly_seq_scheme.hetero 
A 1 1   MET 1   0   ?   ?   ?   A . n 
A 1 2   GLY 2   1   1   GLY GLY A . n 
A 1 3   VAL 3   2   2   VAL VAL A . n 
A 1 4   PHE 4   3   3   PHE PHE A . n 
A 1 5   THR 5   4   4   THR THR A . n 
A 1 6   PHE 6   5   5   PHE PHE A . n 
A 1 7   GLN 7   6   6   GLN GLN A . n 
A 1 8   ASP 8   7   7   ASP ASP A . n 
A 1 9   GLU 9   8   8   GLU GLU A . n 
A 1 10  TYR 10  9   9   TYR TYR A . n 
A 1 11  THR 11  10  10  THR THR A . n 
A 1 12  SER 12  11  11  SER SER A . n 
A 1 13  THR 13  12  12  THR THR A . n 
A 1 14  ILE 14  13  13  ILE ILE A . n 
A 1 15  ALA 15  14  14  ALA ALA A . n 
A 1 16  PRO 16  15  15  PRO PRO A . n 
A 1 17  ALA 17  16  16  ALA ALA A . n 
A 1 18  LYS 18  17  17  LYS LYS A . n 
A 1 19  LEU 19  18  18  LEU LEU A . n 
A 1 20  TYR 20  19  19  TYR TYR A . n 
A 1 21  LYS 21  20  20  LYS LYS A . n 
A 1 22  ALA 22  21  21  ALA ALA A . n 
A 1 23  LEU 23  22  22  LEU LEU A . n 
A 1 24  VAL 24  23  23  VAL VAL A . n 
A 1 25  THR 25  24  24  THR THR A . n 
A 1 26  ASP 26  25  25  ASP ASP A . n 
A 1 27  ALA 27  26  26  ALA ALA A . n 
A 1 28  ASP 28  27  27  ASP ASP A . n 
A 1 29  ILE 29  28  28  ILE ILE A . n 
A 1 30  ILE 30  29  29  ILE ILE A . n 
A 1 31  ILE 31  30  30  ILE ILE A . n 
A 1 32  PRO 32  31  31  PRO PRO A . n 
A 1 33  LYS 33  32  32  LYS LYS A . n 
A 1 34  ALA 34  33  33  ALA ALA A . n 
A 1 35  VAL 35  34  34  VAL VAL A . n 
A 1 36  GLU 36  35  35  GLU GLU A . n 
A 1 37  THR 37  36  36  THR THR A . n 
A 1 38  ILE 38  37  37  ILE ILE A . n 
A 1 39  GLN 39  38  38  GLN GLN A . n 
A 1 40  SER 40  39  39  SER SER A . n 
A 1 41  VAL 41  40  40  VAL VAL A . n 
A 1 42  GLU 42  41  41  GLU GLU A . n 
A 1 43  ILE 43  42  42  ILE ILE A . n 
A 1 44  VAL 44  43  43  VAL VAL A . n 
A 1 45  GLU 45  44  44  GLU GLU A . n 
A 1 46  GLY 46  45  45  GLY GLY A . n 
A 1 47  ASN 47  46  46  ASN ASN A . n 
A 1 48  GLY 48  47  47  GLY GLY A . n 
A 1 49  GLY 49  48  48  GLY GLY A . n 
A 1 50  PRO 50  49  49  PRO PRO A . n 
A 1 51  GLY 51  50  50  GLY GLY A . n 
A 1 52  THR 52  51  51  THR THR A . n 
A 1 53  ILE 53  52  52  ILE ILE A . n 
A 1 54  LYS 54  53  53  LYS LYS A . n 
A 1 55  LYS 55  54  54  LYS LYS A . n 
A 1 56  LEU 56  55  55  LEU LEU A . n 
A 1 57  THR 57  56  56  THR THR A . n 
A 1 58  PHE 58  57  57  PHE PHE A . n 
A 1 59  ILE 59  58  58  ILE ILE A . n 
A 1 60  GLU 60  59  59  GLU GLU A . n 
A 1 61  GLY 61  60  60  GLY GLY A . n 
A 1 62  GLY 62  61  61  GLY GLY A . n 
A 1 63  GLU 63  62  62  GLU GLU A . n 
A 1 64  SER 64  63  63  SER SER A . n 
A 1 65  LYS 65  64  64  LYS LYS A . n 
A 1 66  TYR 66  65  65  TYR TYR A . n 
A 1 67  VAL 67  66  66  VAL VAL A . n 
A 1 68  LEU 68  67  67  LEU LEU A . n 
A 1 69  HIS 69  68  68  HIS HIS A . n 
A 1 70  LYS 70  69  69  LYS LYS A . n 
A 1 71  ILE 71  70  70  ILE ILE A . n 
A 1 72  GLU 72  71  71  GLU GLU A . n 
A 1 73  ALA 73  72  72  ALA ALA A . n 
A 1 74  ILE 74  73  73  ILE ILE A . n 
A 1 75  ASP 75  74  74  ASP ASP A . n 
A 1 76  GLU 76  75  75  GLU GLU A . n 
A 1 77  ALA 77  76  76  ALA ALA A . n 
A 1 78  ASN 78  77  77  ASN ASN A . n 
A 1 79  LEU 79  78  78  LEU LEU A . n 
A 1 80  GLY 80  79  79  GLY GLY A . n 
A 1 81  TYR 81  80  80  TYR TYR A . n 
A 1 82  ASN 82  81  81  ASN ASN A . n 
A 1 83  TYR 83  82  82  TYR TYR A . n 
A 1 84  SER 84  83  83  SER SER A . n 
A 1 85  ILE 85  84  84  ILE ILE A . n 
A 1 86  VAL 86  85  85  VAL VAL A . n 
A 1 87  GLY 87  86  86  GLY GLY A . n 
A 1 88  GLY 88  87  87  GLY GLY A . n 
A 1 89  VAL 89  88  88  VAL VAL A . n 
A 1 90  GLY 90  89  89  GLY GLY A . n 
A 1 91  LEU 91  90  90  LEU LEU A . n 
A 1 92  PRO 92  91  91  PRO PRO A . n 
A 1 93  ASP 93  92  92  ASP ASP A . n 
A 1 94  THR 94  93  93  THR THR A . n 
A 1 95  ILE 95  94  94  ILE ILE A . n 
A 1 96  GLU 96  95  95  GLU GLU A . n 
A 1 97  LYS 97  96  96  LYS LYS A . n 
A 1 98  ILE 98  97  97  ILE ILE A . n 
A 1 99  SER 99  98  98  SER SER A . n 
A 1 100 PHE 100 99  99  PHE PHE A . n 
A 1 101 GLU 101 100 100 GLU GLU A . n 
A 1 102 THR 102 101 101 THR THR A . n 
A 1 103 LYS 103 102 102 LYS LYS A . n 
A 1 104 LEU 104 103 103 LEU LEU A . n 
A 1 105 VAL 105 104 104 VAL VAL A . n 
A 1 106 GLU 106 105 105 GLU GLU A . n 
A 1 107 GLY 107 106 106 GLY GLY A . n 
A 1 108 ALA 108 107 107 ALA ALA A . n 
A 1 109 ASN 109 108 108 ASN ASN A . n 
A 1 110 GLY 110 109 109 GLY GLY A . n 
A 1 111 GLY 111 110 110 GLY GLY A . n 
A 1 112 SER 112 111 111 SER SER A . n 
A 1 113 ILE 113 112 112 ILE ILE A . n 
A 1 114 GLY 114 113 113 GLY GLY A . n 
A 1 115 LYS 115 114 114 LYS LYS A . n 
A 1 116 VAL 116 115 115 VAL VAL A . n 
A 1 117 THR 117 116 116 THR THR A . n 
A 1 118 ILE 118 117 117 ILE ILE A . n 
A 1 119 LYS 119 118 118 LYS LYS A . n 
A 1 120 ILE 120 119 119 ILE ILE A . n 
A 1 121 GLU 121 120 120 GLU GLU A . n 
A 1 122 THR 122 121 121 THR THR A . n 
A 1 123 LYS 123 122 122 LYS LYS A . n 
A 1 124 GLY 124 123 123 GLY GLY A . n 
A 1 125 ASP 125 124 124 ASP ASP A . n 
A 1 126 ALA 126 125 125 ALA ALA A . n 
A 1 127 GLN 127 126 126 GLN GLN A . n 
A 1 128 PRO 128 127 127 PRO PRO A . n 
A 1 129 ASN 129 128 128 ASN ASN A . n 
A 1 130 GLU 130 129 129 GLU GLU A . n 
A 1 131 GLU 131 130 130 GLU GLU A . n 
A 1 132 GLU 132 131 131 GLU GLU A . n 
A 1 133 GLY 133 132 132 GLY GLY A . n 
A 1 134 LYS 134 133 133 LYS LYS A . n 
A 1 135 ALA 135 134 134 ALA ALA A . n 
A 1 136 ALA 136 135 135 ALA ALA A . n 
A 1 137 LYS 137 136 136 LYS LYS A . n 
A 1 138 ALA 138 137 137 ALA ALA A . n 
A 1 139 ARG 139 138 138 ARG ARG A . n 
A 1 140 GLY 140 139 139 GLY GLY A . n 
A 1 141 ASP 141 140 140 ASP ASP A . n 
A 1 142 ALA 142 141 141 ALA ALA A . n 
A 1 143 PHE 143 142 142 PHE PHE A . n 
A 1 144 PHE 144 143 143 PHE PHE A . n 
A 1 145 LYS 145 144 144 LYS LYS A . n 
A 1 146 ALA 146 145 145 ALA ALA A . n 
A 1 147 ILE 147 146 146 ILE ILE A . n 
A 1 148 GLU 148 147 147 GLU GLU A . n 
A 1 149 SER 149 148 148 SER SER A . n 
A 1 150 TYR 150 149 149 TYR TYR A . n 
A 1 151 LEU 151 150 150 LEU LEU A . n 
A 1 152 SER 152 151 151 SER SER A . n 
A 1 153 ALA 153 152 152 ALA ALA A . n 
A 1 154 HIS 154 153 153 HIS HIS A . n 
A 1 155 PRO 155 154 154 PRO PRO A . n 
A 1 156 ASP 156 155 ?   ?   ?   A . n 
A 1 157 TYR 157 156 ?   ?   ?   A . n 
A 1 158 ASN 158 157 ?   ?   ?   A . n 
# 
loop_
_pdbx_nonpoly_scheme.asym_id 
_pdbx_nonpoly_scheme.entity_id 
_pdbx_nonpoly_scheme.mon_id 
_pdbx_nonpoly_scheme.ndb_seq_num 
_pdbx_nonpoly_scheme.pdb_seq_num 
_pdbx_nonpoly_scheme.auth_seq_num 
_pdbx_nonpoly_scheme.pdb_mon_id 
_pdbx_nonpoly_scheme.auth_mon_id 
_pdbx_nonpoly_scheme.pdb_strand_id 
_pdbx_nonpoly_scheme.pdb_ins_code 
B 2 BSU 1   158 1   BSU BSU A . 
C 2 BSU 1   159 2   BSU BSU A . 
D 2 BSU 1   160 3   BSU BSU A . 
E 2 BSU 1   161 4   BSU BSU A . 
F 3 NA  1   162 1   NA  NA  A . 
G 3 NA  1   163 2   NA  NA  A . 
H 4 HOH 1   164 1   HOH HOH A . 
H 4 HOH 2   165 2   HOH HOH A . 
H 4 HOH 3   166 3   HOH HOH A . 
H 4 HOH 4   167 4   HOH HOH A . 
H 4 HOH 5   168 5   HOH HOH A . 
H 4 HOH 6   169 6   HOH HOH A . 
H 4 HOH 7   170 7   HOH HOH A . 
H 4 HOH 8   171 8   HOH HOH A . 
H 4 HOH 9   172 9   HOH HOH A . 
H 4 HOH 10  173 10  HOH HOH A . 
H 4 HOH 11  174 11  HOH HOH A . 
H 4 HOH 12  175 12  HOH HOH A . 
H 4 HOH 13  176 13  HOH HOH A . 
H 4 HOH 14  177 14  HOH HOH A . 
H 4 HOH 15  178 15  HOH HOH A . 
H 4 HOH 16  179 16  HOH HOH A . 
H 4 HOH 17  180 17  HOH HOH A . 
H 4 HOH 18  181 18  HOH HOH A . 
H 4 HOH 19  182 19  HOH HOH A . 
H 4 HOH 20  183 20  HOH HOH A . 
H 4 HOH 21  184 21  HOH HOH A . 
H 4 HOH 22  185 22  HOH HOH A . 
H 4 HOH 23  186 23  HOH HOH A . 
H 4 HOH 24  187 24  HOH HOH A . 
H 4 HOH 25  188 25  HOH HOH A . 
H 4 HOH 26  189 26  HOH HOH A . 
H 4 HOH 27  190 27  HOH HOH A . 
H 4 HOH 28  191 28  HOH HOH A . 
H 4 HOH 29  192 29  HOH HOH A . 
H 4 HOH 30  193 30  HOH HOH A . 
H 4 HOH 31  194 31  HOH HOH A . 
H 4 HOH 32  195 32  HOH HOH A . 
H 4 HOH 33  196 33  HOH HOH A . 
H 4 HOH 34  197 34  HOH HOH A . 
H 4 HOH 35  198 35  HOH HOH A . 
H 4 HOH 36  199 36  HOH HOH A . 
H 4 HOH 37  200 37  HOH HOH A . 
H 4 HOH 38  201 38  HOH HOH A . 
H 4 HOH 39  202 39  HOH HOH A . 
H 4 HOH 40  203 40  HOH HOH A . 
H 4 HOH 41  204 41  HOH HOH A . 
H 4 HOH 42  205 42  HOH HOH A . 
H 4 HOH 43  206 43  HOH HOH A . 
H 4 HOH 44  207 44  HOH HOH A . 
H 4 HOH 45  208 45  HOH HOH A . 
H 4 HOH 46  209 46  HOH HOH A . 
H 4 HOH 47  210 47  HOH HOH A . 
H 4 HOH 48  211 48  HOH HOH A . 
H 4 HOH 49  212 49  HOH HOH A . 
H 4 HOH 50  213 50  HOH HOH A . 
H 4 HOH 51  214 51  HOH HOH A . 
H 4 HOH 52  215 52  HOH HOH A . 
H 4 HOH 53  216 53  HOH HOH A . 
H 4 HOH 54  217 54  HOH HOH A . 
H 4 HOH 55  218 55  HOH HOH A . 
H 4 HOH 56  219 56  HOH HOH A . 
H 4 HOH 57  220 57  HOH HOH A . 
H 4 HOH 58  221 58  HOH HOH A . 
H 4 HOH 59  222 59  HOH HOH A . 
H 4 HOH 60  223 60  HOH HOH A . 
H 4 HOH 61  224 61  HOH HOH A . 
H 4 HOH 62  225 62  HOH HOH A . 
H 4 HOH 63  226 63  HOH HOH A . 
H 4 HOH 64  227 64  HOH HOH A . 
H 4 HOH 65  228 65  HOH HOH A . 
H 4 HOH 66  229 66  HOH HOH A . 
H 4 HOH 67  230 67  HOH HOH A . 
H 4 HOH 68  231 68  HOH HOH A . 
H 4 HOH 69  232 69  HOH HOH A . 
H 4 HOH 70  233 70  HOH HOH A . 
H 4 HOH 71  234 71  HOH HOH A . 
H 4 HOH 72  235 72  HOH HOH A . 
H 4 HOH 73  236 73  HOH HOH A . 
H 4 HOH 74  237 74  HOH HOH A . 
H 4 HOH 75  238 75  HOH HOH A . 
H 4 HOH 76  239 76  HOH HOH A . 
H 4 HOH 77  240 77  HOH HOH A . 
H 4 HOH 78  241 78  HOH HOH A . 
H 4 HOH 79  242 79  HOH HOH A . 
H 4 HOH 80  243 80  HOH HOH A . 
H 4 HOH 81  244 81  HOH HOH A . 
H 4 HOH 82  245 82  HOH HOH A . 
H 4 HOH 83  246 83  HOH HOH A . 
H 4 HOH 84  247 84  HOH HOH A . 
H 4 HOH 85  248 85  HOH HOH A . 
H 4 HOH 86  249 86  HOH HOH A . 
H 4 HOH 87  250 87  HOH HOH A . 
H 4 HOH 88  251 88  HOH HOH A . 
H 4 HOH 89  252 89  HOH HOH A . 
H 4 HOH 90  253 90  HOH HOH A . 
H 4 HOH 91  254 91  HOH HOH A . 
H 4 HOH 92  255 92  HOH HOH A . 
H 4 HOH 93  256 93  HOH HOH A . 
H 4 HOH 94  257 94  HOH HOH A . 
H 4 HOH 95  258 95  HOH HOH A . 
H 4 HOH 96  259 96  HOH HOH A . 
H 4 HOH 97  260 97  HOH HOH A . 
H 4 HOH 98  261 98  HOH HOH A . 
H 4 HOH 99  262 99  HOH HOH A . 
H 4 HOH 100 263 100 HOH HOH A . 
H 4 HOH 101 264 101 HOH HOH A . 
H 4 HOH 102 265 102 HOH HOH A . 
H 4 HOH 103 266 103 HOH HOH A . 
H 4 HOH 104 267 104 HOH HOH A . 
H 4 HOH 105 268 105 HOH HOH A . 
H 4 HOH 106 269 106 HOH HOH A . 
H 4 HOH 107 270 107 HOH HOH A . 
H 4 HOH 108 271 108 HOH HOH A . 
H 4 HOH 109 272 109 HOH HOH A . 
H 4 HOH 110 273 110 HOH HOH A . 
H 4 HOH 111 274 111 HOH HOH A . 
H 4 HOH 112 275 112 HOH HOH A . 
H 4 HOH 113 276 113 HOH HOH A . 
H 4 HOH 114 277 114 HOH HOH A . 
H 4 HOH 115 278 115 HOH HOH A . 
H 4 HOH 116 279 116 HOH HOH A . 
H 4 HOH 117 280 117 HOH HOH A . 
H 4 HOH 118 281 118 HOH HOH A . 
H 4 HOH 119 282 119 HOH HOH A . 
H 4 HOH 120 283 120 HOH HOH A . 
H 4 HOH 121 284 121 HOH HOH A . 
H 4 HOH 122 285 122 HOH HOH A . 
H 4 HOH 123 286 123 HOH HOH A . 
H 4 HOH 124 287 124 HOH HOH A . 
H 4 HOH 125 288 125 HOH HOH A . 
H 4 HOH 126 289 126 HOH HOH A . 
H 4 HOH 127 290 127 HOH HOH A . 
H 4 HOH 128 291 128 HOH HOH A . 
H 4 HOH 129 292 129 HOH HOH A . 
H 4 HOH 130 293 130 HOH HOH A . 
H 4 HOH 131 294 131 HOH HOH A . 
H 4 HOH 132 295 132 HOH HOH A . 
H 4 HOH 133 296 133 HOH HOH A . 
H 4 HOH 134 297 134 HOH HOH A . 
# 
_pdbx_struct_assembly.id                   1 
_pdbx_struct_assembly.details              author_and_software_defined_assembly 
_pdbx_struct_assembly.method_details       PISA 
_pdbx_struct_assembly.oligomeric_details   monomeric 
_pdbx_struct_assembly.oligomeric_count     1 
# 
_pdbx_struct_assembly_gen.assembly_id       1 
_pdbx_struct_assembly_gen.oper_expression   1 
_pdbx_struct_assembly_gen.asym_id_list      A,B,C,D,E,F,G,H 
# 
_pdbx_struct_oper_list.id                   1 
_pdbx_struct_oper_list.type                 'identity operation' 
_pdbx_struct_oper_list.name                 1_555 
_pdbx_struct_oper_list.symmetry_operation   x,y,z 
_pdbx_struct_oper_list.matrix[1][1]         1.0000000000 
_pdbx_struct_oper_list.matrix[1][2]         0.0000000000 
_pdbx_struct_oper_list.matrix[1][3]         0.0000000000 
_pdbx_struct_oper_list.vector[1]            0.0000000000 
_pdbx_struct_oper_list.matrix[2][1]         0.0000000000 
_pdbx_struct_oper_list.matrix[2][2]         1.0000000000 
_pdbx_struct_oper_list.matrix[2][3]         0.0000000000 
_pdbx_struct_oper_list.vector[2]            0.0000000000 
_pdbx_struct_oper_list.matrix[3][1]         0.0000000000 
_pdbx_struct_oper_list.matrix[3][2]         0.0000000000 
_pdbx_struct_oper_list.matrix[3][3]         1.0000000000 
_pdbx_struct_oper_list.vector[3]            0.0000000000 
# 
_pdbx_struct_special_symmetry.id              1 
_pdbx_struct_special_symmetry.PDB_model_num   1 
_pdbx_struct_special_symmetry.auth_asym_id    A 
_pdbx_struct_special_symmetry.auth_comp_id    HOH 
_pdbx_struct_special_symmetry.auth_seq_id     205 
_pdbx_struct_special_symmetry.PDB_ins_code    ? 
_pdbx_struct_special_symmetry.label_asym_id   H 
_pdbx_struct_special_symmetry.label_comp_id   HOH 
_pdbx_struct_special_symmetry.label_seq_id    . 
# 
loop_
_pdbx_struct_conn_angle.id 
_pdbx_struct_conn_angle.ptnr1_label_atom_id 
_pdbx_struct_conn_angle.ptnr1_label_alt_id 
_pdbx_struct_conn_angle.ptnr1_label_asym_id 
_pdbx_struct_conn_angle.ptnr1_label_comp_id 
_pdbx_struct_conn_angle.ptnr1_label_seq_id 
_pdbx_struct_conn_angle.ptnr1_auth_atom_id 
_pdbx_struct_conn_angle.ptnr1_auth_asym_id 
_pdbx_struct_conn_angle.ptnr1_auth_comp_id 
_pdbx_struct_conn_angle.ptnr1_auth_seq_id 
_pdbx_struct_conn_angle.ptnr1_PDB_ins_code 
_pdbx_struct_conn_angle.ptnr1_symmetry 
_pdbx_struct_conn_angle.ptnr2_label_atom_id 
_pdbx_struct_conn_angle.ptnr2_label_alt_id 
_pdbx_struct_conn_angle.ptnr2_label_asym_id 
_pdbx_struct_conn_angle.ptnr2_label_comp_id 
_pdbx_struct_conn_angle.ptnr2_label_seq_id 
_pdbx_struct_conn_angle.ptnr2_auth_atom_id 
_pdbx_struct_conn_angle.ptnr2_auth_asym_id 
_pdbx_struct_conn_angle.ptnr2_auth_comp_id 
_pdbx_struct_conn_angle.ptnr2_auth_seq_id 
_pdbx_struct_conn_angle.ptnr2_PDB_ins_code 
_pdbx_struct_conn_angle.ptnr2_symmetry 
_pdbx_struct_conn_angle.ptnr3_label_atom_id 
_pdbx_struct_conn_angle.ptnr3_label_alt_id 
_pdbx_struct_conn_angle.ptnr3_label_asym_id 
_pdbx_struct_conn_angle.ptnr3_label_comp_id 
_pdbx_struct_conn_angle.ptnr3_label_seq_id 
_pdbx_struct_conn_angle.ptnr3_auth_atom_id 
_pdbx_struct_conn_angle.ptnr3_auth_asym_id 
_pdbx_struct_conn_angle.ptnr3_auth_comp_id 
_pdbx_struct_conn_angle.ptnr3_auth_seq_id 
_pdbx_struct_conn_angle.ptnr3_PDB_ins_code 
_pdbx_struct_conn_angle.ptnr3_symmetry 
_pdbx_struct_conn_angle.value 
_pdbx_struct_conn_angle.value_esd 
1  O   ? A PRO 32  ? A PRO 31  ? 1_555 NA ? F NA . ? A NA 162 ? 1_555 O   ? A VAL 35  ? A VAL 34  ? 1_555 97.1  ? 
2  O   ? A PRO 32  ? A PRO 31  ? 1_555 NA ? F NA . ? A NA 162 ? 1_555 O   ? A ILE 38  ? A ILE 37  ? 1_555 101.7 ? 
3  O   ? A VAL 35  ? A VAL 34  ? 1_555 NA ? F NA . ? A NA 162 ? 1_555 O   ? A ILE 38  ? A ILE 37  ? 1_555 75.6  ? 
4  O   ? A PRO 32  ? A PRO 31  ? 1_555 NA ? F NA . ? A NA 162 ? 1_555 O   ? H HOH .   ? A HOH 209 ? 1_555 87.3  ? 
5  O   ? A VAL 35  ? A VAL 34  ? 1_555 NA ? F NA . ? A NA 162 ? 1_555 O   ? H HOH .   ? A HOH 209 ? 1_555 99.1  ? 
6  O   ? A ILE 38  ? A ILE 37  ? 1_555 NA ? F NA . ? A NA 162 ? 1_555 O   ? H HOH .   ? A HOH 209 ? 1_555 169.9 ? 
7  O   ? A PRO 32  ? A PRO 31  ? 1_555 NA ? F NA . ? A NA 162 ? 1_555 O   ? H HOH .   ? A HOH 226 ? 1_555 156.0 ? 
8  O   ? A VAL 35  ? A VAL 34  ? 1_555 NA ? F NA . ? A NA 162 ? 1_555 O   ? H HOH .   ? A HOH 226 ? 1_555 106.2 ? 
9  O   ? A ILE 38  ? A ILE 37  ? 1_555 NA ? F NA . ? A NA 162 ? 1_555 O   ? H HOH .   ? A HOH 226 ? 1_555 89.8  ? 
10 O   ? H HOH .   ? A HOH 209 ? 1_555 NA ? F NA . ? A NA 162 ? 1_555 O   ? H HOH .   ? A HOH 226 ? 1_555 83.5  ? 
11 O   ? A PRO 32  ? A PRO 31  ? 1_555 NA ? F NA . ? A NA 162 ? 1_555 O   ? H HOH .   ? A HOH 259 ? 1_555 89.9  ? 
12 O   ? A VAL 35  ? A VAL 34  ? 1_555 NA ? F NA . ? A NA 162 ? 1_555 O   ? H HOH .   ? A HOH 259 ? 1_555 163.0 ? 
13 O   ? A ILE 38  ? A ILE 37  ? 1_555 NA ? F NA . ? A NA 162 ? 1_555 O   ? H HOH .   ? A HOH 259 ? 1_555 87.9  ? 
14 O   ? H HOH .   ? A HOH 209 ? 1_555 NA ? F NA . ? A NA 162 ? 1_555 O   ? H HOH .   ? A HOH 259 ? 1_555 96.6  ? 
15 O   ? H HOH .   ? A HOH 226 ? 1_555 NA ? F NA . ? A NA 162 ? 1_555 O   ? H HOH .   ? A HOH 259 ? 1_555 69.3  ? 
16 O   ? A THR 122 ? A THR 121 ? 1_555 NA ? G NA . ? A NA 163 ? 1_555 OG1 ? A THR 122 ? A THR 121 ? 1_555 75.1  ? 
17 O   ? A THR 122 ? A THR 121 ? 1_555 NA ? G NA . ? A NA 163 ? 1_555 O   ? A GLY 124 ? A GLY 123 ? 1_555 95.1  ? 
18 OG1 ? A THR 122 ? A THR 121 ? 1_555 NA ? G NA . ? A NA 163 ? 1_555 O   ? A GLY 124 ? A GLY 123 ? 1_555 105.2 ? 
19 O   ? A THR 122 ? A THR 121 ? 1_555 NA ? G NA . ? A NA 163 ? 1_555 O   ? H HOH .   ? A HOH 229 ? 1_555 162.4 ? 
20 OG1 ? A THR 122 ? A THR 121 ? 1_555 NA ? G NA . ? A NA 163 ? 1_555 O   ? H HOH .   ? A HOH 229 ? 1_555 90.7  ? 
21 O   ? A GLY 124 ? A GLY 123 ? 1_555 NA ? G NA . ? A NA 163 ? 1_555 O   ? H HOH .   ? A HOH 229 ? 1_555 98.7  ? 
22 O   ? A THR 122 ? A THR 121 ? 1_555 NA ? G NA . ? A NA 163 ? 1_555 O   ? H HOH .   ? A HOH 231 ? 1_555 79.3  ? 
23 OG1 ? A THR 122 ? A THR 121 ? 1_555 NA ? G NA . ? A NA 163 ? 1_555 O   ? H HOH .   ? A HOH 231 ? 1_555 90.4  ? 
24 O   ? A GLY 124 ? A GLY 123 ? 1_555 NA ? G NA . ? A NA 163 ? 1_555 O   ? H HOH .   ? A HOH 231 ? 1_555 161.6 ? 
25 O   ? H HOH .   ? A HOH 229 ? 1_555 NA ? G NA . ? A NA 163 ? 1_555 O   ? H HOH .   ? A HOH 231 ? 1_555 90.7  ? 
26 O   ? A THR 122 ? A THR 121 ? 1_555 NA ? G NA . ? A NA 163 ? 1_555 O   ? H HOH .   ? A HOH 246 ? 1_555 90.9  ? 
27 OG1 ? A THR 122 ? A THR 121 ? 1_555 NA ? G NA . ? A NA 163 ? 1_555 O   ? H HOH .   ? A HOH 246 ? 1_555 165.9 ? 
28 O   ? A GLY 124 ? A GLY 123 ? 1_555 NA ? G NA . ? A NA 163 ? 1_555 O   ? H HOH .   ? A HOH 246 ? 1_555 77.1  ? 
29 O   ? H HOH .   ? A HOH 229 ? 1_555 NA ? G NA . ? A NA 163 ? 1_555 O   ? H HOH .   ? A HOH 246 ? 1_555 102.8 ? 
30 O   ? H HOH .   ? A HOH 231 ? 1_555 NA ? G NA . ? A NA 163 ? 1_555 O   ? H HOH .   ? A HOH 246 ? 1_555 85.5  ? 
# 
loop_
_pdbx_audit_revision_history.ordinal 
_pdbx_audit_revision_history.data_content_type 
_pdbx_audit_revision_history.major_revision 
_pdbx_audit_revision_history.minor_revision 
_pdbx_audit_revision_history.revision_date 
1 'Structure model' 1 0 2009-03-03 
2 'Structure model' 1 1 2011-07-13 
3 'Structure model' 1 2 2022-02-23 
4 'Structure model' 1 3 2023-08-30 
# 
_pdbx_audit_revision_details.ordinal             1 
_pdbx_audit_revision_details.revision_ordinal    1 
_pdbx_audit_revision_details.data_content_type   'Structure model' 
_pdbx_audit_revision_details.provider            repository 
_pdbx_audit_revision_details.type                'Initial release' 
_pdbx_audit_revision_details.description         ? 
_pdbx_audit_revision_details.details             ? 
# 
loop_
_pdbx_audit_revision_group.ordinal 
_pdbx_audit_revision_group.revision_ordinal 
_pdbx_audit_revision_group.data_content_type 
_pdbx_audit_revision_group.group 
1 2 'Structure model' Advisory                    
2 2 'Structure model' 'Version format compliance' 
3 3 'Structure model' 'Data collection'           
4 3 'Structure model' 'Database references'       
5 3 'Structure model' 'Derived calculations'      
6 4 'Structure model' 'Data collection'           
7 4 'Structure model' 'Refinement description'    
# 
loop_
_pdbx_audit_revision_category.ordinal 
_pdbx_audit_revision_category.revision_ordinal 
_pdbx_audit_revision_category.data_content_type 
_pdbx_audit_revision_category.category 
1 3 'Structure model' citation_author               
2 3 'Structure model' database_2                    
3 3 'Structure model' diffrn_source                 
4 3 'Structure model' pdbx_struct_conn_angle        
5 3 'Structure model' struct_conn                   
6 3 'Structure model' struct_site                   
7 4 'Structure model' chem_comp_atom                
8 4 'Structure model' chem_comp_bond                
9 4 'Structure model' pdbx_initial_refinement_model 
# 
loop_
_pdbx_audit_revision_item.ordinal 
_pdbx_audit_revision_item.revision_ordinal 
_pdbx_audit_revision_item.data_content_type 
_pdbx_audit_revision_item.item 
1  3 'Structure model' '_citation_author.name'                     
2  3 'Structure model' '_database_2.pdbx_DOI'                      
3  3 'Structure model' '_database_2.pdbx_database_accession'       
4  3 'Structure model' '_diffrn_source.pdbx_synchrotron_site'      
5  3 'Structure model' '_pdbx_struct_conn_angle.ptnr1_auth_seq_id' 
6  3 'Structure model' '_pdbx_struct_conn_angle.ptnr3_auth_seq_id' 
7  3 'Structure model' '_pdbx_struct_conn_angle.value'             
8  3 'Structure model' '_struct_conn.pdbx_dist_value'              
9  3 'Structure model' '_struct_conn.ptnr2_auth_seq_id'            
10 3 'Structure model' '_struct_site.pdbx_auth_asym_id'            
11 3 'Structure model' '_struct_site.pdbx_auth_comp_id'            
12 3 'Structure model' '_struct_site.pdbx_auth_seq_id'             
# 
loop_
_pdbx_refine_tls.id 
_pdbx_refine_tls.details 
_pdbx_refine_tls.method 
_pdbx_refine_tls.origin_x 
_pdbx_refine_tls.origin_y 
_pdbx_refine_tls.origin_z 
_pdbx_refine_tls.T[1][1] 
_pdbx_refine_tls.T[2][2] 
_pdbx_refine_tls.T[3][3] 
_pdbx_refine_tls.T[1][2] 
_pdbx_refine_tls.T[1][3] 
_pdbx_refine_tls.T[2][3] 
_pdbx_refine_tls.L[1][1] 
_pdbx_refine_tls.L[2][2] 
_pdbx_refine_tls.L[3][3] 
_pdbx_refine_tls.L[1][2] 
_pdbx_refine_tls.L[1][3] 
_pdbx_refine_tls.L[2][3] 
_pdbx_refine_tls.S[1][1] 
_pdbx_refine_tls.S[1][2] 
_pdbx_refine_tls.S[1][3] 
_pdbx_refine_tls.S[2][1] 
_pdbx_refine_tls.S[2][2] 
_pdbx_refine_tls.S[2][3] 
_pdbx_refine_tls.S[3][1] 
_pdbx_refine_tls.S[3][2] 
_pdbx_refine_tls.S[3][3] 
_pdbx_refine_tls.pdbx_refine_id 
1 ? refined 2.8677  -0.1864 2.7502  -0.0741 -0.1357 -0.1129 0.0382  -0.0368 0.0540 2.7345  0.6850  2.7420 1.1781 -0.2585  0.5829  0.0156  -0.2351 0.0732 0.1206 0.0572  -0.0431 0.0004  0.1547  -0.0728 'X-RAY DIFFRACTION' 
2 ? refined -4.2088 0.4244  -3.3201 -0.1058 -0.1564 -0.2088 0.0133  -0.0452 0.0440 5.4443  2.4243  2.7573 0.0407 -1.9891  0.3577  0.0995  -0.3154 0.2405 0.0686 -0.0489 0.0854  -0.1514 -0.0836 -0.0506 'X-RAY DIFFRACTION' 
3 ? refined -1.9105 2.6865  -1.5957 0.2147  0.3662  0.3389  -0.0290 -0.1428 0.1704 11.2433 13.0438 9.4306 0.5414 -10.1416 -2.4068 -0.0697 -0.0239 1.8886 0.5370 0.4148  -0.0855 -0.2514 0.0583  -0.3451 'X-RAY DIFFRACTION' 
# 
loop_
_pdbx_refine_tls_group.id 
_pdbx_refine_tls_group.refine_tls_id 
_pdbx_refine_tls_group.beg_auth_asym_id 
_pdbx_refine_tls_group.beg_auth_seq_id 
_pdbx_refine_tls_group.beg_label_asym_id 
_pdbx_refine_tls_group.beg_label_seq_id 
_pdbx_refine_tls_group.end_auth_asym_id 
_pdbx_refine_tls_group.end_auth_seq_id 
_pdbx_refine_tls_group.end_label_asym_id 
_pdbx_refine_tls_group.end_label_seq_id 
_pdbx_refine_tls_group.selection 
_pdbx_refine_tls_group.pdbx_refine_id 
_pdbx_refine_tls_group.selection_details 
1 1 A 1   A 2  A 86  A 87  ? 'X-RAY DIFFRACTION' ? 
2 2 A 87  A 88 A 154 A 155 ? 'X-RAY DIFFRACTION' ? 
3 3 A 158 B .  A 161 E .   ? 'X-RAY DIFFRACTION' ? 
# 
loop_
_software.name 
_software.classification 
_software.version 
_software.citation_id 
_software.pdbx_ordinal 
REFMAC    refinement        5.2.0019 ? 1 
MAR345dtb 'data collection' .        ? 2 
DENZO     'data reduction'  .        ? 3 
SCALEPACK 'data scaling'    .        ? 4 
MOLREP    phasing           .        ? 5 
# 
loop_
_pdbx_validate_torsion.id 
_pdbx_validate_torsion.PDB_model_num 
_pdbx_validate_torsion.auth_comp_id 
_pdbx_validate_torsion.auth_asym_id 
_pdbx_validate_torsion.auth_seq_id 
_pdbx_validate_torsion.PDB_ins_code 
_pdbx_validate_torsion.label_alt_id 
_pdbx_validate_torsion.phi 
_pdbx_validate_torsion.psi 
1 1 VAL A 23 ? ? -130.03 -67.72 
2 1 LEU A 90 ? ? -118.15 73.77  
# 
loop_
_pdbx_unobs_or_zero_occ_residues.id 
_pdbx_unobs_or_zero_occ_residues.PDB_model_num 
_pdbx_unobs_or_zero_occ_residues.polymer_flag 
_pdbx_unobs_or_zero_occ_residues.occupancy_flag 
_pdbx_unobs_or_zero_occ_residues.auth_asym_id 
_pdbx_unobs_or_zero_occ_residues.auth_comp_id 
_pdbx_unobs_or_zero_occ_residues.auth_seq_id 
_pdbx_unobs_or_zero_occ_residues.PDB_ins_code 
_pdbx_unobs_or_zero_occ_residues.label_asym_id 
_pdbx_unobs_or_zero_occ_residues.label_comp_id 
_pdbx_unobs_or_zero_occ_residues.label_seq_id 
1 1 Y 1 A MET 0   ? A MET 1   
2 1 Y 1 A ASP 155 ? A ASP 156 
3 1 Y 1 A TYR 156 ? A TYR 157 
4 1 Y 1 A ASN 157 ? A ASN 158 
# 
loop_
_chem_comp_atom.comp_id 
_chem_comp_atom.atom_id 
_chem_comp_atom.type_symbol 
_chem_comp_atom.pdbx_aromatic_flag 
_chem_comp_atom.pdbx_stereo_config 
_chem_comp_atom.pdbx_ordinal 
ALA N    N  N N 1   
ALA CA   C  N S 2   
ALA C    C  N N 3   
ALA O    O  N N 4   
ALA CB   C  N N 5   
ALA OXT  O  N N 6   
ALA H    H  N N 7   
ALA H2   H  N N 8   
ALA HA   H  N N 9   
ALA HB1  H  N N 10  
ALA HB2  H  N N 11  
ALA HB3  H  N N 12  
ALA HXT  H  N N 13  
ARG N    N  N N 14  
ARG CA   C  N S 15  
ARG C    C  N N 16  
ARG O    O  N N 17  
ARG CB   C  N N 18  
ARG CG   C  N N 19  
ARG CD   C  N N 20  
ARG NE   N  N N 21  
ARG CZ   C  N N 22  
ARG NH1  N  N N 23  
ARG NH2  N  N N 24  
ARG OXT  O  N N 25  
ARG H    H  N N 26  
ARG H2   H  N N 27  
ARG HA   H  N N 28  
ARG HB2  H  N N 29  
ARG HB3  H  N N 30  
ARG HG2  H  N N 31  
ARG HG3  H  N N 32  
ARG HD2  H  N N 33  
ARG HD3  H  N N 34  
ARG HE   H  N N 35  
ARG HH11 H  N N 36  
ARG HH12 H  N N 37  
ARG HH21 H  N N 38  
ARG HH22 H  N N 39  
ARG HXT  H  N N 40  
ASN N    N  N N 41  
ASN CA   C  N S 42  
ASN C    C  N N 43  
ASN O    O  N N 44  
ASN CB   C  N N 45  
ASN CG   C  N N 46  
ASN OD1  O  N N 47  
ASN ND2  N  N N 48  
ASN OXT  O  N N 49  
ASN H    H  N N 50  
ASN H2   H  N N 51  
ASN HA   H  N N 52  
ASN HB2  H  N N 53  
ASN HB3  H  N N 54  
ASN HD21 H  N N 55  
ASN HD22 H  N N 56  
ASN HXT  H  N N 57  
ASP N    N  N N 58  
ASP CA   C  N S 59  
ASP C    C  N N 60  
ASP O    O  N N 61  
ASP CB   C  N N 62  
ASP CG   C  N N 63  
ASP OD1  O  N N 64  
ASP OD2  O  N N 65  
ASP OXT  O  N N 66  
ASP H    H  N N 67  
ASP H2   H  N N 68  
ASP HA   H  N N 69  
ASP HB2  H  N N 70  
ASP HB3  H  N N 71  
ASP HD2  H  N N 72  
ASP HXT  H  N N 73  
BSU N7   N  N N 74  
BSU C8   C  N N 75  
BSU N9   N  N N 76  
BSU O11  O  N N 77  
BSU C5   C  Y N 78  
BSU C4   C  Y N 79  
BSU C3   C  Y N 80  
BSU C2   C  Y N 81  
BSU C1   C  Y N 82  
BSU C6   C  Y N 83  
BSU C10  C  Y N 84  
BSU C16  C  Y N 85  
BSU C15  C  Y N 86  
BSU C14  C  Y N 87  
BSU C13  C  Y N 88  
BSU C12  C  Y N 89  
BSU H22  H  N N 90  
BSU H23  H  N N 91  
BSU H41  H  N N 92  
BSU H31  H  N N 93  
BSU H21  H  N N 94  
BSU H11  H  N N 95  
BSU H61  H  N N 96  
BSU H161 H  N N 97  
BSU H151 H  N N 98  
BSU H141 H  N N 99  
BSU H131 H  N N 100 
BSU H121 H  N N 101 
GLN N    N  N N 102 
GLN CA   C  N S 103 
GLN C    C  N N 104 
GLN O    O  N N 105 
GLN CB   C  N N 106 
GLN CG   C  N N 107 
GLN CD   C  N N 108 
GLN OE1  O  N N 109 
GLN NE2  N  N N 110 
GLN OXT  O  N N 111 
GLN H    H  N N 112 
GLN H2   H  N N 113 
GLN HA   H  N N 114 
GLN HB2  H  N N 115 
GLN HB3  H  N N 116 
GLN HG2  H  N N 117 
GLN HG3  H  N N 118 
GLN HE21 H  N N 119 
GLN HE22 H  N N 120 
GLN HXT  H  N N 121 
GLU N    N  N N 122 
GLU CA   C  N S 123 
GLU C    C  N N 124 
GLU O    O  N N 125 
GLU CB   C  N N 126 
GLU CG   C  N N 127 
GLU CD   C  N N 128 
GLU OE1  O  N N 129 
GLU OE2  O  N N 130 
GLU OXT  O  N N 131 
GLU H    H  N N 132 
GLU H2   H  N N 133 
GLU HA   H  N N 134 
GLU HB2  H  N N 135 
GLU HB3  H  N N 136 
GLU HG2  H  N N 137 
GLU HG3  H  N N 138 
GLU HE2  H  N N 139 
GLU HXT  H  N N 140 
GLY N    N  N N 141 
GLY CA   C  N N 142 
GLY C    C  N N 143 
GLY O    O  N N 144 
GLY OXT  O  N N 145 
GLY H    H  N N 146 
GLY H2   H  N N 147 
GLY HA2  H  N N 148 
GLY HA3  H  N N 149 
GLY HXT  H  N N 150 
HIS N    N  N N 151 
HIS CA   C  N S 152 
HIS C    C  N N 153 
HIS O    O  N N 154 
HIS CB   C  N N 155 
HIS CG   C  Y N 156 
HIS ND1  N  Y N 157 
HIS CD2  C  Y N 158 
HIS CE1  C  Y N 159 
HIS NE2  N  Y N 160 
HIS OXT  O  N N 161 
HIS H    H  N N 162 
HIS H2   H  N N 163 
HIS HA   H  N N 164 
HIS HB2  H  N N 165 
HIS HB3  H  N N 166 
HIS HD1  H  N N 167 
HIS HD2  H  N N 168 
HIS HE1  H  N N 169 
HIS HE2  H  N N 170 
HIS HXT  H  N N 171 
HOH O    O  N N 172 
HOH H1   H  N N 173 
HOH H2   H  N N 174 
ILE N    N  N N 175 
ILE CA   C  N S 176 
ILE C    C  N N 177 
ILE O    O  N N 178 
ILE CB   C  N S 179 
ILE CG1  C  N N 180 
ILE CG2  C  N N 181 
ILE CD1  C  N N 182 
ILE OXT  O  N N 183 
ILE H    H  N N 184 
ILE H2   H  N N 185 
ILE HA   H  N N 186 
ILE HB   H  N N 187 
ILE HG12 H  N N 188 
ILE HG13 H  N N 189 
ILE HG21 H  N N 190 
ILE HG22 H  N N 191 
ILE HG23 H  N N 192 
ILE HD11 H  N N 193 
ILE HD12 H  N N 194 
ILE HD13 H  N N 195 
ILE HXT  H  N N 196 
LEU N    N  N N 197 
LEU CA   C  N S 198 
LEU C    C  N N 199 
LEU O    O  N N 200 
LEU CB   C  N N 201 
LEU CG   C  N N 202 
LEU CD1  C  N N 203 
LEU CD2  C  N N 204 
LEU OXT  O  N N 205 
LEU H    H  N N 206 
LEU H2   H  N N 207 
LEU HA   H  N N 208 
LEU HB2  H  N N 209 
LEU HB3  H  N N 210 
LEU HG   H  N N 211 
LEU HD11 H  N N 212 
LEU HD12 H  N N 213 
LEU HD13 H  N N 214 
LEU HD21 H  N N 215 
LEU HD22 H  N N 216 
LEU HD23 H  N N 217 
LEU HXT  H  N N 218 
LYS N    N  N N 219 
LYS CA   C  N S 220 
LYS C    C  N N 221 
LYS O    O  N N 222 
LYS CB   C  N N 223 
LYS CG   C  N N 224 
LYS CD   C  N N 225 
LYS CE   C  N N 226 
LYS NZ   N  N N 227 
LYS OXT  O  N N 228 
LYS H    H  N N 229 
LYS H2   H  N N 230 
LYS HA   H  N N 231 
LYS HB2  H  N N 232 
LYS HB3  H  N N 233 
LYS HG2  H  N N 234 
LYS HG3  H  N N 235 
LYS HD2  H  N N 236 
LYS HD3  H  N N 237 
LYS HE2  H  N N 238 
LYS HE3  H  N N 239 
LYS HZ1  H  N N 240 
LYS HZ2  H  N N 241 
LYS HZ3  H  N N 242 
LYS HXT  H  N N 243 
MET N    N  N N 244 
MET CA   C  N S 245 
MET C    C  N N 246 
MET O    O  N N 247 
MET CB   C  N N 248 
MET CG   C  N N 249 
MET SD   S  N N 250 
MET CE   C  N N 251 
MET OXT  O  N N 252 
MET H    H  N N 253 
MET H2   H  N N 254 
MET HA   H  N N 255 
MET HB2  H  N N 256 
MET HB3  H  N N 257 
MET HG2  H  N N 258 
MET HG3  H  N N 259 
MET HE1  H  N N 260 
MET HE2  H  N N 261 
MET HE3  H  N N 262 
MET HXT  H  N N 263 
NA  NA   NA N N 264 
PHE N    N  N N 265 
PHE CA   C  N S 266 
PHE C    C  N N 267 
PHE O    O  N N 268 
PHE CB   C  N N 269 
PHE CG   C  Y N 270 
PHE CD1  C  Y N 271 
PHE CD2  C  Y N 272 
PHE CE1  C  Y N 273 
PHE CE2  C  Y N 274 
PHE CZ   C  Y N 275 
PHE OXT  O  N N 276 
PHE H    H  N N 277 
PHE H2   H  N N 278 
PHE HA   H  N N 279 
PHE HB2  H  N N 280 
PHE HB3  H  N N 281 
PHE HD1  H  N N 282 
PHE HD2  H  N N 283 
PHE HE1  H  N N 284 
PHE HE2  H  N N 285 
PHE HZ   H  N N 286 
PHE HXT  H  N N 287 
PRO N    N  N N 288 
PRO CA   C  N S 289 
PRO C    C  N N 290 
PRO O    O  N N 291 
PRO CB   C  N N 292 
PRO CG   C  N N 293 
PRO CD   C  N N 294 
PRO OXT  O  N N 295 
PRO H    H  N N 296 
PRO HA   H  N N 297 
PRO HB2  H  N N 298 
PRO HB3  H  N N 299 
PRO HG2  H  N N 300 
PRO HG3  H  N N 301 
PRO HD2  H  N N 302 
PRO HD3  H  N N 303 
PRO HXT  H  N N 304 
SER N    N  N N 305 
SER CA   C  N S 306 
SER C    C  N N 307 
SER O    O  N N 308 
SER CB   C  N N 309 
SER OG   O  N N 310 
SER OXT  O  N N 311 
SER H    H  N N 312 
SER H2   H  N N 313 
SER HA   H  N N 314 
SER HB2  H  N N 315 
SER HB3  H  N N 316 
SER HG   H  N N 317 
SER HXT  H  N N 318 
THR N    N  N N 319 
THR CA   C  N S 320 
THR C    C  N N 321 
THR O    O  N N 322 
THR CB   C  N R 323 
THR OG1  O  N N 324 
THR CG2  C  N N 325 
THR OXT  O  N N 326 
THR H    H  N N 327 
THR H2   H  N N 328 
THR HA   H  N N 329 
THR HB   H  N N 330 
THR HG1  H  N N 331 
THR HG21 H  N N 332 
THR HG22 H  N N 333 
THR HG23 H  N N 334 
THR HXT  H  N N 335 
TYR N    N  N N 336 
TYR CA   C  N S 337 
TYR C    C  N N 338 
TYR O    O  N N 339 
TYR CB   C  N N 340 
TYR CG   C  Y N 341 
TYR CD1  C  Y N 342 
TYR CD2  C  Y N 343 
TYR CE1  C  Y N 344 
TYR CE2  C  Y N 345 
TYR CZ   C  Y N 346 
TYR OH   O  N N 347 
TYR OXT  O  N N 348 
TYR H    H  N N 349 
TYR H2   H  N N 350 
TYR HA   H  N N 351 
TYR HB2  H  N N 352 
TYR HB3  H  N N 353 
TYR HD1  H  N N 354 
TYR HD2  H  N N 355 
TYR HE1  H  N N 356 
TYR HE2  H  N N 357 
TYR HH   H  N N 358 
TYR HXT  H  N N 359 
VAL N    N  N N 360 
VAL CA   C  N S 361 
VAL C    C  N N 362 
VAL O    O  N N 363 
VAL CB   C  N N 364 
VAL CG1  C  N N 365 
VAL CG2  C  N N 366 
VAL OXT  O  N N 367 
VAL H    H  N N 368 
VAL H2   H  N N 369 
VAL HA   H  N N 370 
VAL HB   H  N N 371 
VAL HG11 H  N N 372 
VAL HG12 H  N N 373 
VAL HG13 H  N N 374 
VAL HG21 H  N N 375 
VAL HG22 H  N N 376 
VAL HG23 H  N N 377 
VAL HXT  H  N N 378 
# 
loop_
_chem_comp_bond.comp_id 
_chem_comp_bond.atom_id_1 
_chem_comp_bond.atom_id_2 
_chem_comp_bond.value_order 
_chem_comp_bond.pdbx_aromatic_flag 
_chem_comp_bond.pdbx_stereo_config 
_chem_comp_bond.pdbx_ordinal 
ALA N   CA   sing N N 1   
ALA N   H    sing N N 2   
ALA N   H2   sing N N 3   
ALA CA  C    sing N N 4   
ALA CA  CB   sing N N 5   
ALA CA  HA   sing N N 6   
ALA C   O    doub N N 7   
ALA C   OXT  sing N N 8   
ALA CB  HB1  sing N N 9   
ALA CB  HB2  sing N N 10  
ALA CB  HB3  sing N N 11  
ALA OXT HXT  sing N N 12  
ARG N   CA   sing N N 13  
ARG N   H    sing N N 14  
ARG N   H2   sing N N 15  
ARG CA  C    sing N N 16  
ARG CA  CB   sing N N 17  
ARG CA  HA   sing N N 18  
ARG C   O    doub N N 19  
ARG C   OXT  sing N N 20  
ARG CB  CG   sing N N 21  
ARG CB  HB2  sing N N 22  
ARG CB  HB3  sing N N 23  
ARG CG  CD   sing N N 24  
ARG CG  HG2  sing N N 25  
ARG CG  HG3  sing N N 26  
ARG CD  NE   sing N N 27  
ARG CD  HD2  sing N N 28  
ARG CD  HD3  sing N N 29  
ARG NE  CZ   sing N N 30  
ARG NE  HE   sing N N 31  
ARG CZ  NH1  sing N N 32  
ARG CZ  NH2  doub N N 33  
ARG NH1 HH11 sing N N 34  
ARG NH1 HH12 sing N N 35  
ARG NH2 HH21 sing N N 36  
ARG NH2 HH22 sing N N 37  
ARG OXT HXT  sing N N 38  
ASN N   CA   sing N N 39  
ASN N   H    sing N N 40  
ASN N   H2   sing N N 41  
ASN CA  C    sing N N 42  
ASN CA  CB   sing N N 43  
ASN CA  HA   sing N N 44  
ASN C   O    doub N N 45  
ASN C   OXT  sing N N 46  
ASN CB  CG   sing N N 47  
ASN CB  HB2  sing N N 48  
ASN CB  HB3  sing N N 49  
ASN CG  OD1  doub N N 50  
ASN CG  ND2  sing N N 51  
ASN ND2 HD21 sing N N 52  
ASN ND2 HD22 sing N N 53  
ASN OXT HXT  sing N N 54  
ASP N   CA   sing N N 55  
ASP N   H    sing N N 56  
ASP N   H2   sing N N 57  
ASP CA  C    sing N N 58  
ASP CA  CB   sing N N 59  
ASP CA  HA   sing N N 60  
ASP C   O    doub N N 61  
ASP C   OXT  sing N N 62  
ASP CB  CG   sing N N 63  
ASP CB  HB2  sing N N 64  
ASP CB  HB3  sing N N 65  
ASP CG  OD1  doub N N 66  
ASP CG  OD2  sing N N 67  
ASP OD2 HD2  sing N N 68  
ASP OXT HXT  sing N N 69  
BSU N7  C8   sing N N 70  
BSU N7  C5   sing N N 71  
BSU N7  H22  sing N N 72  
BSU C8  N9   sing N N 73  
BSU C8  O11  doub N N 74  
BSU N9  C10  sing N N 75  
BSU N9  H23  sing N N 76  
BSU C5  C4   doub Y N 77  
BSU C5  C6   sing Y N 78  
BSU C4  C3   sing Y N 79  
BSU C4  H41  sing N N 80  
BSU C3  C2   doub Y N 81  
BSU C3  H31  sing N N 82  
BSU C2  C1   sing Y N 83  
BSU C2  H21  sing N N 84  
BSU C1  C6   doub Y N 85  
BSU C1  H11  sing N N 86  
BSU C6  H61  sing N N 87  
BSU C10 C16  doub Y N 88  
BSU C10 C12  sing Y N 89  
BSU C16 C15  sing Y N 90  
BSU C16 H161 sing N N 91  
BSU C15 C14  doub Y N 92  
BSU C15 H151 sing N N 93  
BSU C14 C13  sing Y N 94  
BSU C14 H141 sing N N 95  
BSU C13 C12  doub Y N 96  
BSU C13 H131 sing N N 97  
BSU C12 H121 sing N N 98  
GLN N   CA   sing N N 99  
GLN N   H    sing N N 100 
GLN N   H2   sing N N 101 
GLN CA  C    sing N N 102 
GLN CA  CB   sing N N 103 
GLN CA  HA   sing N N 104 
GLN C   O    doub N N 105 
GLN C   OXT  sing N N 106 
GLN CB  CG   sing N N 107 
GLN CB  HB2  sing N N 108 
GLN CB  HB3  sing N N 109 
GLN CG  CD   sing N N 110 
GLN CG  HG2  sing N N 111 
GLN CG  HG3  sing N N 112 
GLN CD  OE1  doub N N 113 
GLN CD  NE2  sing N N 114 
GLN NE2 HE21 sing N N 115 
GLN NE2 HE22 sing N N 116 
GLN OXT HXT  sing N N 117 
GLU N   CA   sing N N 118 
GLU N   H    sing N N 119 
GLU N   H2   sing N N 120 
GLU CA  C    sing N N 121 
GLU CA  CB   sing N N 122 
GLU CA  HA   sing N N 123 
GLU C   O    doub N N 124 
GLU C   OXT  sing N N 125 
GLU CB  CG   sing N N 126 
GLU CB  HB2  sing N N 127 
GLU CB  HB3  sing N N 128 
GLU CG  CD   sing N N 129 
GLU CG  HG2  sing N N 130 
GLU CG  HG3  sing N N 131 
GLU CD  OE1  doub N N 132 
GLU CD  OE2  sing N N 133 
GLU OE2 HE2  sing N N 134 
GLU OXT HXT  sing N N 135 
GLY N   CA   sing N N 136 
GLY N   H    sing N N 137 
GLY N   H2   sing N N 138 
GLY CA  C    sing N N 139 
GLY CA  HA2  sing N N 140 
GLY CA  HA3  sing N N 141 
GLY C   O    doub N N 142 
GLY C   OXT  sing N N 143 
GLY OXT HXT  sing N N 144 
HIS N   CA   sing N N 145 
HIS N   H    sing N N 146 
HIS N   H2   sing N N 147 
HIS CA  C    sing N N 148 
HIS CA  CB   sing N N 149 
HIS CA  HA   sing N N 150 
HIS C   O    doub N N 151 
HIS C   OXT  sing N N 152 
HIS CB  CG   sing N N 153 
HIS CB  HB2  sing N N 154 
HIS CB  HB3  sing N N 155 
HIS CG  ND1  sing Y N 156 
HIS CG  CD2  doub Y N 157 
HIS ND1 CE1  doub Y N 158 
HIS ND1 HD1  sing N N 159 
HIS CD2 NE2  sing Y N 160 
HIS CD2 HD2  sing N N 161 
HIS CE1 NE2  sing Y N 162 
HIS CE1 HE1  sing N N 163 
HIS NE2 HE2  sing N N 164 
HIS OXT HXT  sing N N 165 
HOH O   H1   sing N N 166 
HOH O   H2   sing N N 167 
ILE N   CA   sing N N 168 
ILE N   H    sing N N 169 
ILE N   H2   sing N N 170 
ILE CA  C    sing N N 171 
ILE CA  CB   sing N N 172 
ILE CA  HA   sing N N 173 
ILE C   O    doub N N 174 
ILE C   OXT  sing N N 175 
ILE CB  CG1  sing N N 176 
ILE CB  CG2  sing N N 177 
ILE CB  HB   sing N N 178 
ILE CG1 CD1  sing N N 179 
ILE CG1 HG12 sing N N 180 
ILE CG1 HG13 sing N N 181 
ILE CG2 HG21 sing N N 182 
ILE CG2 HG22 sing N N 183 
ILE CG2 HG23 sing N N 184 
ILE CD1 HD11 sing N N 185 
ILE CD1 HD12 sing N N 186 
ILE CD1 HD13 sing N N 187 
ILE OXT HXT  sing N N 188 
LEU N   CA   sing N N 189 
LEU N   H    sing N N 190 
LEU N   H2   sing N N 191 
LEU CA  C    sing N N 192 
LEU CA  CB   sing N N 193 
LEU CA  HA   sing N N 194 
LEU C   O    doub N N 195 
LEU C   OXT  sing N N 196 
LEU CB  CG   sing N N 197 
LEU CB  HB2  sing N N 198 
LEU CB  HB3  sing N N 199 
LEU CG  CD1  sing N N 200 
LEU CG  CD2  sing N N 201 
LEU CG  HG   sing N N 202 
LEU CD1 HD11 sing N N 203 
LEU CD1 HD12 sing N N 204 
LEU CD1 HD13 sing N N 205 
LEU CD2 HD21 sing N N 206 
LEU CD2 HD22 sing N N 207 
LEU CD2 HD23 sing N N 208 
LEU OXT HXT  sing N N 209 
LYS N   CA   sing N N 210 
LYS N   H    sing N N 211 
LYS N   H2   sing N N 212 
LYS CA  C    sing N N 213 
LYS CA  CB   sing N N 214 
LYS CA  HA   sing N N 215 
LYS C   O    doub N N 216 
LYS C   OXT  sing N N 217 
LYS CB  CG   sing N N 218 
LYS CB  HB2  sing N N 219 
LYS CB  HB3  sing N N 220 
LYS CG  CD   sing N N 221 
LYS CG  HG2  sing N N 222 
LYS CG  HG3  sing N N 223 
LYS CD  CE   sing N N 224 
LYS CD  HD2  sing N N 225 
LYS CD  HD3  sing N N 226 
LYS CE  NZ   sing N N 227 
LYS CE  HE2  sing N N 228 
LYS CE  HE3  sing N N 229 
LYS NZ  HZ1  sing N N 230 
LYS NZ  HZ2  sing N N 231 
LYS NZ  HZ3  sing N N 232 
LYS OXT HXT  sing N N 233 
MET N   CA   sing N N 234 
MET N   H    sing N N 235 
MET N   H2   sing N N 236 
MET CA  C    sing N N 237 
MET CA  CB   sing N N 238 
MET CA  HA   sing N N 239 
MET C   O    doub N N 240 
MET C   OXT  sing N N 241 
MET CB  CG   sing N N 242 
MET CB  HB2  sing N N 243 
MET CB  HB3  sing N N 244 
MET CG  SD   sing N N 245 
MET CG  HG2  sing N N 246 
MET CG  HG3  sing N N 247 
MET SD  CE   sing N N 248 
MET CE  HE1  sing N N 249 
MET CE  HE2  sing N N 250 
MET CE  HE3  sing N N 251 
MET OXT HXT  sing N N 252 
PHE N   CA   sing N N 253 
PHE N   H    sing N N 254 
PHE N   H2   sing N N 255 
PHE CA  C    sing N N 256 
PHE CA  CB   sing N N 257 
PHE CA  HA   sing N N 258 
PHE C   O    doub N N 259 
PHE C   OXT  sing N N 260 
PHE CB  CG   sing N N 261 
PHE CB  HB2  sing N N 262 
PHE CB  HB3  sing N N 263 
PHE CG  CD1  doub Y N 264 
PHE CG  CD2  sing Y N 265 
PHE CD1 CE1  sing Y N 266 
PHE CD1 HD1  sing N N 267 
PHE CD2 CE2  doub Y N 268 
PHE CD2 HD2  sing N N 269 
PHE CE1 CZ   doub Y N 270 
PHE CE1 HE1  sing N N 271 
PHE CE2 CZ   sing Y N 272 
PHE CE2 HE2  sing N N 273 
PHE CZ  HZ   sing N N 274 
PHE OXT HXT  sing N N 275 
PRO N   CA   sing N N 276 
PRO N   CD   sing N N 277 
PRO N   H    sing N N 278 
PRO CA  C    sing N N 279 
PRO CA  CB   sing N N 280 
PRO CA  HA   sing N N 281 
PRO C   O    doub N N 282 
PRO C   OXT  sing N N 283 
PRO CB  CG   sing N N 284 
PRO CB  HB2  sing N N 285 
PRO CB  HB3  sing N N 286 
PRO CG  CD   sing N N 287 
PRO CG  HG2  sing N N 288 
PRO CG  HG3  sing N N 289 
PRO CD  HD2  sing N N 290 
PRO CD  HD3  sing N N 291 
PRO OXT HXT  sing N N 292 
SER N   CA   sing N N 293 
SER N   H    sing N N 294 
SER N   H2   sing N N 295 
SER CA  C    sing N N 296 
SER CA  CB   sing N N 297 
SER CA  HA   sing N N 298 
SER C   O    doub N N 299 
SER C   OXT  sing N N 300 
SER CB  OG   sing N N 301 
SER CB  HB2  sing N N 302 
SER CB  HB3  sing N N 303 
SER OG  HG   sing N N 304 
SER OXT HXT  sing N N 305 
THR N   CA   sing N N 306 
THR N   H    sing N N 307 
THR N   H2   sing N N 308 
THR CA  C    sing N N 309 
THR CA  CB   sing N N 310 
THR CA  HA   sing N N 311 
THR C   O    doub N N 312 
THR C   OXT  sing N N 313 
THR CB  OG1  sing N N 314 
THR CB  CG2  sing N N 315 
THR CB  HB   sing N N 316 
THR OG1 HG1  sing N N 317 
THR CG2 HG21 sing N N 318 
THR CG2 HG22 sing N N 319 
THR CG2 HG23 sing N N 320 
THR OXT HXT  sing N N 321 
TYR N   CA   sing N N 322 
TYR N   H    sing N N 323 
TYR N   H2   sing N N 324 
TYR CA  C    sing N N 325 
TYR CA  CB   sing N N 326 
TYR CA  HA   sing N N 327 
TYR C   O    doub N N 328 
TYR C   OXT  sing N N 329 
TYR CB  CG   sing N N 330 
TYR CB  HB2  sing N N 331 
TYR CB  HB3  sing N N 332 
TYR CG  CD1  doub Y N 333 
TYR CG  CD2  sing Y N 334 
TYR CD1 CE1  sing Y N 335 
TYR CD1 HD1  sing N N 336 
TYR CD2 CE2  doub Y N 337 
TYR CD2 HD2  sing N N 338 
TYR CE1 CZ   doub Y N 339 
TYR CE1 HE1  sing N N 340 
TYR CE2 CZ   sing Y N 341 
TYR CE2 HE2  sing N N 342 
TYR CZ  OH   sing N N 343 
TYR OH  HH   sing N N 344 
TYR OXT HXT  sing N N 345 
VAL N   CA   sing N N 346 
VAL N   H    sing N N 347 
VAL N   H2   sing N N 348 
VAL CA  C    sing N N 349 
VAL CA  CB   sing N N 350 
VAL CA  HA   sing N N 351 
VAL C   O    doub N N 352 
VAL C   OXT  sing N N 353 
VAL CB  CG1  sing N N 354 
VAL CB  CG2  sing N N 355 
VAL CB  HB   sing N N 356 
VAL CG1 HG11 sing N N 357 
VAL CG1 HG12 sing N N 358 
VAL CG1 HG13 sing N N 359 
VAL CG2 HG21 sing N N 360 
VAL CG2 HG22 sing N N 361 
VAL CG2 HG23 sing N N 362 
VAL OXT HXT  sing N N 363 
# 
loop_
_pdbx_entity_nonpoly.entity_id 
_pdbx_entity_nonpoly.name 
_pdbx_entity_nonpoly.comp_id 
2 1,3-DIPHENYLUREA BSU 
3 'SODIUM ION'     NA  
4 water            HOH 
# 
_pdbx_initial_refinement_model.id               1 
_pdbx_initial_refinement_model.entity_id_list   ? 
_pdbx_initial_refinement_model.type             'experimental model' 
_pdbx_initial_refinement_model.source_name      PDB 
_pdbx_initial_refinement_model.accession_code   2QIM 
_pdbx_initial_refinement_model.details          'PDB entry 2QIM' 
# 
